data_3FAA
#
_entry.id   3FAA
#
_cell.length_a   174.861
_cell.length_b   248.852
_cell.length_c   138.628
_cell.angle_alpha   90.000
_cell.angle_beta   90.000
_cell.angle_gamma   90.000
#
_symmetry.space_group_name_H-M   'C 2 2 21'
#
loop_
_entity.id
_entity.type
_entity.pdbx_description
1 polymer 'TGF-beta receptor type-1'
2 non-polymer N-[4-(5-fluoro-6-methylpyridin-2-yl)-5-quinoxalin-6-yl-1H-imidazol-2-yl]acetamide
3 non-polymer 'PHOSPHATE ION'
#
_entity_poly.entity_id   1
_entity_poly.type   'polypeptide(L)'
_entity_poly.pdbx_seq_one_letter_code
;EDPSLDRPFISEGTTLKDLIYDMTTSGSGSGLPLLVQRTIARTIVLQESIGKGRFGEVWRGKWRGEEVAVKIFSSREERS
WFREAEIYQTVMLRHENILGFIAADNKDNGTWTQLWLVSDYHEHGSLFDYLNRYTVTVEGMIKLALSTASGLAHLHMEIV
GTQGKPAIAHRDLKSKNILVKKNGTCCIADLGLAVRHDSATDTIDIAPNHRVGTKRYMAPEVLDDSINMKHFESFKRADI
YAMGLVFWEIARRCSIGGIHEDYQLPYYDLVPSDPSVEEMRKVVCEQKLRPNIPNRWQSCEALRVMAKIMRECWYANGAA
RLTALRIKKTLSQLSQQEGIKM
;
_entity_poly.pdbx_strand_id   A,B,C,D,E
#
loop_
_chem_comp.id
_chem_comp.type
_chem_comp.name
_chem_comp.formula
55F non-polymer N-[4-(5-fluoro-6-methylpyridin-2-yl)-5-quinoxalin-6-yl-1H-imidazol-2-yl]acetamide 'C19 H15 F N6 O'
PO4 non-polymer 'PHOSPHATE ION' 'O4 P -3'
#
# COMPACT_ATOMS: atom_id res chain seq x y z
N ILE A 10 12.26 23.40 -1.59
CA ILE A 10 12.90 23.64 -2.92
C ILE A 10 14.41 23.81 -2.74
N SER A 11 15.19 23.01 -3.46
CA SER A 11 16.64 23.04 -3.32
C SER A 11 17.39 24.10 -4.13
N GLU A 12 18.57 24.50 -3.65
CA GLU A 12 19.39 25.51 -4.32
C GLU A 12 19.59 25.16 -5.77
N GLY A 13 19.45 26.15 -6.64
CA GLY A 13 19.64 25.90 -8.05
C GLY A 13 18.44 25.39 -8.83
N THR A 14 17.38 24.96 -8.13
CA THR A 14 16.20 24.48 -8.83
C THR A 14 15.63 25.61 -9.66
N THR A 15 15.10 25.30 -10.84
CA THR A 15 14.51 26.32 -11.71
C THR A 15 13.04 25.99 -11.90
N LEU A 16 12.23 27.03 -12.11
CA LEU A 16 10.81 26.86 -12.31
C LEU A 16 10.55 25.78 -13.36
N LYS A 17 11.45 25.70 -14.34
CA LYS A 17 11.34 24.70 -15.41
C LYS A 17 11.40 23.31 -14.83
N ASP A 18 12.44 23.04 -14.06
CA ASP A 18 12.59 21.73 -13.42
C ASP A 18 11.35 21.37 -12.64
N LEU A 19 10.77 22.36 -11.96
CA LEU A 19 9.56 22.11 -11.17
C LEU A 19 8.47 21.57 -12.09
N ILE A 20 8.00 22.43 -12.98
CA ILE A 20 6.97 22.09 -13.95
C ILE A 20 7.26 20.76 -14.67
N TYR A 21 8.48 20.58 -15.17
CA TYR A 21 8.83 19.34 -15.85
C TYR A 21 8.58 18.22 -14.87
N ASP A 22 9.38 18.15 -13.81
CA ASP A 22 9.22 17.10 -12.81
C ASP A 22 7.75 16.84 -12.51
N MET A 23 6.93 17.89 -12.63
CA MET A 23 5.50 17.79 -12.38
C MET A 23 4.78 17.02 -13.47
N THR A 24 4.66 17.63 -14.66
CA THR A 24 3.97 16.97 -15.77
C THR A 24 4.34 15.49 -15.84
N THR A 25 5.64 15.21 -15.94
CA THR A 25 6.16 13.85 -16.02
C THR A 25 6.05 13.05 -14.73
N SER A 26 5.53 13.68 -13.67
CA SER A 26 5.38 13.01 -12.37
C SER A 26 4.20 12.03 -12.38
N GLY A 27 4.17 11.16 -11.37
CA GLY A 27 3.10 10.18 -11.25
C GLY A 27 1.74 10.66 -11.72
N SER A 28 1.07 11.45 -10.90
CA SER A 28 -0.24 11.96 -11.25
C SER A 28 -0.15 13.27 -12.03
N GLY A 29 -1.14 13.50 -12.91
CA GLY A 29 -1.14 14.71 -13.70
C GLY A 29 -1.77 15.84 -12.91
N SER A 30 -1.26 16.06 -11.69
CA SER A 30 -1.75 17.10 -10.80
C SER A 30 -0.72 18.20 -10.54
N GLY A 31 -1.19 19.31 -9.95
CA GLY A 31 -0.31 20.43 -9.64
C GLY A 31 0.84 20.06 -8.70
N LEU A 32 1.59 21.06 -8.28
CA LEU A 32 2.71 20.85 -7.38
C LEU A 32 2.23 20.68 -5.94
N PRO A 33 3.06 20.07 -5.10
CA PRO A 33 2.71 19.85 -3.70
C PRO A 33 2.45 21.18 -3.00
N LEU A 34 1.45 21.22 -2.12
CA LEU A 34 1.16 22.47 -1.42
C LEU A 34 2.42 23.13 -0.93
N LEU A 35 3.00 22.54 0.12
CA LEU A 35 4.20 23.08 0.71
C LEU A 35 5.12 23.74 -0.33
N VAL A 36 5.18 23.15 -1.52
CA VAL A 36 6.00 23.69 -2.60
C VAL A 36 5.36 24.93 -3.23
N GLN A 37 4.06 24.86 -3.49
CA GLN A 37 3.34 25.98 -4.06
C GLN A 37 3.51 27.16 -3.13
N ARG A 38 3.45 26.86 -1.84
CA ARG A 38 3.58 27.86 -0.80
C ARG A 38 4.96 28.48 -0.81
N THR A 39 5.98 27.63 -0.87
CA THR A 39 7.33 28.10 -0.88
C THR A 39 7.53 29.05 -2.05
N ILE A 40 6.95 28.70 -3.19
CA ILE A 40 7.04 29.53 -4.39
C ILE A 40 6.42 30.91 -4.19
N ALA A 41 5.09 30.93 -3.96
CA ALA A 41 4.37 32.17 -3.73
C ALA A 41 5.10 33.12 -2.77
N ARG A 42 5.53 32.57 -1.64
CA ARG A 42 6.21 33.35 -0.63
C ARG A 42 7.65 33.74 -0.88
N THR A 43 8.20 33.34 -2.02
CA THR A 43 9.56 33.72 -2.33
C THR A 43 9.61 34.43 -3.67
N ILE A 44 8.44 34.68 -4.25
CA ILE A 44 8.32 35.40 -5.52
C ILE A 44 8.75 36.84 -5.27
N VAL A 45 9.27 37.49 -6.31
CA VAL A 45 9.69 38.88 -6.16
C VAL A 45 8.85 39.76 -7.06
N LEU A 46 7.79 40.32 -6.49
CA LEU A 46 6.91 41.17 -7.27
C LEU A 46 7.72 42.26 -7.97
N GLN A 47 7.39 42.49 -9.24
CA GLN A 47 8.05 43.51 -10.02
C GLN A 47 7.18 44.75 -9.94
N GLU A 48 6.15 44.79 -10.75
CA GLU A 48 5.24 45.93 -10.73
C GLU A 48 3.87 45.58 -11.30
N SER A 49 2.82 46.14 -10.70
CA SER A 49 1.46 45.88 -11.17
C SER A 49 1.29 45.94 -12.69
N ILE A 50 0.52 45.03 -13.26
CA ILE A 50 0.29 45.07 -14.71
C ILE A 50 -1.14 44.80 -15.08
N GLY A 51 -2.07 45.30 -14.28
CA GLY A 51 -3.47 45.11 -14.56
C GLY A 51 -4.29 44.97 -13.28
N LYS A 52 -5.43 45.64 -13.23
CA LYS A 52 -6.30 45.59 -12.06
C LYS A 52 -7.72 45.21 -12.40
N GLY A 53 -8.53 45.01 -11.37
CA GLY A 53 -9.92 44.64 -11.58
C GLY A 53 -10.67 44.54 -10.26
N ARG A 54 -11.89 44.00 -10.29
CA ARG A 54 -12.68 43.84 -9.08
C ARG A 54 -12.21 42.59 -8.37
N PHE A 55 -11.83 41.60 -9.17
CA PHE A 55 -11.32 40.32 -8.69
C PHE A 55 -10.10 40.63 -7.85
N GLY A 56 -9.59 41.83 -8.02
CA GLY A 56 -8.42 42.21 -7.28
C GLY A 56 -7.43 42.93 -8.16
N GLU A 57 -6.33 42.26 -8.49
CA GLU A 57 -5.31 42.92 -9.28
C GLU A 57 -4.22 41.93 -9.62
N VAL A 58 -3.66 42.01 -10.81
CA VAL A 58 -2.62 41.09 -11.19
C VAL A 58 -1.30 41.80 -11.39
N TRP A 59 -0.23 41.21 -10.87
CA TRP A 59 1.10 41.77 -10.98
C TRP A 59 1.98 40.87 -11.81
N ARG A 60 3.19 41.33 -12.06
CA ARG A 60 4.17 40.57 -12.81
C ARG A 60 5.28 40.36 -11.81
N GLY A 61 5.84 39.16 -11.77
CA GLY A 61 6.90 38.93 -10.81
C GLY A 61 7.88 37.89 -11.27
N LYS A 62 9.02 37.82 -10.61
CA LYS A 62 10.03 36.84 -10.96
C LYS A 62 10.22 35.83 -9.82
N TRP A 63 10.44 34.57 -10.17
CA TRP A 63 10.69 33.56 -9.15
C TRP A 63 12.06 33.05 -9.48
N ARG A 64 13.04 33.43 -8.67
CA ARG A 64 14.40 33.02 -8.96
C ARG A 64 14.70 33.34 -10.42
N GLY A 65 14.48 34.59 -10.78
CA GLY A 65 14.75 35.05 -12.13
C GLY A 65 13.71 34.83 -13.21
N GLU A 66 12.96 33.74 -13.13
CA GLU A 66 11.94 33.40 -14.13
C GLU A 66 10.67 34.22 -13.93
N GLU A 67 10.25 34.96 -14.96
CA GLU A 67 9.05 35.78 -14.85
C GLU A 67 7.86 34.91 -14.51
N VAL A 68 6.79 35.53 -14.06
CA VAL A 68 5.63 34.77 -13.64
C VAL A 68 4.43 35.72 -13.45
N ALA A 69 3.22 35.20 -13.48
CA ALA A 69 2.07 36.08 -13.30
C ALA A 69 1.48 35.88 -11.92
N VAL A 70 1.23 36.98 -11.20
CA VAL A 70 0.66 36.85 -9.88
C VAL A 70 -0.63 37.63 -9.71
N LYS A 71 -1.74 36.91 -9.72
CA LYS A 71 -3.04 37.52 -9.53
C LYS A 71 -3.30 37.61 -8.03
N ILE A 72 -3.36 38.83 -7.52
CA ILE A 72 -3.58 39.05 -6.09
C ILE A 72 -4.98 39.54 -5.72
N PHE A 73 -5.82 38.64 -5.20
CA PHE A 73 -7.18 39.00 -4.83
C PHE A 73 -7.29 39.85 -3.57
N SER A 74 -8.46 40.42 -3.36
CA SER A 74 -8.72 41.22 -2.17
C SER A 74 -9.54 40.32 -1.26
N SER A 75 -9.13 40.24 0.01
CA SER A 75 -9.82 39.36 0.97
C SER A 75 -11.31 39.29 0.77
N ARG A 76 -11.91 40.41 0.41
CA ARG A 76 -13.34 40.46 0.22
C ARG A 76 -13.77 39.51 -0.90
N GLU A 77 -12.88 39.30 -1.85
CA GLU A 77 -13.13 38.45 -3.01
C GLU A 77 -12.42 37.09 -2.82
N GLU A 78 -12.64 36.45 -1.68
CA GLU A 78 -11.96 35.21 -1.40
C GLU A 78 -12.52 34.03 -2.17
N ARG A 79 -13.83 33.96 -2.34
CA ARG A 79 -14.39 32.84 -3.08
C ARG A 79 -13.95 32.79 -4.53
N SER A 80 -13.78 33.96 -5.13
CA SER A 80 -13.35 34.03 -6.52
C SER A 80 -11.97 33.34 -6.59
N TRP A 81 -11.17 33.55 -5.54
CA TRP A 81 -9.85 32.97 -5.43
C TRP A 81 -9.93 31.47 -5.30
N PHE A 82 -10.76 30.99 -4.38
CA PHE A 82 -10.93 29.57 -4.19
C PHE A 82 -11.32 28.82 -5.46
N ARG A 83 -12.41 29.24 -6.11
CA ARG A 83 -12.86 28.57 -7.32
C ARG A 83 -11.77 28.37 -8.33
N GLU A 84 -11.06 29.43 -8.68
CA GLU A 84 -9.99 29.26 -9.64
C GLU A 84 -9.00 28.22 -9.14
N ALA A 85 -8.59 28.36 -7.89
CA ALA A 85 -7.64 27.44 -7.30
C ALA A 85 -8.18 26.02 -7.39
N GLU A 86 -9.47 25.87 -7.14
CA GLU A 86 -10.13 24.57 -7.19
C GLU A 86 -10.06 23.99 -8.59
N ILE A 87 -10.48 24.79 -9.57
CA ILE A 87 -10.51 24.40 -10.98
C ILE A 87 -9.15 24.17 -11.66
N TYR A 88 -8.29 25.19 -11.68
CA TYR A 88 -6.99 25.02 -12.32
C TYR A 88 -6.26 23.80 -11.78
N GLN A 89 -6.78 23.17 -10.75
CA GLN A 89 -6.11 22.00 -10.21
C GLN A 89 -6.91 20.73 -10.41
N THR A 90 -7.99 20.83 -11.19
CA THR A 90 -8.81 19.65 -11.43
C THR A 90 -8.07 18.54 -12.13
N VAL A 91 -8.05 17.40 -11.46
CA VAL A 91 -7.45 16.14 -11.89
C VAL A 91 -6.51 16.09 -13.10
N MET A 92 -6.93 16.55 -14.27
CA MET A 92 -6.03 16.53 -15.43
C MET A 92 -6.35 17.54 -16.52
N LEU A 93 -6.65 18.76 -16.11
CA LEU A 93 -6.92 19.84 -17.05
C LEU A 93 -5.59 20.55 -17.20
N ARG A 94 -4.98 20.48 -18.36
CA ARG A 94 -3.69 21.15 -18.51
C ARG A 94 -3.29 21.21 -19.96
N HIS A 95 -4.24 21.64 -20.78
CA HIS A 95 -4.04 21.75 -22.22
C HIS A 95 -3.00 22.81 -22.53
N GLU A 96 -2.55 22.83 -23.77
CA GLU A 96 -1.55 23.81 -24.20
C GLU A 96 -2.24 25.15 -24.37
N ASN A 97 -3.55 25.16 -24.39
CA ASN A 97 -4.29 26.39 -24.56
C ASN A 97 -5.05 26.81 -23.31
N ILE A 98 -4.61 26.30 -22.17
CA ILE A 98 -5.23 26.65 -20.92
C ILE A 98 -4.17 27.03 -19.88
N LEU A 99 -4.12 28.35 -19.64
CA LEU A 99 -3.21 29.03 -18.73
C LEU A 99 -2.54 28.17 -17.68
N GLY A 100 -1.24 27.98 -17.83
CA GLY A 100 -0.47 27.16 -16.92
C GLY A 100 -0.50 27.62 -15.47
N PHE A 101 -1.25 26.89 -14.65
CA PHE A 101 -1.37 27.21 -13.24
C PHE A 101 -0.15 26.72 -12.48
N ILE A 102 0.47 27.58 -11.69
CA ILE A 102 1.63 27.21 -10.91
C ILE A 102 1.36 26.98 -9.42
N ALA A 103 0.69 27.94 -8.76
CA ALA A 103 0.41 27.80 -7.34
C ALA A 103 -0.67 28.73 -6.81
N ALA A 104 -1.16 28.43 -5.61
CA ALA A 104 -2.17 29.25 -4.94
C ALA A 104 -1.77 29.32 -3.47
N ASP A 105 -1.86 30.50 -2.85
CA ASP A 105 -1.48 30.62 -1.45
C ASP A 105 -2.33 31.63 -0.70
N ASN A 106 -2.19 31.66 0.62
CA ASN A 106 -2.91 32.58 1.51
C ASN A 106 -1.96 33.11 2.62
N LYS A 107 -2.26 34.26 3.23
CA LYS A 107 -1.32 34.77 4.23
C LYS A 107 -1.71 35.39 5.58
N ASP A 108 -2.64 36.34 5.66
CA ASP A 108 -2.94 36.93 6.97
C ASP A 108 -4.12 36.35 7.73
N ASN A 109 -4.81 37.24 8.45
CA ASN A 109 -5.98 36.89 9.22
C ASN A 109 -7.03 37.93 8.89
N GLY A 110 -8.26 37.69 9.32
CA GLY A 110 -9.33 38.62 9.09
C GLY A 110 -9.25 39.54 7.88
N THR A 111 -9.70 40.77 8.10
CA THR A 111 -9.75 41.79 7.07
C THR A 111 -8.59 41.91 6.09
N TRP A 112 -7.40 41.50 6.51
CA TRP A 112 -6.22 41.63 5.65
C TRP A 112 -5.68 40.37 4.99
N THR A 113 -6.44 39.29 5.03
CA THR A 113 -5.99 38.04 4.46
C THR A 113 -5.58 38.25 3.02
N GLN A 114 -4.40 37.75 2.66
CA GLN A 114 -3.91 37.91 1.31
C GLN A 114 -4.02 36.60 0.54
N LEU A 115 -4.73 36.65 -0.60
CA LEU A 115 -4.92 35.47 -1.44
C LEU A 115 -4.27 35.63 -2.80
N TRP A 116 -3.39 34.70 -3.14
CA TRP A 116 -2.68 34.73 -4.41
C TRP A 116 -2.89 33.49 -5.23
N LEU A 117 -2.69 33.65 -6.54
CA LEU A 117 -2.76 32.58 -7.54
C LEU A 117 -1.56 32.90 -8.43
N VAL A 118 -0.65 31.95 -8.63
CA VAL A 118 0.52 32.23 -9.48
C VAL A 118 0.50 31.39 -10.74
N SER A 119 0.55 32.02 -11.90
CA SER A 119 0.54 31.27 -13.16
C SER A 119 1.80 31.49 -13.99
N ASP A 120 1.66 31.38 -15.30
CA ASP A 120 2.76 31.60 -16.21
C ASP A 120 2.55 32.98 -16.84
N TYR A 121 3.64 33.62 -17.21
CA TYR A 121 3.63 34.98 -17.77
C TYR A 121 3.75 35.03 -19.30
N HIS A 122 2.82 35.73 -19.94
CA HIS A 122 2.81 35.85 -21.38
C HIS A 122 2.91 37.33 -21.73
N GLU A 123 4.12 37.79 -22.03
CA GLU A 123 4.36 39.19 -22.37
C GLU A 123 3.19 39.87 -23.08
N HIS A 124 2.76 39.28 -24.20
CA HIS A 124 1.70 39.85 -25.01
C HIS A 124 0.44 40.32 -24.31
N GLY A 125 0.02 39.62 -23.26
CA GLY A 125 -1.19 40.04 -22.55
C GLY A 125 -2.45 39.45 -23.14
N SER A 126 -3.57 40.10 -22.83
CA SER A 126 -4.87 39.64 -23.30
C SER A 126 -5.11 40.01 -24.74
N LEU A 127 -6.06 39.32 -25.36
CA LEU A 127 -6.42 39.59 -26.74
C LEU A 127 -6.85 41.05 -26.81
N PHE A 128 -7.79 41.44 -25.96
CA PHE A 128 -8.31 42.81 -25.93
C PHE A 128 -7.22 43.87 -25.90
N ASP A 129 -5.98 43.46 -25.69
CA ASP A 129 -4.87 44.39 -25.66
C ASP A 129 -4.03 44.19 -26.91
N TYR A 130 -3.91 42.92 -27.30
CA TYR A 130 -3.15 42.54 -28.49
C TYR A 130 -3.90 42.98 -29.74
N LEU A 131 -5.23 42.88 -29.70
CA LEU A 131 -6.07 43.26 -30.82
C LEU A 131 -6.14 44.77 -30.95
N ASN A 132 -5.60 45.48 -29.97
CA ASN A 132 -5.60 46.92 -30.03
C ASN A 132 -4.22 47.41 -30.42
N ARG A 133 -3.19 46.68 -29.98
CA ARG A 133 -1.83 47.06 -30.29
C ARG A 133 -1.37 46.61 -31.67
N TYR A 134 -1.96 45.53 -32.19
CA TYR A 134 -1.55 45.05 -33.51
C TYR A 134 -2.69 44.68 -34.45
N THR A 135 -2.32 44.22 -35.63
CA THR A 135 -3.27 43.82 -36.66
C THR A 135 -2.79 42.50 -37.27
N VAL A 136 -3.33 41.41 -36.75
CA VAL A 136 -2.97 40.07 -37.18
C VAL A 136 -3.05 39.82 -38.68
N THR A 137 -2.42 38.72 -39.08
CA THR A 137 -2.38 38.26 -40.47
C THR A 137 -3.57 37.34 -40.67
N VAL A 138 -3.99 37.15 -41.92
CA VAL A 138 -5.10 36.26 -42.20
C VAL A 138 -4.68 34.86 -41.77
N GLU A 139 -3.37 34.63 -41.80
CA GLU A 139 -2.76 33.37 -41.39
C GLU A 139 -2.81 33.26 -39.87
N GLY A 140 -2.43 34.35 -39.20
CA GLY A 140 -2.44 34.38 -37.75
C GLY A 140 -3.85 34.25 -37.22
N MET A 141 -4.78 34.98 -37.83
CA MET A 141 -6.18 34.95 -37.42
C MET A 141 -6.63 33.51 -37.14
N ILE A 142 -6.08 32.56 -37.90
CA ILE A 142 -6.44 31.16 -37.72
C ILE A 142 -5.80 30.56 -36.46
N LYS A 143 -4.49 30.72 -36.30
CA LYS A 143 -3.82 30.21 -35.11
C LYS A 143 -4.55 30.71 -33.87
N LEU A 144 -4.79 32.01 -33.82
CA LEU A 144 -5.47 32.60 -32.69
C LEU A 144 -6.88 32.02 -32.51
N ALA A 145 -7.67 31.97 -33.58
CA ALA A 145 -9.03 31.45 -33.47
C ALA A 145 -9.11 29.93 -33.30
N LEU A 146 -8.15 29.21 -33.85
CA LEU A 146 -8.12 27.74 -33.74
C LEU A 146 -7.78 27.33 -32.32
N SER A 147 -6.73 27.95 -31.77
CA SER A 147 -6.29 27.66 -30.41
C SER A 147 -7.39 27.92 -29.40
N THR A 148 -8.01 29.08 -29.47
CA THR A 148 -9.10 29.39 -28.55
C THR A 148 -10.06 28.21 -28.59
N ALA A 149 -10.38 27.77 -29.81
CA ALA A 149 -11.28 26.65 -30.03
C ALA A 149 -10.72 25.34 -29.51
N SER A 150 -9.42 25.12 -29.72
CA SER A 150 -8.79 23.89 -29.23
C SER A 150 -8.91 23.91 -27.71
N GLY A 151 -8.95 25.12 -27.16
CA GLY A 151 -9.06 25.28 -25.72
C GLY A 151 -10.44 25.01 -25.19
N LEU A 152 -11.42 25.79 -25.62
CA LEU A 152 -12.80 25.64 -25.16
C LEU A 152 -13.30 24.23 -25.39
N ALA A 153 -12.61 23.52 -26.27
CA ALA A 153 -12.96 22.15 -26.56
C ALA A 153 -12.49 21.35 -25.37
N HIS A 154 -11.17 21.34 -25.17
CA HIS A 154 -10.55 20.63 -24.07
C HIS A 154 -11.20 20.94 -22.72
N LEU A 155 -11.80 22.13 -22.59
CA LEU A 155 -12.46 22.49 -21.34
C LEU A 155 -13.82 21.83 -21.19
N HIS A 156 -14.50 21.61 -22.31
CA HIS A 156 -15.82 20.94 -22.28
C HIS A 156 -15.62 19.44 -22.44
N MET A 157 -14.45 19.06 -22.92
CA MET A 157 -14.10 17.66 -23.14
C MET A 157 -14.23 16.82 -21.88
N GLU A 158 -15.41 16.20 -21.73
CA GLU A 158 -15.70 15.36 -20.58
C GLU A 158 -15.08 13.96 -20.67
N ILE A 159 -13.93 13.78 -20.03
CA ILE A 159 -13.27 12.48 -20.02
C ILE A 159 -13.89 11.69 -18.86
N VAL A 160 -13.63 10.39 -18.77
CA VAL A 160 -14.20 9.58 -17.69
C VAL A 160 -13.37 8.34 -17.36
N GLY A 161 -13.24 8.06 -16.06
CA GLY A 161 -12.48 6.89 -15.63
C GLY A 161 -11.59 7.09 -14.40
N THR A 162 -10.29 6.87 -14.59
CA THR A 162 -9.29 7.02 -13.53
C THR A 162 -9.38 8.38 -12.84
N GLN A 163 -9.18 9.43 -13.63
CA GLN A 163 -9.26 10.80 -13.15
C GLN A 163 -9.78 11.67 -14.30
N GLY A 164 -10.87 11.22 -14.91
CA GLY A 164 -11.46 11.95 -16.01
C GLY A 164 -11.87 13.36 -15.64
N LYS A 165 -11.22 14.34 -16.28
CA LYS A 165 -11.56 15.73 -16.01
C LYS A 165 -13.01 15.96 -16.35
N PRO A 166 -13.83 16.31 -15.36
CA PRO A 166 -15.25 16.55 -15.65
C PRO A 166 -15.36 17.67 -16.67
N ALA A 167 -16.46 17.72 -17.40
CA ALA A 167 -16.63 18.77 -18.38
C ALA A 167 -16.75 20.10 -17.62
N ILE A 168 -16.07 21.12 -18.12
CA ILE A 168 -16.12 22.43 -17.48
C ILE A 168 -16.64 23.48 -18.45
N ALA A 169 -17.25 24.53 -17.91
CA ALA A 169 -17.77 25.60 -18.75
C ALA A 169 -17.23 26.94 -18.27
N HIS A 170 -16.38 27.55 -19.08
CA HIS A 170 -15.78 28.83 -18.73
C HIS A 170 -16.73 29.88 -18.16
N ARG A 171 -18.00 29.78 -18.54
CA ARG A 171 -19.02 30.70 -18.05
C ARG A 171 -18.72 32.19 -18.19
N ASP A 172 -17.68 32.53 -18.95
CA ASP A 172 -17.36 33.93 -19.17
C ASP A 172 -16.20 34.12 -20.13
N LEU A 173 -16.31 33.51 -21.30
CA LEU A 173 -15.27 33.61 -22.30
C LEU A 173 -15.35 34.96 -23.00
N LYS A 174 -14.24 35.68 -23.06
CA LYS A 174 -14.20 36.98 -23.72
C LYS A 174 -12.79 37.42 -24.10
N SER A 175 -12.73 38.41 -24.97
CA SER A 175 -11.49 38.97 -25.50
C SER A 175 -10.43 39.35 -24.48
N LYS A 176 -10.86 39.52 -23.22
CA LYS A 176 -9.94 39.91 -22.15
C LYS A 176 -9.40 38.73 -21.35
N ASN A 177 -10.18 37.66 -21.29
CA ASN A 177 -9.77 36.49 -20.54
C ASN A 177 -9.03 35.49 -21.40
N ILE A 178 -8.58 35.94 -22.55
CA ILE A 178 -7.84 35.07 -23.46
C ILE A 178 -6.45 35.68 -23.57
N LEU A 179 -5.43 34.88 -23.33
CA LEU A 179 -4.05 35.38 -23.40
C LEU A 179 -3.39 34.80 -24.60
N VAL A 180 -2.49 35.57 -25.20
CA VAL A 180 -1.79 35.11 -26.39
C VAL A 180 -0.30 34.94 -26.08
N LYS A 181 0.26 33.79 -26.48
CA LYS A 181 1.67 33.47 -26.24
C LYS A 181 2.63 34.20 -27.21
N LYS A 182 3.88 33.75 -27.24
CA LYS A 182 4.88 34.34 -28.13
C LYS A 182 4.62 33.92 -29.57
N ASN A 183 4.31 32.65 -29.76
CA ASN A 183 4.04 32.10 -31.08
C ASN A 183 2.60 32.31 -31.54
N GLY A 184 2.01 33.41 -31.12
CA GLY A 184 0.63 33.69 -31.51
C GLY A 184 -0.34 32.56 -31.24
N THR A 185 -0.28 31.97 -30.05
CA THR A 185 -1.19 30.89 -29.67
C THR A 185 -1.96 31.39 -28.45
N CYS A 186 -3.27 31.51 -28.56
CA CYS A 186 -4.05 31.97 -27.43
C CYS A 186 -4.21 30.85 -26.43
N CYS A 187 -4.74 31.18 -25.26
CA CYS A 187 -5.00 30.19 -24.22
C CYS A 187 -6.04 30.77 -23.30
N ILE A 188 -6.98 29.92 -22.91
CA ILE A 188 -8.05 30.34 -22.03
C ILE A 188 -7.48 30.70 -20.68
N ALA A 189 -8.21 31.52 -19.94
CA ALA A 189 -7.75 31.94 -18.63
C ALA A 189 -8.88 32.57 -17.84
N ASP A 190 -8.68 32.67 -16.53
CA ASP A 190 -9.68 33.29 -15.69
C ASP A 190 -10.89 32.37 -15.49
N LEU A 191 -10.64 31.15 -15.03
CA LEU A 191 -11.69 30.17 -14.81
C LEU A 191 -12.47 30.37 -13.52
N GLY A 192 -12.47 31.58 -13.01
CA GLY A 192 -13.17 31.86 -11.76
C GLY A 192 -14.64 31.52 -11.70
N LEU A 193 -15.41 31.98 -12.68
CA LEU A 193 -16.83 31.72 -12.69
C LEU A 193 -17.18 30.36 -13.25
N ALA A 194 -16.16 29.63 -13.71
CA ALA A 194 -16.36 28.31 -14.28
C ALA A 194 -17.05 27.31 -13.36
N VAL A 195 -17.74 26.33 -13.96
CA VAL A 195 -18.44 25.28 -13.24
C VAL A 195 -18.08 23.92 -13.76
N ARG A 196 -18.09 22.92 -12.88
CA ARG A 196 -17.76 21.54 -13.22
C ARG A 196 -19.00 20.66 -13.34
N HIS A 197 -18.83 19.52 -13.99
CA HIS A 197 -19.93 18.58 -14.18
C HIS A 197 -19.47 17.13 -14.05
N ASP A 198 -19.85 16.49 -12.95
CA ASP A 198 -19.47 15.09 -12.74
C ASP A 198 -20.43 14.18 -13.50
N SER A 199 -19.86 13.31 -14.33
CA SER A 199 -20.65 12.40 -15.14
C SER A 199 -21.07 11.11 -14.44
N ALA A 200 -20.40 10.76 -13.34
CA ALA A 200 -20.72 9.52 -12.62
C ALA A 200 -21.84 9.66 -11.59
N THR A 201 -22.30 10.89 -11.38
CA THR A 201 -23.40 11.14 -10.43
C THR A 201 -24.23 12.31 -10.95
N ASP A 202 -23.98 12.71 -12.19
CA ASP A 202 -24.70 13.81 -12.82
C ASP A 202 -24.89 14.98 -11.84
N THR A 203 -23.83 15.75 -11.62
CA THR A 203 -23.90 16.87 -10.70
C THR A 203 -23.27 18.14 -11.28
N ILE A 204 -23.46 19.24 -10.57
CA ILE A 204 -22.92 20.55 -10.97
C ILE A 204 -22.64 21.35 -9.69
N ASP A 205 -21.37 21.55 -9.36
CA ASP A 205 -21.01 22.31 -8.15
C ASP A 205 -21.32 23.81 -8.18
N ILE A 206 -22.16 24.21 -9.13
CA ILE A 206 -22.59 25.60 -9.34
C ILE A 206 -21.71 26.65 -8.67
N ASN A 209 -24.89 31.22 -8.37
CA ASN A 209 -25.69 30.25 -9.13
C ASN A 209 -26.83 31.00 -9.83
N HIS A 210 -26.55 32.25 -10.20
CA HIS A 210 -27.52 33.10 -10.86
C HIS A 210 -26.96 33.58 -12.20
N ARG A 211 -27.23 34.84 -12.54
CA ARG A 211 -26.74 35.41 -13.79
C ARG A 211 -25.33 35.99 -13.63
N VAL A 212 -24.33 35.28 -14.13
CA VAL A 212 -22.95 35.74 -14.00
C VAL A 212 -22.33 36.17 -15.32
N GLY A 213 -21.02 36.41 -15.28
CA GLY A 213 -20.30 36.82 -16.47
C GLY A 213 -20.43 38.27 -16.86
N THR A 214 -19.64 38.67 -17.86
CA THR A 214 -19.61 40.02 -18.38
C THR A 214 -20.90 40.40 -19.11
N LYS A 215 -21.57 41.44 -18.63
CA LYS A 215 -22.82 41.95 -19.18
C LYS A 215 -22.86 42.08 -20.70
N ARG A 216 -21.74 41.87 -21.38
CA ARG A 216 -21.71 42.01 -22.83
C ARG A 216 -21.82 40.67 -23.53
N TYR A 217 -20.75 39.89 -23.50
CA TYR A 217 -20.73 38.61 -24.17
C TYR A 217 -21.76 37.63 -23.62
N MET A 218 -22.75 38.16 -22.93
CA MET A 218 -23.79 37.31 -22.39
C MET A 218 -24.62 36.77 -23.53
N ALA A 219 -24.85 35.46 -23.51
CA ALA A 219 -25.66 34.82 -24.55
C ALA A 219 -27.13 35.15 -24.30
N PRO A 220 -27.95 35.10 -25.36
CA PRO A 220 -29.38 35.39 -25.27
C PRO A 220 -30.13 34.57 -24.21
N GLU A 221 -29.80 33.28 -24.08
CA GLU A 221 -30.46 32.43 -23.09
C GLU A 221 -30.51 33.11 -21.74
N VAL A 222 -29.34 33.60 -21.29
CA VAL A 222 -29.19 34.26 -20.01
C VAL A 222 -29.82 35.66 -19.97
N LEU A 223 -29.54 36.47 -20.99
CA LEU A 223 -30.08 37.83 -21.05
C LEU A 223 -31.56 37.92 -20.73
N ASP A 224 -32.40 37.15 -21.42
CA ASP A 224 -33.85 37.17 -21.12
C ASP A 224 -34.24 36.06 -20.14
N ASP A 225 -33.25 35.60 -19.38
CA ASP A 225 -33.41 34.59 -18.33
C ASP A 225 -34.00 33.23 -18.70
N SER A 226 -34.57 33.09 -19.89
CA SER A 226 -35.17 31.83 -20.30
C SER A 226 -34.21 30.66 -20.48
N ILE A 227 -33.20 30.55 -19.62
CA ILE A 227 -32.24 29.46 -19.74
C ILE A 227 -32.42 28.38 -18.66
N ASN A 228 -32.16 27.14 -19.04
CA ASN A 228 -32.29 26.01 -18.14
C ASN A 228 -30.93 25.56 -17.61
N MET A 229 -30.69 25.77 -16.32
CA MET A 229 -29.42 25.41 -15.71
C MET A 229 -29.40 23.97 -15.21
N LYS A 230 -30.53 23.27 -15.31
CA LYS A 230 -30.59 21.89 -14.86
C LYS A 230 -29.70 21.00 -15.72
N HIS A 231 -29.73 21.23 -17.03
CA HIS A 231 -28.91 20.42 -17.93
C HIS A 231 -27.61 21.19 -18.21
N PHE A 232 -26.49 20.54 -17.93
CA PHE A 232 -25.17 21.11 -18.11
C PHE A 232 -24.83 21.50 -19.55
N GLU A 233 -25.83 21.81 -20.35
CA GLU A 233 -25.57 22.20 -21.73
C GLU A 233 -25.77 23.69 -21.90
N SER A 234 -26.76 24.22 -21.21
CA SER A 234 -27.05 25.65 -21.28
C SER A 234 -25.76 26.40 -21.02
N PHE A 235 -24.86 25.74 -20.30
CA PHE A 235 -23.58 26.32 -19.96
C PHE A 235 -22.65 26.14 -21.15
N LYS A 236 -22.39 24.89 -21.54
CA LYS A 236 -21.52 24.62 -22.68
C LYS A 236 -21.91 25.50 -23.87
N ARG A 237 -23.22 25.59 -24.10
CA ARG A 237 -23.79 26.37 -25.20
C ARG A 237 -23.34 27.81 -25.18
N ALA A 238 -23.67 28.53 -24.11
CA ALA A 238 -23.32 29.93 -23.97
C ALA A 238 -21.82 30.16 -24.19
N ASP A 239 -21.01 29.15 -23.89
CA ASP A 239 -19.58 29.29 -24.08
C ASP A 239 -19.30 29.62 -25.54
N ILE A 240 -19.95 28.88 -26.44
CA ILE A 240 -19.78 29.07 -27.88
C ILE A 240 -20.17 30.44 -28.42
N TYR A 241 -21.41 30.85 -28.17
CA TYR A 241 -21.88 32.15 -28.63
C TYR A 241 -20.84 33.20 -28.32
N ALA A 242 -20.45 33.26 -27.05
CA ALA A 242 -19.46 34.21 -26.58
C ALA A 242 -18.16 34.01 -27.38
N MET A 243 -17.69 32.78 -27.49
CA MET A 243 -16.49 32.52 -28.26
C MET A 243 -16.70 32.96 -29.70
N GLY A 244 -17.97 33.11 -30.07
CA GLY A 244 -18.30 33.55 -31.41
C GLY A 244 -17.99 35.02 -31.53
N LEU A 245 -18.54 35.80 -30.60
CA LEU A 245 -18.32 37.24 -30.56
C LEU A 245 -16.83 37.51 -30.63
N VAL A 246 -16.06 36.70 -29.92
CA VAL A 246 -14.62 36.84 -29.89
C VAL A 246 -13.99 36.68 -31.27
N PHE A 247 -14.54 35.76 -32.06
CA PHE A 247 -14.02 35.55 -33.40
C PHE A 247 -14.21 36.82 -34.23
N TRP A 248 -15.39 37.43 -34.08
CA TRP A 248 -15.71 38.67 -34.79
C TRP A 248 -14.59 39.69 -34.64
N GLU A 249 -14.22 39.97 -33.40
CA GLU A 249 -13.17 40.93 -33.09
C GLU A 249 -11.85 40.58 -33.79
N ILE A 250 -11.48 39.31 -33.73
CA ILE A 250 -10.24 38.85 -34.32
C ILE A 250 -10.12 39.23 -35.79
N ALA A 251 -11.09 38.82 -36.59
CA ALA A 251 -11.08 39.12 -38.02
C ALA A 251 -11.37 40.59 -38.29
N ARG A 252 -12.24 41.17 -37.49
CA ARG A 252 -12.63 42.57 -37.62
C ARG A 252 -11.41 43.47 -37.47
N ARG A 253 -10.28 42.83 -37.19
CA ARG A 253 -9.01 43.53 -36.99
C ARG A 253 -7.93 42.86 -37.83
N CYS A 254 -8.37 42.00 -38.74
CA CYS A 254 -7.46 41.28 -39.63
C CYS A 254 -7.14 42.15 -40.85
N SER A 255 -5.92 42.04 -41.36
CA SER A 255 -5.49 42.82 -42.51
C SER A 255 -5.51 42.02 -43.82
N ILE A 256 -5.95 42.67 -44.88
CA ILE A 256 -6.01 42.06 -46.20
C ILE A 256 -5.72 43.11 -47.26
N GLY A 257 -4.48 43.58 -47.29
CA GLY A 257 -4.09 44.57 -48.28
C GLY A 257 -4.34 46.02 -47.93
N GLY A 258 -4.57 46.32 -46.66
CA GLY A 258 -4.81 47.70 -46.28
C GLY A 258 -6.04 47.95 -45.45
N ILE A 259 -7.07 47.14 -45.66
CA ILE A 259 -8.31 47.28 -44.91
C ILE A 259 -8.38 46.39 -43.67
N HIS A 260 -8.42 47.03 -42.50
CA HIS A 260 -8.48 46.34 -41.22
C HIS A 260 -9.19 47.23 -40.20
N GLU A 261 -10.50 47.33 -40.33
CA GLU A 261 -11.34 48.14 -39.46
C GLU A 261 -10.91 48.15 -37.99
N ASP A 262 -10.86 49.34 -37.40
CA ASP A 262 -10.46 49.55 -36.00
C ASP A 262 -11.08 48.54 -35.05
N TYR A 263 -10.33 48.15 -34.02
CA TYR A 263 -10.85 47.20 -33.05
C TYR A 263 -12.10 47.78 -32.39
N GLN A 264 -13.06 46.91 -32.10
CA GLN A 264 -14.31 47.34 -31.48
C GLN A 264 -14.91 46.18 -30.70
N LEU A 265 -15.55 46.50 -29.59
CA LEU A 265 -16.19 45.48 -28.78
C LEU A 265 -17.53 45.14 -29.42
N PRO A 266 -17.96 43.88 -29.35
CA PRO A 266 -19.23 43.45 -29.93
C PRO A 266 -20.42 44.27 -29.45
N TYR A 267 -21.20 44.79 -30.40
CA TYR A 267 -22.38 45.60 -30.07
C TYR A 267 -22.02 46.98 -29.53
N TYR A 268 -21.06 47.64 -30.17
CA TYR A 268 -20.63 48.96 -29.72
C TYR A 268 -21.53 50.08 -30.24
N ASP A 269 -21.97 49.92 -31.48
CA ASP A 269 -22.81 50.90 -32.13
C ASP A 269 -24.29 50.73 -31.81
N LEU A 270 -24.63 49.66 -31.10
CA LEU A 270 -26.01 49.39 -30.75
C LEU A 270 -26.33 49.84 -29.33
N VAL A 271 -25.52 49.39 -28.36
CA VAL A 271 -25.71 49.75 -26.96
C VAL A 271 -24.50 50.50 -26.39
N PRO A 272 -24.77 51.52 -25.56
CA PRO A 272 -23.73 52.35 -24.92
C PRO A 272 -22.57 51.56 -24.31
N SER A 273 -21.42 52.20 -24.15
CA SER A 273 -20.26 51.55 -23.56
C SER A 273 -20.69 51.06 -22.17
N ASP A 274 -20.15 49.93 -21.74
CA ASP A 274 -20.52 49.36 -20.45
C ASP A 274 -22.05 49.24 -20.37
N PRO A 275 -22.61 48.28 -21.12
CA PRO A 275 -24.04 47.96 -21.22
C PRO A 275 -24.67 47.40 -19.95
N SER A 276 -25.99 47.37 -19.96
CA SER A 276 -26.78 46.84 -18.85
C SER A 276 -27.50 45.60 -19.37
N VAL A 277 -28.19 44.90 -18.49
CA VAL A 277 -28.92 43.69 -18.92
C VAL A 277 -30.10 44.09 -19.81
N GLU A 278 -30.74 45.19 -19.48
CA GLU A 278 -31.88 45.71 -20.24
C GLU A 278 -31.40 46.21 -21.61
N GLU A 279 -30.44 47.13 -21.59
CA GLU A 279 -29.90 47.71 -22.81
C GLU A 279 -29.29 46.68 -23.77
N MET A 280 -28.96 45.50 -23.25
CA MET A 280 -28.40 44.44 -24.08
C MET A 280 -29.49 43.50 -24.55
N ARG A 281 -30.47 43.28 -23.67
CA ARG A 281 -31.61 42.40 -23.94
C ARG A 281 -32.45 42.87 -25.13
N LYS A 282 -32.36 44.17 -25.44
CA LYS A 282 -33.11 44.76 -26.54
C LYS A 282 -32.56 44.48 -27.93
N VAL A 283 -31.23 44.54 -28.05
CA VAL A 283 -30.58 44.34 -29.34
C VAL A 283 -30.19 42.91 -29.64
N VAL A 284 -30.45 42.00 -28.70
CA VAL A 284 -30.08 40.61 -28.91
C VAL A 284 -31.27 39.67 -28.86
N CYS A 285 -32.11 39.85 -27.86
CA CYS A 285 -33.31 39.01 -27.71
C CYS A 285 -34.36 39.48 -28.70
N GLU A 286 -34.78 40.73 -28.53
CA GLU A 286 -35.77 41.34 -29.40
C GLU A 286 -35.24 41.41 -30.83
N GLN A 287 -34.63 42.54 -31.15
CA GLN A 287 -34.07 42.80 -32.46
C GLN A 287 -33.23 41.67 -33.04
N LYS A 288 -32.89 40.68 -32.23
CA LYS A 288 -32.06 39.55 -32.69
C LYS A 288 -31.00 40.06 -33.66
N LEU A 289 -30.34 41.15 -33.27
CA LEU A 289 -29.31 41.80 -34.06
C LEU A 289 -27.92 41.38 -33.58
N ARG A 290 -27.02 41.14 -34.54
CA ARG A 290 -25.65 40.74 -34.25
C ARG A 290 -24.67 41.74 -34.90
N PRO A 291 -23.39 41.69 -34.49
CA PRO A 291 -22.40 42.61 -35.05
C PRO A 291 -22.40 42.52 -36.58
N ASN A 292 -22.86 43.58 -37.23
CA ASN A 292 -22.94 43.58 -38.69
C ASN A 292 -21.59 43.22 -39.33
N ILE A 293 -21.54 42.04 -39.94
CA ILE A 293 -20.36 41.52 -40.61
C ILE A 293 -20.18 42.26 -41.94
N PRO A 294 -19.36 43.33 -41.96
CA PRO A 294 -19.13 44.11 -43.19
C PRO A 294 -19.13 43.25 -44.45
N ASN A 295 -19.76 43.77 -45.50
CA ASN A 295 -19.87 43.07 -46.77
C ASN A 295 -18.49 42.72 -47.37
N ARG A 296 -17.52 43.59 -47.14
CA ARG A 296 -16.17 43.38 -47.66
C ARG A 296 -15.52 42.12 -47.09
N TRP A 297 -16.30 41.30 -46.39
CA TRP A 297 -15.78 40.08 -45.76
C TRP A 297 -15.71 38.85 -46.66
N GLN A 298 -16.62 38.74 -47.62
CA GLN A 298 -16.61 37.60 -48.52
C GLN A 298 -15.44 37.74 -49.48
N SER A 299 -14.23 37.75 -48.95
CA SER A 299 -13.03 37.89 -49.79
C SER A 299 -12.23 36.60 -49.91
N CYS A 300 -11.56 36.20 -48.83
CA CYS A 300 -10.74 34.99 -48.82
C CYS A 300 -11.54 33.77 -48.40
N GLU A 301 -11.07 32.59 -48.77
CA GLU A 301 -11.74 31.33 -48.44
C GLU A 301 -11.75 31.11 -46.92
N ALA A 302 -10.74 31.61 -46.24
CA ALA A 302 -10.65 31.47 -44.81
C ALA A 302 -11.58 32.48 -44.12
N LEU A 303 -11.42 33.76 -44.47
CA LEU A 303 -12.22 34.83 -43.90
C LEU A 303 -13.73 34.50 -43.87
N ARG A 304 -14.21 33.77 -44.88
CA ARG A 304 -15.64 33.41 -44.92
C ARG A 304 -15.96 32.32 -43.91
N VAL A 305 -15.06 31.34 -43.78
CA VAL A 305 -15.25 30.23 -42.84
C VAL A 305 -15.56 30.80 -41.44
N MET A 306 -14.96 31.94 -41.14
CA MET A 306 -15.16 32.62 -39.86
C MET A 306 -16.55 33.25 -39.83
N ALA A 307 -16.86 34.04 -40.86
CA ALA A 307 -18.16 34.71 -40.96
C ALA A 307 -19.25 33.65 -40.86
N LYS A 308 -18.90 32.43 -41.27
CA LYS A 308 -19.78 31.28 -41.22
C LYS A 308 -20.01 30.95 -39.75
N ILE A 309 -18.96 30.45 -39.12
CA ILE A 309 -18.99 30.07 -37.70
C ILE A 309 -19.54 31.19 -36.84
N MET A 310 -19.15 32.44 -37.12
CA MET A 310 -19.62 33.56 -36.34
C MET A 310 -21.13 33.64 -36.27
N ARG A 311 -21.81 33.24 -37.33
CA ARG A 311 -23.27 33.26 -37.32
C ARG A 311 -23.71 31.86 -36.90
N GLU A 312 -22.84 30.88 -37.16
CA GLU A 312 -23.11 29.50 -36.78
C GLU A 312 -23.10 29.41 -35.25
N CYS A 313 -22.73 30.52 -34.63
CA CYS A 313 -22.68 30.63 -33.18
C CYS A 313 -23.71 31.63 -32.68
N TRP A 314 -23.97 32.68 -33.45
CA TRP A 314 -24.91 33.71 -33.04
C TRP A 314 -26.39 33.35 -33.11
N TYR A 315 -26.69 32.05 -33.16
CA TYR A 315 -28.07 31.57 -33.21
C TYR A 315 -28.74 31.89 -31.89
N ALA A 316 -29.85 32.62 -31.93
CA ALA A 316 -30.57 32.94 -30.71
C ALA A 316 -31.19 31.67 -30.13
N ASN A 317 -30.68 30.52 -30.56
CA ASN A 317 -31.17 29.23 -30.09
C ASN A 317 -30.07 28.31 -29.55
N GLY A 318 -30.22 27.93 -28.29
CA GLY A 318 -29.24 27.07 -27.63
C GLY A 318 -28.62 25.97 -28.46
N ALA A 319 -29.22 24.78 -28.42
CA ALA A 319 -28.72 23.62 -29.14
C ALA A 319 -28.23 23.92 -30.57
N ALA A 320 -28.92 24.82 -31.25
CA ALA A 320 -28.61 25.20 -32.62
C ALA A 320 -27.16 25.56 -32.92
N ARG A 321 -26.43 26.05 -31.91
CA ARG A 321 -25.04 26.45 -32.10
C ARG A 321 -24.09 25.29 -32.35
N LEU A 322 -22.99 25.59 -33.03
CA LEU A 322 -21.99 24.59 -33.32
C LEU A 322 -21.38 24.12 -32.02
N THR A 323 -20.79 22.93 -32.03
CA THR A 323 -20.14 22.43 -30.84
C THR A 323 -18.73 23.01 -30.84
N ALA A 324 -18.10 23.02 -29.68
CA ALA A 324 -16.75 23.55 -29.57
C ALA A 324 -15.79 22.63 -30.31
N LEU A 325 -15.91 21.34 -30.03
CA LEU A 325 -15.04 20.35 -30.66
C LEU A 325 -15.09 20.48 -32.18
N ARG A 326 -16.25 20.91 -32.69
CA ARG A 326 -16.45 21.07 -34.13
C ARG A 326 -15.52 22.12 -34.71
N ILE A 327 -15.77 23.37 -34.35
CA ILE A 327 -14.96 24.49 -34.82
C ILE A 327 -13.49 24.12 -34.72
N LYS A 328 -13.20 23.20 -33.81
CA LYS A 328 -11.83 22.74 -33.59
C LYS A 328 -11.35 21.97 -34.81
N LYS A 329 -12.19 21.02 -35.24
CA LYS A 329 -11.88 20.17 -36.38
C LYS A 329 -11.92 20.93 -37.70
N THR A 330 -12.92 21.79 -37.86
CA THR A 330 -13.08 22.57 -39.09
C THR A 330 -11.91 23.54 -39.32
N LEU A 331 -11.51 24.25 -38.26
CA LEU A 331 -10.40 25.20 -38.37
C LEU A 331 -9.08 24.44 -38.37
N SER A 332 -9.16 23.16 -37.99
CA SER A 332 -7.99 22.29 -37.96
C SER A 332 -7.69 21.91 -39.41
N GLN A 333 -8.76 21.77 -40.20
CA GLN A 333 -8.64 21.42 -41.61
C GLN A 333 -8.26 22.66 -42.41
N LEU A 334 -9.01 23.75 -42.21
CA LEU A 334 -8.76 25.00 -42.91
C LEU A 334 -7.34 25.48 -42.64
N SER A 335 -6.67 24.83 -41.70
CA SER A 335 -5.30 25.16 -41.34
C SER A 335 -4.33 24.40 -42.25
N GLN A 336 -4.76 23.22 -42.69
CA GLN A 336 -3.97 22.38 -43.56
C GLN A 336 -3.92 22.98 -44.95
N GLN A 337 -5.09 23.04 -45.58
CA GLN A 337 -5.24 23.57 -46.94
C GLN A 337 -4.70 24.98 -47.12
N GLU A 338 -4.80 25.81 -46.09
CA GLU A 338 -4.29 27.17 -46.19
C GLU A 338 -2.89 27.21 -45.58
N GLY A 339 -2.08 28.19 -46.01
CA GLY A 339 -0.74 28.33 -45.48
C GLY A 339 0.16 27.11 -45.60
N ILE B 10 23.46 5.13 10.12
CA ILE B 10 24.37 4.13 9.47
C ILE B 10 25.17 3.34 10.50
N SER B 11 24.78 2.10 10.72
CA SER B 11 25.44 1.25 11.70
C SER B 11 26.95 1.14 11.57
N GLU B 12 27.60 0.61 12.61
CA GLU B 12 29.04 0.42 12.62
C GLU B 12 29.37 -0.77 11.76
N GLY B 13 30.59 -0.82 11.24
CA GLY B 13 30.97 -1.95 10.41
C GLY B 13 30.38 -1.93 9.01
N THR B 14 29.43 -1.02 8.77
CA THR B 14 28.81 -0.90 7.45
C THR B 14 29.82 -0.31 6.49
N THR B 15 29.77 -0.74 5.24
CA THR B 15 30.70 -0.23 4.24
C THR B 15 29.94 0.29 3.04
N LEU B 16 30.59 1.14 2.25
CA LEU B 16 29.99 1.72 1.07
C LEU B 16 29.46 0.63 0.11
N LYS B 17 30.21 -0.45 -0.02
CA LYS B 17 29.80 -1.56 -0.88
C LYS B 17 28.43 -2.02 -0.43
N ASP B 18 28.34 -2.36 0.86
CA ASP B 18 27.08 -2.81 1.48
C ASP B 18 25.93 -1.86 1.25
N LEU B 19 26.16 -0.58 1.48
CA LEU B 19 25.12 0.42 1.28
C LEU B 19 24.56 0.34 -0.12
N ILE B 20 25.43 0.35 -1.11
CA ILE B 20 25.01 0.29 -2.51
C ILE B 20 24.43 -1.04 -2.96
N TYR B 21 25.09 -2.15 -2.61
CA TYR B 21 24.55 -3.45 -2.99
C TYR B 21 23.07 -3.45 -2.59
N ASP B 22 22.79 -2.98 -1.38
CA ASP B 22 21.44 -2.95 -0.84
C ASP B 22 20.41 -2.04 -1.50
N MET B 23 20.85 -0.99 -2.18
CA MET B 23 19.88 -0.11 -2.83
C MET B 23 19.49 -0.75 -4.15
N THR B 24 20.44 -1.47 -4.75
CA THR B 24 20.21 -2.15 -6.01
C THR B 24 19.06 -3.13 -5.79
N THR B 25 19.31 -4.11 -4.92
CA THR B 25 18.36 -5.15 -4.57
C THR B 25 17.04 -4.68 -3.95
N SER B 26 17.10 -3.66 -3.11
CA SER B 26 15.91 -3.13 -2.43
C SER B 26 15.28 -1.89 -3.08
N GLY B 27 15.56 -0.73 -2.47
CA GLY B 27 15.04 0.56 -2.92
C GLY B 27 14.54 0.72 -4.35
N SER B 28 15.33 0.25 -5.31
CA SER B 28 15.00 0.30 -6.74
C SER B 28 15.52 1.55 -7.46
N GLY B 29 16.49 1.34 -8.34
CA GLY B 29 17.08 2.42 -9.13
C GLY B 29 17.77 3.57 -8.41
N SER B 30 16.98 4.55 -7.99
CA SER B 30 17.42 5.76 -7.30
C SER B 30 18.54 5.53 -6.27
N GLY B 31 19.20 6.61 -5.89
CA GLY B 31 20.28 6.52 -4.91
C GLY B 31 19.90 5.97 -3.55
N LEU B 32 20.49 6.58 -2.52
CA LEU B 32 20.25 6.18 -1.14
C LEU B 32 19.32 7.16 -0.47
N PRO B 33 18.84 6.83 0.74
CA PRO B 33 17.93 7.68 1.51
C PRO B 33 18.61 9.01 1.79
N LEU B 34 17.92 10.11 1.52
CA LEU B 34 18.50 11.44 1.75
C LEU B 34 19.28 11.55 3.04
N LEU B 35 18.82 10.83 4.07
CA LEU B 35 19.50 10.86 5.35
C LEU B 35 20.82 10.14 5.24
N VAL B 36 20.81 8.99 4.57
CA VAL B 36 22.03 8.24 4.37
C VAL B 36 22.98 9.10 3.55
N GLN B 37 22.45 9.83 2.56
CA GLN B 37 23.28 10.70 1.75
C GLN B 37 23.92 11.79 2.61
N ARG B 38 23.09 12.58 3.28
CA ARG B 38 23.59 13.65 4.13
C ARG B 38 24.63 13.13 5.13
N THR B 39 24.45 11.91 5.61
CA THR B 39 25.41 11.39 6.56
C THR B 39 26.73 11.13 5.88
N ILE B 40 26.72 10.23 4.90
CA ILE B 40 27.91 9.88 4.14
C ILE B 40 28.67 11.13 3.72
N ALA B 41 27.95 12.15 3.32
CA ALA B 41 28.57 13.40 2.90
C ALA B 41 29.27 14.10 4.04
N ARG B 42 28.55 14.37 5.12
CA ARG B 42 29.11 15.07 6.27
C ARG B 42 30.01 14.23 7.14
N THR B 43 30.42 13.08 6.64
CA THR B 43 31.23 12.23 7.46
C THR B 43 32.44 11.75 6.66
N ILE B 44 32.58 12.31 5.46
CA ILE B 44 33.70 11.98 4.57
C ILE B 44 34.97 12.72 5.03
N VAL B 45 36.13 12.25 4.59
CA VAL B 45 37.40 12.90 4.98
C VAL B 45 38.18 13.29 3.72
N LEU B 46 38.15 14.58 3.36
CA LEU B 46 38.85 15.02 2.17
C LEU B 46 40.35 14.77 2.21
N GLN B 47 40.90 14.31 1.08
CA GLN B 47 42.33 14.05 0.95
C GLN B 47 43.00 15.17 0.20
N GLU B 48 42.81 15.20 -1.11
CA GLU B 48 43.44 16.24 -1.93
C GLU B 48 42.65 16.54 -3.20
N SER B 49 42.82 17.73 -3.74
CA SER B 49 42.10 18.09 -4.95
C SER B 49 42.66 17.22 -6.07
N ILE B 50 41.81 16.84 -7.01
CA ILE B 50 42.26 16.04 -8.13
C ILE B 50 41.63 16.58 -9.39
N GLY B 51 41.63 17.90 -9.53
CA GLY B 51 41.06 18.49 -10.71
C GLY B 51 40.11 19.62 -10.40
N LYS B 52 40.46 20.81 -10.88
CA LYS B 52 39.66 22.01 -10.68
C LYS B 52 38.83 22.27 -11.92
N GLY B 53 38.21 23.45 -11.98
CA GLY B 53 37.40 23.78 -13.13
C GLY B 53 36.19 24.66 -12.87
N ARG B 54 35.51 24.98 -13.95
CA ARG B 54 34.29 25.78 -13.97
C ARG B 54 33.41 25.55 -12.75
N PHE B 55 32.88 24.33 -12.65
CA PHE B 55 32.01 23.93 -11.54
C PHE B 55 32.65 24.16 -10.17
N GLY B 56 33.84 23.63 -9.99
CA GLY B 56 34.52 23.77 -8.73
C GLY B 56 35.72 22.85 -8.74
N GLU B 57 35.76 21.89 -7.83
CA GLU B 57 36.86 20.94 -7.78
C GLU B 57 36.35 19.56 -7.51
N VAL B 58 37.15 18.59 -7.89
CA VAL B 58 36.82 17.22 -7.63
C VAL B 58 37.91 16.83 -6.63
N TRP B 59 37.53 16.13 -5.58
CA TRP B 59 38.50 15.72 -4.58
C TRP B 59 38.42 14.25 -4.36
N ARG B 60 39.51 13.72 -3.84
CA ARG B 60 39.60 12.32 -3.51
C ARG B 60 39.25 12.27 -2.04
N GLY B 61 38.23 11.50 -1.69
CA GLY B 61 37.87 11.41 -0.29
C GLY B 61 37.93 9.98 0.19
N LYS B 62 37.61 9.78 1.46
CA LYS B 62 37.58 8.46 2.05
C LYS B 62 36.41 8.42 3.01
N TRP B 63 35.54 7.43 2.86
CA TRP B 63 34.44 7.30 3.76
C TRP B 63 34.74 6.04 4.53
N ARG B 64 35.12 6.19 5.80
CA ARG B 64 35.44 5.04 6.62
C ARG B 64 36.42 4.15 5.90
N GLY B 65 37.55 4.71 5.47
CA GLY B 65 38.52 3.88 4.78
C GLY B 65 38.34 3.84 3.28
N GLU B 66 37.17 3.40 2.81
CA GLU B 66 36.90 3.31 1.38
C GLU B 66 37.11 4.64 0.69
N GLU B 67 37.65 4.60 -0.53
CA GLU B 67 37.92 5.80 -1.31
C GLU B 67 36.67 6.29 -1.99
N VAL B 68 36.62 7.58 -2.28
CA VAL B 68 35.45 8.17 -2.88
C VAL B 68 35.86 9.45 -3.63
N ALA B 69 35.10 9.82 -4.65
CA ALA B 69 35.42 11.03 -5.37
C ALA B 69 34.40 12.09 -4.96
N VAL B 70 34.87 13.23 -4.49
CA VAL B 70 33.92 14.26 -4.09
C VAL B 70 34.01 15.45 -5.04
N LYS B 71 32.86 15.94 -5.48
CA LYS B 71 32.85 17.07 -6.38
C LYS B 71 32.20 18.27 -5.70
N ILE B 72 33.00 19.26 -5.31
CA ILE B 72 32.43 20.42 -4.63
C ILE B 72 32.26 21.69 -5.49
N PHE B 73 31.03 22.14 -5.61
CA PHE B 73 30.73 23.32 -6.42
C PHE B 73 30.77 24.59 -5.58
N SER B 74 30.99 25.74 -6.21
CA SER B 74 30.97 27.01 -5.48
C SER B 74 29.54 27.53 -5.54
N SER B 75 29.09 28.28 -4.54
CA SER B 75 27.71 28.76 -4.54
C SER B 75 27.23 29.31 -5.89
N ARG B 76 28.14 29.86 -6.69
CA ARG B 76 27.77 30.43 -7.98
C ARG B 76 27.30 29.34 -8.93
N GLU B 77 27.97 28.20 -8.87
CA GLU B 77 27.69 27.02 -9.69
C GLU B 77 26.55 26.18 -9.14
N GLU B 78 25.58 26.81 -8.51
CA GLU B 78 24.50 26.06 -7.93
C GLU B 78 23.55 25.43 -8.91
N ARG B 79 23.36 26.04 -10.08
CA ARG B 79 22.46 25.49 -11.08
C ARG B 79 23.05 24.20 -11.65
N SER B 80 24.38 24.18 -11.76
CA SER B 80 25.10 23.02 -12.29
C SER B 80 25.05 21.87 -11.29
N TRP B 81 25.11 22.20 -10.02
CA TRP B 81 25.06 21.19 -8.95
C TRP B 81 23.70 20.51 -8.92
N PHE B 82 22.65 21.28 -9.13
CA PHE B 82 21.31 20.73 -9.10
C PHE B 82 21.00 19.77 -10.24
N ARG B 83 21.31 20.19 -11.47
CA ARG B 83 21.03 19.35 -12.61
C ARG B 83 21.79 18.06 -12.60
N GLU B 84 23.09 18.11 -12.34
CA GLU B 84 23.86 16.89 -12.32
C GLU B 84 23.30 15.99 -11.20
N ALA B 85 23.00 16.61 -10.06
CA ALA B 85 22.45 15.89 -8.92
C ALA B 85 21.11 15.27 -9.28
N GLU B 86 20.28 16.05 -9.98
CA GLU B 86 18.95 15.62 -10.39
C GLU B 86 18.94 14.51 -11.43
N ILE B 87 19.91 14.53 -12.33
CA ILE B 87 19.97 13.51 -13.36
C ILE B 87 20.54 12.18 -12.87
N TYR B 88 21.63 12.22 -12.11
CA TYR B 88 22.23 11.00 -11.62
C TYR B 88 21.27 10.18 -10.78
N GLN B 89 20.17 10.79 -10.37
CA GLN B 89 19.23 10.06 -9.56
C GLN B 89 18.02 9.61 -10.35
N THR B 90 18.11 9.72 -11.68
CA THR B 90 17.02 9.31 -12.56
C THR B 90 16.70 7.84 -12.41
N VAL B 91 15.41 7.56 -12.39
CA VAL B 91 14.86 6.23 -12.27
C VAL B 91 15.80 5.03 -12.43
N MET B 92 16.22 4.73 -13.66
CA MET B 92 17.08 3.56 -13.87
C MET B 92 18.45 3.84 -14.46
N LEU B 93 18.87 5.10 -14.41
CA LEU B 93 20.15 5.51 -14.95
C LEU B 93 21.34 4.68 -14.47
N ARG B 94 21.32 4.26 -13.22
CA ARG B 94 22.44 3.49 -12.70
C ARG B 94 22.81 2.34 -13.63
N HIS B 95 24.01 2.41 -14.21
CA HIS B 95 24.48 1.39 -15.15
C HIS B 95 25.99 1.29 -15.20
N GLU B 96 26.47 0.08 -15.42
CA GLU B 96 27.89 -0.25 -15.47
C GLU B 96 28.83 0.75 -16.10
N ASN B 97 28.46 1.31 -17.24
CA ASN B 97 29.35 2.24 -17.91
C ASN B 97 28.97 3.71 -17.74
N ILE B 98 28.37 4.02 -16.60
CA ILE B 98 27.95 5.38 -16.24
C ILE B 98 28.36 5.63 -14.79
N LEU B 99 29.22 6.61 -14.55
CA LEU B 99 29.69 6.94 -13.22
C LEU B 99 28.70 6.66 -12.11
N GLY B 100 29.05 5.72 -11.22
CA GLY B 100 28.18 5.36 -10.10
C GLY B 100 28.00 6.46 -9.07
N PHE B 101 26.78 6.98 -8.99
CA PHE B 101 26.44 8.06 -8.07
C PHE B 101 26.25 7.52 -6.67
N ILE B 102 26.51 8.36 -5.68
CA ILE B 102 26.38 7.97 -4.28
C ILE B 102 25.50 8.90 -3.46
N ALA B 103 25.82 10.17 -3.45
CA ALA B 103 25.06 11.13 -2.66
C ALA B 103 25.25 12.57 -3.08
N ALA B 104 24.35 13.43 -2.61
CA ALA B 104 24.45 14.85 -2.89
C ALA B 104 24.08 15.51 -1.57
N ASP B 105 24.64 16.68 -1.29
CA ASP B 105 24.32 17.38 -0.05
C ASP B 105 24.78 18.82 -0.13
N ASN B 106 24.30 19.62 0.83
CA ASN B 106 24.64 21.03 0.92
C ASN B 106 24.80 21.43 2.39
N LYS B 107 25.65 22.41 2.68
CA LYS B 107 25.87 22.77 4.06
C LYS B 107 25.52 24.16 4.60
N ASP B 108 26.27 25.19 4.25
CA ASP B 108 25.98 26.50 4.84
C ASP B 108 24.79 27.30 4.34
N ASN B 109 24.95 28.62 4.29
CA ASN B 109 23.92 29.52 3.84
C ASN B 109 24.42 30.56 2.88
N GLY B 110 23.48 31.31 2.36
CA GLY B 110 23.80 32.38 1.42
C GLY B 110 25.09 32.24 0.63
N THR B 111 25.93 33.25 0.79
CA THR B 111 27.19 33.34 0.09
C THR B 111 28.17 32.20 0.32
N TRP B 112 28.02 31.48 1.44
CA TRP B 112 28.94 30.38 1.71
C TRP B 112 28.35 29.00 1.62
N THR B 113 27.22 28.87 0.95
CA THR B 113 26.59 27.57 0.77
C THR B 113 27.60 26.61 0.18
N GLN B 114 27.64 25.39 0.67
CA GLN B 114 28.60 24.40 0.17
C GLN B 114 27.89 23.20 -0.48
N LEU B 115 27.88 23.15 -1.81
CA LEU B 115 27.21 22.06 -2.54
C LEU B 115 28.15 20.91 -2.91
N TRP B 116 27.69 19.67 -2.69
CA TRP B 116 28.50 18.49 -2.99
C TRP B 116 27.83 17.39 -3.78
N LEU B 117 28.67 16.59 -4.41
CA LEU B 117 28.26 15.43 -5.20
C LEU B 117 29.31 14.37 -4.90
N VAL B 118 28.88 13.22 -4.38
CA VAL B 118 29.79 12.14 -4.05
C VAL B 118 29.55 10.94 -4.95
N SER B 119 30.61 10.33 -5.45
CA SER B 119 30.49 9.18 -6.33
C SER B 119 31.66 8.24 -6.18
N ASP B 120 31.59 7.12 -6.89
CA ASP B 120 32.67 6.16 -6.83
C ASP B 120 33.93 6.86 -7.24
N TYR B 121 35.05 6.22 -6.96
CA TYR B 121 36.36 6.75 -7.29
C TYR B 121 37.11 5.70 -8.12
N HIS B 122 37.78 6.13 -9.18
CA HIS B 122 38.53 5.23 -10.03
C HIS B 122 39.95 5.76 -10.12
N GLU B 123 40.92 5.01 -9.63
CA GLU B 123 42.28 5.52 -9.65
C GLU B 123 42.80 5.90 -11.02
N HIS B 124 42.46 5.11 -12.03
CA HIS B 124 42.95 5.41 -13.36
C HIS B 124 42.55 6.76 -13.92
N GLY B 125 41.53 7.38 -13.35
CA GLY B 125 41.16 8.69 -13.82
C GLY B 125 40.33 8.77 -15.07
N SER B 126 40.51 9.85 -15.82
CA SER B 126 39.78 10.09 -17.06
C SER B 126 40.43 9.45 -18.26
N LEU B 127 39.61 8.96 -19.18
CA LEU B 127 40.10 8.36 -20.40
C LEU B 127 41.22 9.28 -20.89
N PHE B 128 40.98 10.58 -20.82
CA PHE B 128 41.95 11.56 -21.25
C PHE B 128 43.31 11.37 -20.62
N ASP B 129 43.35 11.34 -19.29
CA ASP B 129 44.61 11.16 -18.54
C ASP B 129 45.22 9.78 -18.78
N TYR B 130 44.41 8.74 -18.63
CA TYR B 130 44.84 7.37 -18.85
C TYR B 130 45.48 7.16 -20.22
N LEU B 131 44.93 7.79 -21.26
CA LEU B 131 45.44 7.68 -22.62
C LEU B 131 46.71 8.47 -22.83
N ASN B 132 46.96 9.46 -21.98
CA ASN B 132 48.18 10.23 -22.10
C ASN B 132 49.28 9.46 -21.39
N ARG B 133 48.88 8.65 -20.41
CA ARG B 133 49.79 7.86 -19.58
C ARG B 133 50.13 6.48 -20.10
N TYR B 134 49.23 5.85 -20.84
CA TYR B 134 49.47 4.51 -21.36
C TYR B 134 49.09 4.37 -22.84
N THR B 135 49.07 3.12 -23.28
CA THR B 135 48.67 2.79 -24.64
C THR B 135 47.87 1.56 -24.39
N VAL B 136 46.94 1.25 -25.29
CA VAL B 136 46.15 0.04 -25.10
C VAL B 136 46.59 -0.95 -26.14
N THR B 137 45.93 -2.10 -26.14
CA THR B 137 46.23 -3.14 -27.09
C THR B 137 44.92 -3.37 -27.84
N VAL B 138 44.96 -4.16 -28.90
CA VAL B 138 43.74 -4.40 -29.64
C VAL B 138 42.64 -4.80 -28.69
N GLU B 139 42.96 -5.61 -27.69
CA GLU B 139 41.94 -6.02 -26.75
C GLU B 139 41.48 -4.85 -25.87
N GLY B 140 42.44 -4.06 -25.41
CA GLY B 140 42.13 -2.91 -24.57
C GLY B 140 41.30 -1.85 -25.27
N MET B 141 41.64 -1.56 -26.52
CA MET B 141 40.90 -0.58 -27.29
C MET B 141 39.46 -1.05 -27.40
N ILE B 142 39.26 -2.31 -27.78
CA ILE B 142 37.91 -2.84 -27.90
C ILE B 142 37.17 -2.70 -26.58
N LYS B 143 37.89 -2.90 -25.47
CA LYS B 143 37.29 -2.80 -24.14
C LYS B 143 36.87 -1.37 -23.85
N LEU B 144 37.75 -0.41 -24.12
CA LEU B 144 37.40 0.97 -23.89
C LEU B 144 36.26 1.38 -24.82
N ALA B 145 36.40 1.03 -26.10
CA ALA B 145 35.40 1.39 -27.10
C ALA B 145 34.04 0.80 -26.81
N LEU B 146 33.99 -0.51 -26.67
CA LEU B 146 32.75 -1.21 -26.39
C LEU B 146 32.03 -0.61 -25.19
N SER B 147 32.77 -0.30 -24.13
CA SER B 147 32.16 0.24 -22.94
C SER B 147 31.55 1.64 -23.14
N THR B 148 32.34 2.58 -23.63
CA THR B 148 31.83 3.92 -23.84
C THR B 148 30.56 3.94 -24.69
N ALA B 149 30.49 3.09 -25.70
CA ALA B 149 29.31 3.03 -26.54
C ALA B 149 28.22 2.32 -25.76
N SER B 150 28.57 1.20 -25.16
CA SER B 150 27.64 0.41 -24.35
C SER B 150 26.92 1.28 -23.32
N GLY B 151 27.65 2.23 -22.73
CA GLY B 151 27.10 3.13 -21.75
C GLY B 151 26.32 4.27 -22.38
N LEU B 152 26.92 4.94 -23.36
CA LEU B 152 26.25 6.03 -24.04
C LEU B 152 25.02 5.50 -24.74
N ALA B 153 24.93 4.17 -24.88
CA ALA B 153 23.78 3.57 -25.52
C ALA B 153 22.68 3.49 -24.50
N HIS B 154 23.05 3.26 -23.24
CA HIS B 154 22.08 3.16 -22.14
C HIS B 154 21.61 4.54 -21.74
N LEU B 155 22.41 5.55 -22.04
CA LEU B 155 22.03 6.92 -21.72
C LEU B 155 20.89 7.30 -22.66
N HIS B 156 21.06 6.97 -23.93
CA HIS B 156 20.08 7.27 -24.98
C HIS B 156 18.82 6.39 -24.95
N MET B 157 18.96 5.16 -24.51
CA MET B 157 17.82 4.26 -24.45
C MET B 157 16.74 4.86 -23.58
N GLU B 158 15.49 4.62 -23.96
CA GLU B 158 14.33 5.14 -23.24
C GLU B 158 13.45 3.98 -22.77
N ILE B 159 12.66 4.19 -21.72
CA ILE B 159 11.81 3.12 -21.20
C ILE B 159 10.46 3.56 -20.65
N GLY B 164 9.94 3.13 -15.12
CA GLY B 164 10.42 3.53 -16.44
C GLY B 164 11.70 4.34 -16.41
N LYS B 165 12.09 4.92 -17.56
CA LYS B 165 13.31 5.73 -17.67
C LYS B 165 13.34 6.55 -18.96
N PRO B 166 13.56 7.87 -18.85
CA PRO B 166 13.62 8.81 -19.96
C PRO B 166 14.87 8.64 -20.78
N ALA B 167 14.84 9.09 -22.02
CA ALA B 167 16.02 9.00 -22.84
C ALA B 167 16.90 10.17 -22.40
N ILE B 168 18.22 10.01 -22.39
CA ILE B 168 19.09 11.12 -21.99
C ILE B 168 20.17 11.40 -23.04
N ALA B 169 20.39 12.67 -23.32
CA ALA B 169 21.41 13.07 -24.27
C ALA B 169 22.49 13.67 -23.40
N HIS B 170 23.75 13.33 -23.65
CA HIS B 170 24.83 13.82 -22.82
C HIS B 170 25.21 15.29 -23.07
N ARG B 171 25.21 15.69 -24.32
CA ARG B 171 25.55 17.05 -24.73
C ARG B 171 26.93 17.54 -24.38
N ASP B 172 27.82 16.62 -24.03
CA ASP B 172 29.19 17.01 -23.74
C ASP B 172 30.10 15.81 -23.56
N LEU B 173 30.10 14.92 -24.55
CA LEU B 173 30.95 13.74 -24.50
C LEU B 173 32.36 14.14 -24.83
N LYS B 174 33.31 13.43 -24.24
CA LYS B 174 34.72 13.70 -24.49
C LYS B 174 35.65 12.96 -23.55
N SER B 175 36.79 12.55 -24.07
CA SER B 175 37.78 11.83 -23.29
C SER B 175 37.98 12.36 -21.86
N LYS B 176 37.80 13.66 -21.63
CA LYS B 176 38.00 14.16 -20.27
C LYS B 176 36.81 13.91 -19.36
N ASN B 177 35.69 13.49 -19.93
CA ASN B 177 34.50 13.23 -19.14
C ASN B 177 34.18 11.75 -19.12
N ILE B 178 35.22 10.93 -19.21
CA ILE B 178 35.01 9.49 -19.19
C ILE B 178 36.05 8.96 -18.23
N LEU B 179 35.68 8.00 -17.40
CA LEU B 179 36.65 7.46 -16.47
C LEU B 179 36.93 6.04 -16.84
N VAL B 180 38.08 5.55 -16.43
CA VAL B 180 38.45 4.18 -16.73
C VAL B 180 38.65 3.37 -15.44
N LYS B 181 37.97 2.24 -15.38
CA LYS B 181 38.02 1.37 -14.23
C LYS B 181 39.27 0.52 -14.24
N LYS B 182 39.50 -0.20 -13.14
CA LYS B 182 40.67 -1.07 -13.03
C LYS B 182 40.69 -2.14 -14.12
N ASN B 183 39.56 -2.73 -14.43
CA ASN B 183 39.55 -3.75 -15.47
C ASN B 183 39.59 -3.15 -16.87
N GLY B 184 40.03 -1.91 -16.98
CA GLY B 184 40.13 -1.26 -18.28
C GLY B 184 38.82 -1.01 -19.04
N THR B 185 37.75 -0.75 -18.29
CA THR B 185 36.44 -0.49 -18.84
C THR B 185 36.19 0.96 -18.58
N CYS B 186 35.29 1.57 -19.33
CA CYS B 186 34.98 2.98 -19.12
C CYS B 186 33.61 3.20 -18.53
N CYS B 187 33.34 4.43 -18.15
CA CYS B 187 32.05 4.81 -17.63
C CYS B 187 31.93 6.30 -17.85
N ILE B 188 30.73 6.74 -18.22
CA ILE B 188 30.51 8.14 -18.51
C ILE B 188 30.24 9.03 -17.30
N ALA B 189 30.70 10.27 -17.38
CA ALA B 189 30.51 11.23 -16.30
C ALA B 189 30.09 12.61 -16.84
N ASP B 190 29.97 13.57 -15.93
CA ASP B 190 29.58 14.94 -16.28
C ASP B 190 28.23 15.14 -16.95
N LEU B 191 27.17 14.65 -16.31
CA LEU B 191 25.83 14.78 -16.84
C LEU B 191 25.21 16.14 -16.56
N GLY B 192 26.05 17.09 -16.11
CA GLY B 192 25.56 18.42 -15.81
C GLY B 192 24.77 19.07 -16.93
N LEU B 193 25.28 18.97 -18.16
CA LEU B 193 24.63 19.56 -19.31
C LEU B 193 23.58 18.67 -19.93
N ALA B 194 23.47 17.43 -19.45
CA ALA B 194 22.51 16.46 -19.97
C ALA B 194 21.10 17.02 -20.07
N VAL B 195 20.30 16.40 -20.94
CA VAL B 195 18.92 16.80 -21.16
C VAL B 195 18.06 15.55 -21.23
N ARG B 196 16.99 15.54 -20.45
CA ARG B 196 16.09 14.39 -20.46
C ARG B 196 15.00 14.61 -21.52
N HIS B 197 14.39 13.52 -21.97
CA HIS B 197 13.34 13.62 -22.97
C HIS B 197 12.24 12.64 -22.66
N ASP B 198 11.14 13.15 -22.14
CA ASP B 198 10.00 12.31 -21.83
C ASP B 198 9.24 12.13 -23.14
N SER B 199 9.09 10.88 -23.57
CA SER B 199 8.38 10.55 -24.81
C SER B 199 6.87 10.76 -24.71
N ALA B 200 6.29 10.30 -23.60
CA ALA B 200 4.86 10.43 -23.37
C ALA B 200 4.32 11.81 -23.80
N THR B 201 4.88 12.88 -23.25
CA THR B 201 4.44 14.23 -23.59
C THR B 201 5.39 14.91 -24.56
N ASP B 202 6.31 14.13 -25.12
CA ASP B 202 7.33 14.62 -26.07
C ASP B 202 7.91 16.00 -25.73
N THR B 203 8.37 16.16 -24.49
CA THR B 203 8.95 17.42 -24.06
C THR B 203 10.29 17.12 -23.47
N ILE B 204 11.22 18.05 -23.63
CA ILE B 204 12.57 17.89 -23.09
C ILE B 204 12.76 18.93 -22.00
N ASP B 205 13.32 18.54 -20.86
CA ASP B 205 13.52 19.51 -19.77
C ASP B 205 14.55 20.57 -20.13
N ILE B 206 14.67 20.87 -21.42
CA ILE B 206 15.60 21.87 -21.94
C ILE B 206 15.70 23.06 -20.99
N HIS B 210 22.51 29.35 -25.77
CA HIS B 210 21.81 28.07 -25.72
C HIS B 210 22.68 26.95 -26.29
N ARG B 211 23.78 27.32 -26.96
CA ARG B 211 24.72 26.35 -27.53
C ARG B 211 25.77 26.05 -26.46
N VAL B 212 25.80 24.82 -25.97
CA VAL B 212 26.72 24.46 -24.90
C VAL B 212 27.71 23.35 -25.24
N GLY B 213 28.62 23.09 -24.31
CA GLY B 213 29.58 22.04 -24.51
C GLY B 213 30.95 22.54 -24.92
N THR B 214 31.94 21.66 -24.85
CA THR B 214 33.31 21.99 -25.20
C THR B 214 33.39 22.17 -26.70
N LYS B 215 33.93 23.32 -27.11
CA LYS B 215 34.06 23.67 -28.52
C LYS B 215 34.56 22.58 -29.43
N ARG B 216 35.83 22.23 -29.26
CA ARG B 216 36.51 21.20 -30.05
C ARG B 216 35.64 20.01 -30.44
N TYR B 217 34.87 19.51 -29.48
CA TYR B 217 34.00 18.35 -29.68
C TYR B 217 32.60 18.62 -30.26
N MET B 218 32.19 19.88 -30.33
CA MET B 218 30.88 20.22 -30.86
C MET B 218 30.64 19.67 -32.27
N ALA B 219 29.47 19.07 -32.47
CA ALA B 219 29.11 18.52 -33.76
C ALA B 219 29.03 19.64 -34.79
N PRO B 220 28.95 19.28 -36.08
CA PRO B 220 28.86 20.34 -37.08
C PRO B 220 27.59 21.15 -36.87
N GLU B 221 26.45 20.48 -36.94
CA GLU B 221 25.14 21.12 -36.77
C GLU B 221 25.06 22.00 -35.53
N VAL B 222 26.15 22.09 -34.80
CA VAL B 222 26.18 22.90 -33.60
C VAL B 222 27.10 24.09 -33.81
N LEU B 223 28.14 23.92 -34.61
CA LEU B 223 29.04 25.03 -34.85
C LEU B 223 28.40 26.08 -35.76
N ASP B 224 27.44 25.65 -36.58
CA ASP B 224 26.73 26.53 -37.52
C ASP B 224 25.25 26.55 -37.14
N ASP B 225 24.99 26.86 -35.87
CA ASP B 225 23.64 26.90 -35.31
C ASP B 225 22.52 26.60 -36.31
N SER B 226 22.41 25.34 -36.69
CA SER B 226 21.39 24.90 -37.63
C SER B 226 20.78 23.58 -37.16
N ILE B 227 21.07 23.21 -35.93
CA ILE B 227 20.53 21.99 -35.37
C ILE B 227 19.09 22.32 -35.02
N ASN B 228 18.22 21.32 -35.06
CA ASN B 228 16.83 21.54 -34.72
C ASN B 228 16.68 21.26 -33.24
N MET B 229 17.06 22.25 -32.42
CA MET B 229 16.97 22.12 -30.97
C MET B 229 15.60 21.61 -30.55
N LYS B 230 14.67 21.58 -31.50
CA LYS B 230 13.32 21.12 -31.25
C LYS B 230 13.24 19.60 -31.14
N HIS B 231 13.97 18.90 -32.01
CA HIS B 231 13.97 17.43 -31.99
C HIS B 231 15.02 16.84 -31.06
N PHE B 232 14.63 15.80 -30.32
CA PHE B 232 15.56 15.19 -29.39
C PHE B 232 16.71 14.49 -30.09
N GLU B 233 16.37 13.64 -31.05
CA GLU B 233 17.39 12.92 -31.81
C GLU B 233 18.49 13.84 -32.34
N SER B 234 18.23 15.15 -32.39
CA SER B 234 19.23 16.11 -32.85
C SER B 234 20.42 15.98 -31.91
N PHE B 235 20.09 15.92 -30.63
CA PHE B 235 21.07 15.81 -29.56
C PHE B 235 21.77 14.46 -29.58
N LYS B 236 21.00 13.39 -29.59
CA LYS B 236 21.59 12.05 -29.63
C LYS B 236 22.63 11.99 -30.75
N ARG B 237 22.24 12.40 -31.95
CA ARG B 237 23.13 12.35 -33.09
C ARG B 237 24.36 13.19 -32.88
N ALA B 238 24.23 14.25 -32.09
CA ALA B 238 25.40 15.07 -31.83
C ALA B 238 26.35 14.29 -30.92
N ASP B 239 25.79 13.55 -29.96
CA ASP B 239 26.59 12.74 -29.03
C ASP B 239 27.43 11.75 -29.83
N ILE B 240 26.79 11.09 -30.78
CA ILE B 240 27.44 10.11 -31.65
C ILE B 240 28.69 10.67 -32.32
N TYR B 241 28.56 11.88 -32.86
CA TYR B 241 29.67 12.53 -33.51
C TYR B 241 30.84 12.60 -32.54
N ALA B 242 30.61 13.21 -31.39
CA ALA B 242 31.67 13.34 -30.37
C ALA B 242 32.22 11.98 -30.00
N MET B 243 31.34 11.00 -29.87
CA MET B 243 31.82 9.66 -29.52
C MET B 243 32.81 9.23 -30.55
N GLY B 244 32.60 9.65 -31.79
CA GLY B 244 33.51 9.32 -32.87
C GLY B 244 34.91 9.88 -32.60
N LEU B 245 35.01 11.17 -32.33
CA LEU B 245 36.32 11.75 -32.05
C LEU B 245 36.98 11.04 -30.87
N VAL B 246 36.18 10.53 -29.94
CA VAL B 246 36.77 9.86 -28.78
C VAL B 246 37.48 8.62 -29.24
N PHE B 247 36.78 7.81 -30.04
CA PHE B 247 37.35 6.58 -30.58
C PHE B 247 38.63 6.90 -31.33
N TRP B 248 38.64 8.05 -31.99
CA TRP B 248 39.83 8.47 -32.71
C TRP B 248 41.01 8.57 -31.72
N GLU B 249 40.76 9.18 -30.56
CA GLU B 249 41.79 9.34 -29.55
C GLU B 249 42.28 8.00 -29.01
N ILE B 250 41.39 7.03 -28.91
CA ILE B 250 41.78 5.73 -28.39
C ILE B 250 42.58 4.94 -29.43
N ALA B 251 42.00 4.74 -30.61
CA ALA B 251 42.68 3.99 -31.67
C ALA B 251 44.09 4.54 -31.84
N ARG B 252 44.22 5.85 -31.70
CA ARG B 252 45.50 6.49 -31.86
C ARG B 252 46.56 5.88 -30.95
N ARG B 253 46.16 5.37 -29.79
CA ARG B 253 47.12 4.81 -28.85
C ARG B 253 47.03 3.31 -28.67
N CYS B 254 46.54 2.63 -29.71
CA CYS B 254 46.42 1.18 -29.70
C CYS B 254 47.67 0.63 -30.38
N SER B 255 48.73 0.39 -29.61
CA SER B 255 49.98 -0.09 -30.18
C SER B 255 49.91 -1.53 -30.66
N ILE B 256 50.50 -1.78 -31.82
CA ILE B 256 50.53 -3.12 -32.38
C ILE B 256 51.97 -3.46 -32.68
N GLY B 257 52.68 -3.90 -31.64
CA GLY B 257 54.07 -4.26 -31.81
C GLY B 257 54.93 -3.01 -31.89
N GLY B 258 54.89 -2.18 -30.85
CA GLY B 258 55.69 -0.96 -30.81
C GLY B 258 55.14 0.21 -31.60
N ILE B 259 54.33 -0.07 -32.62
CA ILE B 259 53.79 1.01 -33.43
C ILE B 259 52.48 1.57 -32.88
N HIS B 260 52.45 2.89 -32.73
CA HIS B 260 51.29 3.60 -32.22
C HIS B 260 51.57 5.08 -32.31
N GLU B 261 50.53 5.87 -32.56
CA GLU B 261 50.68 7.32 -32.63
C GLU B 261 50.74 7.84 -31.18
N ASP B 262 51.13 9.09 -30.98
CA ASP B 262 51.18 9.61 -29.62
C ASP B 262 49.78 10.12 -29.29
N TYR B 263 49.55 10.64 -28.09
CA TYR B 263 48.22 11.14 -27.75
C TYR B 263 48.01 12.56 -28.21
N GLN B 264 46.85 12.81 -28.82
CA GLN B 264 46.48 14.14 -29.31
C GLN B 264 44.98 14.30 -29.20
N LEU B 265 44.53 15.56 -29.12
CA LEU B 265 43.10 15.87 -29.04
C LEU B 265 42.56 15.93 -30.46
N PRO B 266 41.25 15.84 -30.62
CA PRO B 266 40.79 15.92 -32.00
C PRO B 266 41.15 17.28 -32.59
N TYR B 267 41.57 17.30 -33.87
CA TYR B 267 41.95 18.54 -34.55
C TYR B 267 43.11 19.27 -33.88
N TYR B 268 44.10 18.48 -33.44
CA TYR B 268 45.27 19.03 -32.78
C TYR B 268 46.16 19.70 -33.79
N ASP B 269 45.74 19.68 -35.05
CA ASP B 269 46.53 20.27 -36.11
C ASP B 269 45.75 21.14 -37.08
N LEU B 270 44.56 21.59 -36.67
CA LEU B 270 43.76 22.43 -37.54
C LEU B 270 43.22 23.63 -36.81
N VAL B 271 43.48 23.71 -35.51
CA VAL B 271 42.94 24.81 -34.74
C VAL B 271 43.74 25.01 -33.45
N PRO B 272 43.84 26.26 -33.00
CA PRO B 272 44.55 26.68 -31.79
C PRO B 272 44.09 25.93 -30.56
N SER B 273 44.91 25.95 -29.50
CA SER B 273 44.52 25.28 -28.27
C SER B 273 43.38 26.14 -27.71
N ASP B 274 42.29 25.47 -27.30
CA ASP B 274 41.12 26.19 -26.77
C ASP B 274 40.51 26.99 -27.92
N PRO B 275 39.91 26.27 -28.88
CA PRO B 275 39.25 26.79 -30.09
C PRO B 275 38.18 27.82 -29.81
N SER B 276 37.51 28.24 -30.87
CA SER B 276 36.42 29.19 -30.80
C SER B 276 35.36 28.63 -31.73
N VAL B 277 34.09 28.88 -31.44
CA VAL B 277 33.03 28.36 -32.28
C VAL B 277 33.27 28.68 -33.73
N GLU B 278 33.77 29.88 -33.99
CA GLU B 278 34.04 30.29 -35.37
C GLU B 278 35.11 29.37 -35.96
N GLU B 279 36.36 29.53 -35.51
CA GLU B 279 37.46 28.72 -35.99
C GLU B 279 37.07 27.27 -36.19
N MET B 280 36.48 26.68 -35.16
CA MET B 280 36.05 25.30 -35.26
C MET B 280 35.06 25.12 -36.41
N ARG B 281 34.15 26.07 -36.56
CA ARG B 281 33.16 25.97 -37.61
C ARG B 281 33.80 25.97 -39.01
N LYS B 282 34.89 26.69 -39.16
CA LYS B 282 35.59 26.78 -40.44
C LYS B 282 36.15 25.43 -40.89
N VAL B 283 36.88 24.78 -39.98
CA VAL B 283 37.49 23.50 -40.25
C VAL B 283 36.49 22.36 -40.41
N VAL B 284 35.50 22.30 -39.52
CA VAL B 284 34.49 21.25 -39.55
C VAL B 284 33.32 21.44 -40.51
N CYS B 285 32.76 22.65 -40.55
CA CYS B 285 31.61 22.91 -41.41
C CYS B 285 31.96 23.30 -42.84
N GLU B 286 32.84 24.28 -43.01
CA GLU B 286 33.24 24.71 -44.35
C GLU B 286 34.23 23.72 -44.96
N GLN B 287 35.49 23.82 -44.55
CA GLN B 287 36.52 22.93 -45.08
C GLN B 287 36.16 21.43 -44.98
N LYS B 288 35.03 21.12 -44.33
CA LYS B 288 34.57 19.75 -44.17
C LYS B 288 35.67 18.76 -43.80
N LEU B 289 36.55 19.20 -42.89
CA LEU B 289 37.64 18.37 -42.42
C LEU B 289 37.19 17.49 -41.24
N ARG B 290 38.01 16.48 -40.94
CA ARG B 290 37.75 15.54 -39.86
C ARG B 290 39.08 15.03 -39.38
N PRO B 291 39.12 14.37 -38.23
CA PRO B 291 40.42 13.86 -37.79
C PRO B 291 40.91 12.88 -38.85
N ASN B 292 42.20 12.95 -39.14
CA ASN B 292 42.77 12.07 -40.14
C ASN B 292 42.98 10.66 -39.60
N ILE B 293 42.52 9.68 -40.36
CA ILE B 293 42.66 8.28 -40.00
C ILE B 293 43.93 7.74 -40.65
N PRO B 294 44.90 7.30 -39.83
CA PRO B 294 46.15 6.76 -40.36
C PRO B 294 45.91 5.53 -41.24
N ASN B 295 46.96 5.03 -41.87
CA ASN B 295 46.85 3.84 -42.72
C ASN B 295 47.09 2.63 -41.85
N ARG B 296 47.98 2.80 -40.88
CA ARG B 296 48.32 1.75 -39.94
C ARG B 296 47.03 1.02 -39.56
N TRP B 297 45.97 1.80 -39.34
CA TRP B 297 44.68 1.25 -38.94
C TRP B 297 44.03 0.39 -40.01
N GLN B 298 44.78 0.06 -41.04
CA GLN B 298 44.23 -0.79 -42.08
C GLN B 298 44.84 -2.17 -41.90
N SER B 299 45.94 -2.19 -41.14
CA SER B 299 46.69 -3.39 -40.82
C SER B 299 45.91 -4.56 -40.23
N CYS B 300 45.06 -4.29 -39.25
CA CYS B 300 44.28 -5.37 -38.62
C CYS B 300 42.77 -5.16 -38.63
N GLU B 301 42.05 -6.24 -38.34
CA GLU B 301 40.59 -6.24 -38.33
C GLU B 301 40.02 -5.27 -37.31
N ALA B 302 40.49 -5.36 -36.08
CA ALA B 302 40.03 -4.49 -35.01
C ALA B 302 40.11 -3.04 -35.47
N LEU B 303 41.32 -2.56 -35.75
CA LEU B 303 41.49 -1.19 -36.19
C LEU B 303 40.67 -0.81 -37.43
N ARG B 304 40.31 -1.76 -38.27
CA ARG B 304 39.54 -1.42 -39.46
C ARG B 304 38.09 -1.13 -39.08
N VAL B 305 37.52 -1.98 -38.24
CA VAL B 305 36.15 -1.79 -37.78
C VAL B 305 36.02 -0.40 -37.15
N MET B 306 36.88 -0.12 -36.18
CA MET B 306 36.90 1.16 -35.50
C MET B 306 36.98 2.34 -36.46
N ALA B 307 37.89 2.26 -37.44
CA ALA B 307 38.05 3.33 -38.43
C ALA B 307 36.79 3.52 -39.26
N LYS B 308 35.98 2.48 -39.37
CA LYS B 308 34.75 2.60 -40.13
C LYS B 308 33.71 3.28 -39.26
N ILE B 309 33.66 2.89 -37.99
CA ILE B 309 32.70 3.48 -37.08
C ILE B 309 32.97 4.97 -36.97
N MET B 310 34.24 5.36 -37.01
CA MET B 310 34.56 6.79 -36.93
C MET B 310 34.01 7.48 -38.17
N ARG B 311 34.04 6.78 -39.31
CA ARG B 311 33.56 7.36 -40.55
C ARG B 311 32.05 7.51 -40.54
N GLU B 312 31.33 6.47 -40.11
CA GLU B 312 29.87 6.56 -40.05
C GLU B 312 29.39 7.29 -38.78
N CYS B 313 30.27 8.11 -38.23
CA CYS B 313 29.99 8.89 -37.03
C CYS B 313 30.27 10.37 -37.33
N TRP B 314 31.09 10.61 -38.34
CA TRP B 314 31.45 11.97 -38.69
C TRP B 314 30.66 12.58 -39.82
N TYR B 315 29.73 11.80 -40.40
CA TYR B 315 28.87 12.28 -41.50
C TYR B 315 28.36 13.67 -41.15
N ALA B 316 28.50 14.62 -42.06
CA ALA B 316 27.99 15.97 -41.80
C ALA B 316 26.48 15.92 -41.56
N ASN B 317 25.81 14.95 -42.18
CA ASN B 317 24.38 14.81 -41.99
C ASN B 317 24.10 13.87 -40.83
N GLY B 318 23.76 14.47 -39.69
CA GLY B 318 23.47 13.71 -38.50
C GLY B 318 22.53 12.53 -38.65
N ALA B 319 21.57 12.63 -39.56
CA ALA B 319 20.62 11.54 -39.73
C ALA B 319 21.21 10.34 -40.46
N ALA B 320 22.46 10.50 -40.89
CA ALA B 320 23.16 9.44 -41.60
C ALA B 320 24.13 8.70 -40.66
N ARG B 321 24.42 9.31 -39.51
CA ARG B 321 25.33 8.73 -38.53
C ARG B 321 24.78 7.43 -37.98
N LEU B 322 25.59 6.75 -37.18
CA LEU B 322 25.19 5.50 -36.56
C LEU B 322 24.55 5.78 -35.21
N THR B 323 23.81 4.81 -34.71
CA THR B 323 23.21 4.97 -33.40
C THR B 323 24.21 4.34 -32.40
N ALA B 324 24.16 4.76 -31.14
CA ALA B 324 25.06 4.21 -30.16
C ALA B 324 24.69 2.75 -29.94
N LEU B 325 23.41 2.45 -30.09
CA LEU B 325 22.93 1.10 -29.89
C LEU B 325 23.55 0.17 -30.94
N ARG B 326 23.75 0.70 -32.15
CA ARG B 326 24.30 -0.05 -33.27
C ARG B 326 25.80 -0.29 -33.05
N ILE B 327 26.53 0.76 -32.67
CA ILE B 327 27.95 0.67 -32.41
C ILE B 327 28.17 -0.35 -31.31
N LYS B 328 27.39 -0.21 -30.24
CA LYS B 328 27.50 -1.12 -29.11
C LYS B 328 27.33 -2.55 -29.59
N LYS B 329 26.53 -2.71 -30.64
CA LYS B 329 26.28 -4.04 -31.18
C LYS B 329 27.39 -4.58 -32.07
N THR B 330 27.85 -3.79 -33.05
CA THR B 330 28.92 -4.27 -33.91
C THR B 330 30.22 -4.41 -33.11
N LEU B 331 30.46 -3.48 -32.20
CA LEU B 331 31.64 -3.49 -31.35
C LEU B 331 31.59 -4.70 -30.42
N SER B 332 30.39 -5.07 -30.02
CA SER B 332 30.20 -6.20 -29.15
C SER B 332 30.59 -7.48 -29.89
N GLN B 333 30.26 -7.53 -31.18
CA GLN B 333 30.55 -8.68 -32.03
C GLN B 333 32.06 -8.83 -32.28
N LEU B 334 32.71 -7.72 -32.63
CA LEU B 334 34.15 -7.72 -32.87
C LEU B 334 34.81 -8.26 -31.62
N SER B 335 34.18 -7.97 -30.51
CA SER B 335 34.67 -8.42 -29.22
C SER B 335 34.76 -9.94 -29.15
N GLN B 336 33.70 -10.63 -29.54
CA GLN B 336 33.74 -12.09 -29.48
C GLN B 336 34.56 -12.70 -30.59
N GLN B 337 34.58 -12.05 -31.75
CA GLN B 337 35.37 -12.53 -32.87
C GLN B 337 36.81 -12.59 -32.36
N GLU B 338 37.23 -11.55 -31.65
CA GLU B 338 38.56 -11.48 -31.09
C GLU B 338 38.63 -12.37 -29.86
N GLY B 339 37.57 -13.13 -29.63
CA GLY B 339 37.53 -14.03 -28.49
C GLY B 339 37.88 -13.38 -27.17
N ILE B 340 37.34 -12.18 -26.93
CA ILE B 340 37.59 -11.46 -25.68
C ILE B 340 36.50 -11.81 -24.67
N ILE C 10 8.14 -6.74 24.09
CA ILE C 10 8.10 -8.13 24.66
C ILE C 10 7.34 -8.10 25.98
N SER C 11 6.14 -8.68 26.02
CA SER C 11 5.38 -8.64 27.27
C SER C 11 5.60 -9.81 28.21
N GLU C 12 5.03 -9.71 29.41
CA GLU C 12 5.17 -10.74 30.44
C GLU C 12 4.83 -12.14 29.98
N GLY C 13 5.58 -13.11 30.49
CA GLY C 13 5.34 -14.48 30.14
C GLY C 13 5.64 -14.88 28.72
N THR C 14 6.31 -14.01 27.96
CA THR C 14 6.64 -14.36 26.58
C THR C 14 7.89 -15.23 26.63
N THR C 15 8.09 -16.06 25.61
CA THR C 15 9.25 -16.95 25.57
C THR C 15 9.87 -17.03 24.18
N LEU C 16 11.17 -17.32 24.12
CA LEU C 16 11.88 -17.43 22.86
C LEU C 16 11.16 -18.31 21.88
N LYS C 17 10.80 -19.52 22.33
CA LYS C 17 10.08 -20.42 21.44
C LYS C 17 8.94 -19.62 20.83
N ASP C 18 8.23 -18.87 21.69
CA ASP C 18 7.11 -18.06 21.26
C ASP C 18 7.49 -17.01 20.22
N LEU C 19 8.55 -16.27 20.48
CA LEU C 19 9.01 -15.23 19.56
C LEU C 19 9.35 -15.84 18.21
N ILE C 20 10.22 -16.84 18.24
CA ILE C 20 10.61 -17.55 17.03
C ILE C 20 9.38 -17.94 16.21
N TYR C 21 8.53 -18.79 16.78
CA TYR C 21 7.33 -19.21 16.07
C TYR C 21 6.62 -18.03 15.42
N ASP C 22 6.15 -17.07 16.22
CA ASP C 22 5.44 -15.89 15.70
C ASP C 22 6.13 -15.20 14.54
N MET C 23 7.46 -15.26 14.52
CA MET C 23 8.23 -14.65 13.43
C MET C 23 8.26 -15.56 12.21
N THR C 24 8.92 -16.70 12.35
CA THR C 24 9.00 -17.69 11.28
C THR C 24 7.60 -18.25 11.02
N THR C 25 6.62 -17.34 10.95
CA THR C 25 5.25 -17.73 10.73
C THR C 25 4.33 -16.56 10.42
N SER C 26 4.84 -15.34 10.54
CA SER C 26 4.05 -14.15 10.25
C SER C 26 4.45 -13.62 8.88
N GLY C 27 3.51 -13.62 7.93
CA GLY C 27 3.77 -13.13 6.58
C GLY C 27 5.23 -13.16 6.16
N SER C 28 5.95 -12.09 6.46
CA SER C 28 7.38 -11.94 6.12
C SER C 28 8.30 -12.96 6.79
N GLY C 29 9.22 -13.52 5.99
CA GLY C 29 10.17 -14.51 6.50
C GLY C 29 11.43 -13.85 7.02
N SER C 30 11.33 -12.55 7.26
CA SER C 30 12.42 -11.71 7.76
C SER C 30 13.00 -12.15 9.13
N GLY C 31 12.78 -11.31 10.13
CA GLY C 31 13.26 -11.57 11.48
C GLY C 31 12.42 -10.81 12.48
N LEU C 32 12.99 -10.50 13.63
CA LEU C 32 12.26 -9.78 14.67
C LEU C 32 12.50 -8.27 14.53
N PRO C 33 11.48 -7.45 14.86
CA PRO C 33 11.62 -5.99 14.77
C PRO C 33 12.87 -5.60 15.54
N LEU C 34 13.53 -4.51 15.17
CA LEU C 34 14.73 -4.16 15.92
C LEU C 34 14.42 -3.89 17.38
N LEU C 35 13.36 -3.14 17.66
CA LEU C 35 13.03 -2.85 19.04
C LEU C 35 13.12 -4.14 19.86
N VAL C 36 12.59 -5.22 19.31
CA VAL C 36 12.63 -6.51 20.01
C VAL C 36 14.06 -7.05 20.10
N GLN C 37 14.69 -7.24 18.96
CA GLN C 37 16.06 -7.71 18.96
C GLN C 37 16.84 -7.04 20.07
N ARG C 38 16.84 -5.73 20.08
CA ARG C 38 17.57 -4.99 21.08
C ARG C 38 17.09 -5.29 22.49
N THR C 39 15.79 -5.41 22.70
CA THR C 39 15.29 -5.70 24.04
C THR C 39 15.73 -7.08 24.50
N ILE C 40 15.73 -8.04 23.58
CA ILE C 40 16.14 -9.39 23.92
C ILE C 40 17.59 -9.26 24.36
N ALA C 41 18.41 -8.69 23.50
CA ALA C 41 19.81 -8.53 23.81
C ALA C 41 20.06 -7.84 25.15
N ARG C 42 19.41 -6.72 25.42
CA ARG C 42 19.64 -6.00 26.66
C ARG C 42 18.98 -6.62 27.89
N THR C 43 18.52 -7.84 27.74
CA THR C 43 17.85 -8.53 28.81
C THR C 43 18.58 -9.83 29.13
N ILE C 44 19.29 -10.33 28.13
CA ILE C 44 20.07 -11.55 28.26
C ILE C 44 20.93 -11.54 29.50
N VAL C 45 20.74 -12.53 30.36
CA VAL C 45 21.54 -12.67 31.57
C VAL C 45 22.68 -13.62 31.18
N LEU C 46 23.89 -13.09 31.10
CA LEU C 46 25.05 -13.86 30.72
C LEU C 46 25.52 -14.84 31.79
N GLN C 47 25.89 -16.03 31.35
CA GLN C 47 26.38 -17.08 32.24
C GLN C 47 27.91 -17.05 32.34
N GLU C 48 28.53 -17.91 31.53
CA GLU C 48 29.98 -18.04 31.49
C GLU C 48 30.48 -18.16 30.05
N SER C 49 31.78 -18.01 29.84
CA SER C 49 32.35 -18.12 28.49
C SER C 49 32.00 -19.46 27.85
N ILE C 50 32.47 -19.70 26.64
CA ILE C 50 32.12 -20.94 25.98
C ILE C 50 32.86 -21.10 24.66
N GLY C 51 33.88 -20.28 24.45
CA GLY C 51 34.67 -20.34 23.24
C GLY C 51 35.23 -18.98 22.87
N LYS C 52 36.55 -18.90 22.71
CA LYS C 52 37.21 -17.64 22.36
C LYS C 52 37.33 -17.54 20.85
N GLY C 53 38.06 -16.53 20.39
CA GLY C 53 38.23 -16.36 18.97
C GLY C 53 38.75 -15.01 18.52
N ARG C 54 38.85 -14.88 17.20
CA ARG C 54 39.33 -13.68 16.55
C ARG C 54 38.33 -12.54 16.77
N PHE C 55 37.07 -12.79 16.41
CA PHE C 55 36.00 -11.81 16.56
C PHE C 55 35.88 -11.26 17.96
N GLY C 56 35.98 -12.13 18.95
CA GLY C 56 35.85 -11.70 20.31
C GLY C 56 35.58 -12.83 21.29
N GLU C 57 34.39 -13.43 21.24
CA GLU C 57 34.07 -14.51 22.16
C GLU C 57 32.60 -14.89 22.14
N VAL C 58 32.34 -16.19 22.23
CA VAL C 58 30.97 -16.70 22.25
C VAL C 58 30.60 -16.94 23.71
N TRP C 59 29.33 -16.75 24.05
CA TRP C 59 28.89 -16.96 25.42
C TRP C 59 27.58 -17.74 25.51
N ARG C 60 27.34 -18.28 26.70
CA ARG C 60 26.13 -19.01 26.98
C ARG C 60 25.31 -18.10 27.87
N GLY C 61 24.20 -17.62 27.32
CA GLY C 61 23.35 -16.73 28.08
C GLY C 61 21.97 -17.32 28.21
N LYS C 62 21.19 -16.78 29.14
CA LYS C 62 19.83 -17.25 29.35
C LYS C 62 18.89 -16.06 29.19
N TRP C 63 17.91 -16.15 28.30
CA TRP C 63 16.96 -15.05 28.15
C TRP C 63 15.70 -15.48 28.87
N ARG C 64 15.52 -15.02 30.10
CA ARG C 64 14.35 -15.42 30.87
C ARG C 64 14.39 -16.92 31.03
N GLY C 65 15.49 -17.44 31.56
CA GLY C 65 15.62 -18.88 31.75
C GLY C 65 16.12 -19.64 30.53
N GLU C 66 15.48 -19.41 29.39
CA GLU C 66 15.86 -20.08 28.13
C GLU C 66 17.33 -19.87 27.76
N GLU C 67 18.00 -20.97 27.39
CA GLU C 67 19.42 -20.93 27.02
C GLU C 67 19.65 -20.42 25.60
N VAL C 68 20.52 -19.44 25.49
CA VAL C 68 20.79 -18.84 24.20
C VAL C 68 22.30 -18.67 24.01
N ALA C 69 22.74 -18.46 22.76
CA ALA C 69 24.15 -18.27 22.46
C ALA C 69 24.43 -16.79 22.12
N VAL C 70 25.40 -16.19 22.80
CA VAL C 70 25.69 -14.76 22.59
C VAL C 70 27.10 -14.47 22.10
N LYS C 71 27.27 -14.14 20.82
CA LYS C 71 28.61 -13.80 20.34
C LYS C 71 28.89 -12.31 20.58
N ILE C 72 29.96 -12.03 21.30
CA ILE C 72 30.32 -10.67 21.62
C ILE C 72 31.62 -10.28 20.94
N PHE C 73 31.52 -9.45 19.90
CA PHE C 73 32.72 -9.03 19.18
C PHE C 73 33.48 -7.92 19.86
N SER C 74 34.74 -7.80 19.43
CA SER C 74 35.64 -6.77 19.93
C SER C 74 35.28 -5.50 19.18
N SER C 75 35.56 -4.34 19.78
CA SER C 75 35.25 -3.09 19.12
C SER C 75 35.87 -3.05 17.73
N ARG C 76 37.12 -3.53 17.68
CA ARG C 76 37.90 -3.59 16.46
C ARG C 76 37.27 -4.44 15.37
N GLU C 77 36.57 -5.49 15.76
CA GLU C 77 35.94 -6.38 14.79
C GLU C 77 34.55 -5.97 14.28
N GLU C 78 34.24 -4.68 14.32
CA GLU C 78 32.94 -4.26 13.93
C GLU C 78 32.47 -4.70 12.55
N ARG C 79 33.35 -4.72 11.55
CA ARG C 79 32.89 -5.09 10.22
C ARG C 79 32.36 -6.50 10.13
N SER C 80 33.02 -7.43 10.81
CA SER C 80 32.59 -8.84 10.80
C SER C 80 31.25 -8.99 11.47
N TRP C 81 31.06 -8.22 12.54
CA TRP C 81 29.82 -8.23 13.26
C TRP C 81 28.72 -7.85 12.28
N PHE C 82 28.89 -6.74 11.58
CA PHE C 82 27.91 -6.25 10.63
C PHE C 82 27.68 -7.20 9.45
N ARG C 83 28.75 -7.80 8.98
CA ARG C 83 28.69 -8.76 7.87
C ARG C 83 27.74 -9.88 8.27
N GLU C 84 28.06 -10.51 9.40
CA GLU C 84 27.29 -11.64 9.92
C GLU C 84 25.86 -11.29 10.26
N ALA C 85 25.59 -10.02 10.55
CA ALA C 85 24.23 -9.59 10.88
C ALA C 85 23.45 -9.43 9.58
N GLU C 86 24.11 -8.88 8.58
CA GLU C 86 23.46 -8.67 7.29
C GLU C 86 23.13 -10.00 6.61
N ILE C 87 24.08 -10.93 6.62
CA ILE C 87 23.86 -12.23 5.99
C ILE C 87 22.74 -13.01 6.66
N TYR C 88 22.87 -13.23 7.97
CA TYR C 88 21.87 -13.98 8.72
C TYR C 88 20.47 -13.42 8.62
N GLN C 89 20.33 -12.23 8.07
CA GLN C 89 19.01 -11.64 7.95
C GLN C 89 18.49 -11.50 6.51
N THR C 90 18.87 -12.46 5.66
CA THR C 90 18.46 -12.42 4.26
C THR C 90 17.28 -13.35 3.95
N VAL C 91 16.09 -12.74 3.92
CA VAL C 91 14.83 -13.42 3.65
C VAL C 91 14.72 -14.93 3.79
N MET C 92 14.70 -15.64 2.66
CA MET C 92 14.54 -17.09 2.69
C MET C 92 15.59 -17.87 3.47
N LEU C 93 16.70 -17.21 3.84
CA LEU C 93 17.73 -17.90 4.60
C LEU C 93 17.21 -18.24 5.98
N ARG C 94 17.00 -19.52 6.23
CA ARG C 94 16.47 -20.01 7.50
C ARG C 94 16.15 -21.46 7.25
N HIS C 95 17.06 -22.34 7.62
CA HIS C 95 16.85 -23.76 7.36
C HIS C 95 17.35 -24.61 8.51
N GLU C 96 16.64 -25.71 8.76
CA GLU C 96 16.98 -26.63 9.82
C GLU C 96 18.48 -26.76 9.99
N ASN C 97 19.22 -26.64 8.89
CA ASN C 97 20.66 -26.77 8.93
C ASN C 97 21.42 -25.46 8.90
N ILE C 98 20.78 -24.39 9.35
CA ILE C 98 21.42 -23.09 9.37
C ILE C 98 21.21 -22.42 10.72
N LEU C 99 22.31 -22.19 11.44
CA LEU C 99 22.26 -21.57 12.76
C LEU C 99 21.11 -20.59 12.94
N GLY C 100 20.28 -20.81 13.96
CA GLY C 100 19.16 -19.93 14.18
C GLY C 100 19.63 -18.59 14.69
N PHE C 101 19.28 -17.52 13.99
CA PHE C 101 19.67 -16.17 14.40
C PHE C 101 18.51 -15.54 15.16
N ILE C 102 18.81 -14.98 16.32
CA ILE C 102 17.80 -14.34 17.16
C ILE C 102 17.85 -12.83 17.03
N ALA C 103 18.98 -12.22 17.39
CA ALA C 103 19.10 -10.77 17.30
C ALA C 103 20.54 -10.27 17.29
N ALA C 104 20.69 -8.99 17.02
CA ALA C 104 22.00 -8.37 17.00
C ALA C 104 21.75 -6.99 17.59
N ASP C 105 22.76 -6.43 18.25
CA ASP C 105 22.57 -5.10 18.81
C ASP C 105 23.91 -4.46 19.10
N ASN C 106 23.91 -3.13 19.25
CA ASN C 106 25.10 -2.37 19.60
C ASN C 106 24.80 -1.58 20.88
N LYS C 107 25.84 -1.33 21.68
CA LYS C 107 25.66 -0.69 22.96
C LYS C 107 26.23 0.67 23.29
N ASP C 108 27.49 0.72 23.68
CA ASP C 108 28.05 1.99 24.09
C ASP C 108 28.60 2.90 22.99
N ASN C 109 29.71 3.57 23.28
CA ASN C 109 30.35 4.49 22.37
C ASN C 109 31.69 4.08 21.80
N GLY C 110 32.26 5.01 21.02
CA GLY C 110 33.55 4.80 20.39
C GLY C 110 34.34 3.53 20.70
N THR C 111 35.37 3.70 21.51
CA THR C 111 36.23 2.61 21.90
C THR C 111 35.50 1.45 22.55
N TRP C 112 34.61 1.80 23.47
CA TRP C 112 33.87 0.80 24.20
C TRP C 112 32.58 0.33 23.56
N THR C 113 32.46 0.50 22.24
CA THR C 113 31.26 0.05 21.56
C THR C 113 31.18 -1.45 21.78
N GLN C 114 29.99 -1.93 22.10
CA GLN C 114 29.79 -3.35 22.34
C GLN C 114 28.88 -3.94 21.27
N LEU C 115 29.42 -4.83 20.43
CA LEU C 115 28.60 -5.41 19.38
C LEU C 115 28.29 -6.88 19.64
N TRP C 116 27.02 -7.18 19.85
CA TRP C 116 26.60 -8.55 20.13
C TRP C 116 25.79 -9.16 19.02
N LEU C 117 25.75 -10.49 19.02
CA LEU C 117 24.99 -11.25 18.04
C LEU C 117 24.41 -12.38 18.88
N VAL C 118 23.14 -12.71 18.70
CA VAL C 118 22.50 -13.76 19.49
C VAL C 118 21.83 -14.85 18.65
N SER C 119 22.20 -16.09 18.91
CA SER C 119 21.64 -17.22 18.17
C SER C 119 21.27 -18.34 19.11
N ASP C 120 20.65 -19.38 18.54
CA ASP C 120 20.24 -20.54 19.31
C ASP C 120 21.50 -21.10 19.95
N TYR C 121 21.33 -21.86 21.02
CA TYR C 121 22.47 -22.46 21.72
C TYR C 121 22.39 -23.95 21.57
N HIS C 122 23.49 -24.54 21.11
CA HIS C 122 23.56 -25.98 20.90
C HIS C 122 24.62 -26.61 21.81
N GLU C 123 24.17 -27.24 22.89
CA GLU C 123 25.06 -27.86 23.89
C GLU C 123 26.31 -28.57 23.39
N HIS C 124 26.17 -29.41 22.38
CA HIS C 124 27.31 -30.16 21.87
C HIS C 124 28.47 -29.28 21.39
N GLY C 125 28.22 -28.49 20.35
CA GLY C 125 29.27 -27.61 19.85
C GLY C 125 29.51 -27.85 18.37
N SER C 126 30.76 -27.66 17.97
CA SER C 126 31.15 -27.85 16.58
C SER C 126 31.77 -29.23 16.41
N LEU C 127 31.69 -29.77 15.20
CA LEU C 127 32.27 -31.07 14.93
C LEU C 127 33.63 -31.16 15.62
N PHE C 128 34.46 -30.13 15.46
CA PHE C 128 35.78 -30.14 16.09
C PHE C 128 35.75 -30.42 17.60
N ASP C 129 34.60 -30.23 18.22
CA ASP C 129 34.48 -30.47 19.64
C ASP C 129 33.86 -31.86 19.86
N TYR C 130 32.87 -32.15 19.01
CA TYR C 130 32.11 -33.40 19.02
C TYR C 130 32.92 -34.59 18.48
N LEU C 131 33.89 -34.33 17.60
CA LEU C 131 34.73 -35.39 17.05
C LEU C 131 35.99 -35.60 17.86
N ASN C 132 36.58 -34.52 18.38
CA ASN C 132 37.76 -34.68 19.22
C ASN C 132 37.23 -35.14 20.58
N ARG C 133 36.23 -36.01 20.56
CA ARG C 133 35.63 -36.52 21.79
C ARG C 133 34.86 -37.84 21.59
N TYR C 134 34.05 -37.92 20.53
CA TYR C 134 33.27 -39.13 20.26
C TYR C 134 33.55 -39.79 18.91
N THR C 135 32.97 -40.98 18.71
CA THR C 135 33.15 -41.74 17.47
C THR C 135 31.82 -42.19 16.88
N VAL C 136 31.20 -41.28 16.12
CA VAL C 136 29.91 -41.52 15.50
C VAL C 136 29.70 -42.88 14.85
N THR C 137 28.46 -43.35 14.92
CA THR C 137 28.06 -44.61 14.30
C THR C 137 28.09 -44.30 12.82
N VAL C 138 28.58 -45.23 12.02
CA VAL C 138 28.66 -45.02 10.58
C VAL C 138 27.30 -44.62 9.99
N GLU C 139 26.24 -44.76 10.79
CA GLU C 139 24.90 -44.39 10.38
C GLU C 139 24.69 -42.93 10.80
N GLY C 140 25.31 -42.55 11.91
CA GLY C 140 25.23 -41.18 12.39
C GLY C 140 26.15 -40.30 11.59
N MET C 141 27.20 -40.90 11.04
CA MET C 141 28.17 -40.18 10.21
C MET C 141 27.47 -39.72 8.94
N ILE C 142 26.36 -40.38 8.62
CA ILE C 142 25.60 -40.03 7.42
C ILE C 142 24.76 -38.76 7.56
N LYS C 143 24.06 -38.59 8.68
CA LYS C 143 23.26 -37.37 8.89
C LYS C 143 24.19 -36.22 9.26
N LEU C 144 25.13 -36.52 10.15
CA LEU C 144 26.12 -35.55 10.61
C LEU C 144 26.79 -34.86 9.41
N ALA C 145 26.79 -35.53 8.27
CA ALA C 145 27.40 -34.97 7.07
C ALA C 145 26.38 -34.77 5.95
N LEU C 146 25.17 -35.28 6.14
CA LEU C 146 24.11 -35.12 5.13
C LEU C 146 23.51 -33.74 5.38
N SER C 147 23.54 -33.32 6.63
CA SER C 147 23.03 -32.02 7.02
C SER C 147 23.96 -30.99 6.39
N THR C 148 25.24 -31.10 6.73
CA THR C 148 26.27 -30.21 6.22
C THR C 148 26.05 -29.98 4.74
N ALA C 149 25.40 -30.93 4.09
CA ALA C 149 25.12 -30.81 2.68
C ALA C 149 23.70 -30.27 2.52
N SER C 150 22.73 -30.91 3.18
CA SER C 150 21.35 -30.46 3.08
C SER C 150 21.29 -28.95 3.33
N GLY C 151 22.24 -28.47 4.13
CA GLY C 151 22.31 -27.06 4.46
C GLY C 151 23.08 -26.24 3.43
N LEU C 152 24.36 -26.54 3.28
CA LEU C 152 25.22 -25.83 2.32
C LEU C 152 24.56 -25.80 0.95
N ALA C 153 23.58 -26.68 0.77
CA ALA C 153 22.85 -26.75 -0.48
C ALA C 153 21.95 -25.53 -0.50
N HIS C 154 21.25 -25.33 0.61
CA HIS C 154 20.34 -24.20 0.77
C HIS C 154 21.12 -22.89 0.73
N LEU C 155 22.34 -22.92 1.25
CA LEU C 155 23.18 -21.74 1.29
C LEU C 155 23.52 -21.27 -0.13
N HIS C 156 23.95 -22.21 -0.98
CA HIS C 156 24.28 -21.90 -2.37
C HIS C 156 22.99 -21.79 -3.19
N MET C 157 21.97 -22.54 -2.78
CA MET C 157 20.69 -22.55 -3.46
C MET C 157 20.14 -21.14 -3.60
N GLU C 158 20.17 -20.61 -4.82
CA GLU C 158 19.66 -19.28 -5.09
C GLU C 158 18.15 -19.31 -5.32
N ILE C 159 17.55 -18.15 -5.57
CA ILE C 159 16.13 -18.03 -5.85
C ILE C 159 15.94 -16.74 -6.63
N VAL C 160 14.77 -16.58 -7.24
CA VAL C 160 14.48 -15.40 -8.02
C VAL C 160 13.14 -14.76 -7.64
N GLY C 161 12.84 -13.62 -8.26
CA GLY C 161 11.60 -12.91 -7.98
C GLY C 161 11.80 -11.75 -7.02
N THR C 162 11.13 -11.83 -5.87
CA THR C 162 11.26 -10.81 -4.82
C THR C 162 11.68 -11.46 -3.51
N GLN C 163 10.77 -12.23 -2.91
CA GLN C 163 11.08 -12.91 -1.67
C GLN C 163 12.39 -13.68 -1.88
N GLY C 164 12.52 -14.33 -3.03
CA GLY C 164 13.71 -15.09 -3.35
C GLY C 164 15.01 -14.58 -2.78
N LYS C 165 15.71 -15.43 -2.04
CA LYS C 165 16.99 -15.09 -1.43
C LYS C 165 18.05 -15.10 -2.52
N PRO C 166 19.30 -14.85 -2.14
CA PRO C 166 20.38 -14.86 -3.11
C PRO C 166 21.31 -16.05 -2.88
N ALA C 167 22.09 -16.41 -3.88
CA ALA C 167 23.03 -17.52 -3.70
C ALA C 167 24.02 -17.04 -2.63
N ILE C 168 24.68 -17.95 -1.93
CA ILE C 168 25.59 -17.50 -0.89
C ILE C 168 26.81 -18.38 -0.65
N ALA C 169 27.98 -17.89 -1.01
CA ALA C 169 29.20 -18.66 -0.81
C ALA C 169 29.65 -18.53 0.63
N HIS C 170 29.85 -19.65 1.31
CA HIS C 170 30.28 -19.61 2.71
C HIS C 170 31.68 -19.07 2.88
N ARG C 171 32.46 -19.15 1.80
CA ARG C 171 33.84 -18.66 1.78
C ARG C 171 34.74 -19.03 2.98
N ASP C 172 34.36 -20.06 3.72
CA ASP C 172 35.18 -20.48 4.85
C ASP C 172 34.63 -21.68 5.58
N LEU C 173 33.97 -22.57 4.83
CA LEU C 173 33.39 -23.75 5.44
C LEU C 173 34.50 -24.50 6.18
N LYS C 174 34.15 -25.15 7.28
CA LYS C 174 35.13 -25.86 8.08
C LYS C 174 34.45 -26.81 9.09
N SER C 175 35.25 -27.33 10.03
CA SER C 175 34.76 -28.23 11.06
C SER C 175 34.04 -27.44 12.13
N LYS C 176 34.78 -26.50 12.73
CA LYS C 176 34.27 -25.65 13.79
C LYS C 176 33.08 -24.75 13.43
N ASN C 177 33.06 -24.25 12.20
CA ASN C 177 31.96 -23.40 11.78
C ASN C 177 30.72 -24.26 11.49
N ILE C 178 30.77 -25.51 11.93
CA ILE C 178 29.66 -26.44 11.76
C ILE C 178 29.20 -26.75 13.17
N LEU C 179 27.89 -26.83 13.37
CA LEU C 179 27.36 -27.11 14.68
C LEU C 179 26.43 -28.29 14.61
N VAL C 180 26.61 -29.22 15.54
CA VAL C 180 25.79 -30.41 15.61
C VAL C 180 24.76 -30.25 16.73
N LYS C 181 23.48 -30.34 16.34
CA LYS C 181 22.39 -30.19 17.28
C LYS C 181 22.38 -31.19 18.41
N LYS C 182 21.19 -31.61 18.80
CA LYS C 182 20.99 -32.57 19.87
C LYS C 182 20.77 -33.92 19.22
N ASN C 183 20.07 -33.90 18.08
CA ASN C 183 19.74 -35.11 17.35
C ASN C 183 20.47 -35.26 16.02
N GLY C 184 21.75 -35.63 16.07
CA GLY C 184 22.54 -35.82 14.87
C GLY C 184 22.76 -34.61 13.98
N THR C 185 21.70 -34.20 13.27
CA THR C 185 21.73 -33.06 12.36
C THR C 185 22.70 -31.91 12.72
N CYS C 186 23.04 -31.12 11.70
CA CYS C 186 23.95 -29.97 11.86
C CYS C 186 23.37 -28.72 11.22
N CYS C 187 24.13 -27.64 11.31
CA CYS C 187 23.73 -26.37 10.73
C CYS C 187 24.96 -25.53 10.41
N ILE C 188 24.95 -24.88 9.26
CA ILE C 188 26.06 -24.05 8.84
C ILE C 188 26.11 -22.84 9.75
N ALA C 189 27.29 -22.56 10.31
CA ALA C 189 27.44 -21.43 11.20
C ALA C 189 28.58 -20.51 10.77
N ASP C 190 28.73 -19.41 11.50
CA ASP C 190 29.78 -18.42 11.26
C ASP C 190 29.89 -17.92 9.81
N LEU C 191 28.99 -17.00 9.42
CA LEU C 191 28.97 -16.45 8.06
C LEU C 191 29.55 -15.05 7.86
N GLY C 192 30.55 -14.66 8.67
CA GLY C 192 31.13 -13.33 8.53
C GLY C 192 31.90 -13.07 7.25
N LEU C 193 32.27 -14.15 6.55
CA LEU C 193 33.02 -14.06 5.30
C LEU C 193 32.17 -14.46 4.11
N ALA C 194 31.00 -15.01 4.37
CA ALA C 194 30.10 -15.39 3.29
C ALA C 194 29.86 -14.20 2.36
N VAL C 195 29.64 -14.48 1.08
CA VAL C 195 29.38 -13.45 0.08
C VAL C 195 28.08 -13.78 -0.63
N ARG C 196 27.34 -12.75 -1.04
CA ARG C 196 26.09 -12.98 -1.72
C ARG C 196 26.22 -12.83 -3.23
N HIS C 197 25.12 -13.11 -3.93
CA HIS C 197 25.07 -12.98 -5.38
C HIS C 197 23.66 -12.67 -5.84
N ASP C 198 23.42 -11.40 -6.15
CA ASP C 198 22.11 -10.99 -6.63
C ASP C 198 22.10 -11.25 -8.12
N SER C 199 21.48 -12.36 -8.52
CA SER C 199 21.39 -12.73 -9.92
C SER C 199 20.46 -11.79 -10.68
N ALA C 200 19.58 -11.10 -9.96
CA ALA C 200 18.64 -10.18 -10.59
C ALA C 200 19.41 -9.13 -11.41
N THR C 201 20.59 -8.71 -10.92
CA THR C 201 21.43 -7.72 -11.61
C THR C 201 22.85 -8.26 -11.74
N ASP C 202 23.04 -9.51 -11.35
CA ASP C 202 24.35 -10.16 -11.39
C ASP C 202 25.36 -9.26 -10.69
N THR C 203 25.42 -9.36 -9.36
CA THR C 203 26.34 -8.56 -8.59
C THR C 203 26.84 -9.41 -7.44
N ILE C 204 27.81 -8.88 -6.67
CA ILE C 204 28.34 -9.60 -5.52
C ILE C 204 28.47 -8.72 -4.29
N ASP C 205 28.06 -9.28 -3.16
CA ASP C 205 28.09 -8.60 -1.86
C ASP C 205 29.47 -8.08 -1.53
N ILE C 206 30.36 -8.97 -1.07
CA ILE C 206 31.71 -8.57 -0.73
C ILE C 206 32.49 -8.23 -1.97
N ALA C 207 32.84 -6.96 -2.11
CA ALA C 207 33.62 -6.46 -3.23
C ALA C 207 35.12 -6.74 -2.97
N PRO C 208 35.57 -6.60 -1.72
CA PRO C 208 36.98 -6.85 -1.39
C PRO C 208 37.41 -8.28 -1.68
N ASN C 209 38.29 -8.43 -2.67
CA ASN C 209 38.77 -9.75 -3.07
C ASN C 209 40.21 -10.05 -2.70
N HIS C 210 40.52 -9.89 -1.41
CA HIS C 210 41.83 -10.20 -0.89
C HIS C 210 41.67 -11.64 -0.43
N ARG C 211 42.76 -12.40 -0.30
CA ARG C 211 42.64 -13.79 0.13
C ARG C 211 41.98 -13.91 1.50
N VAL C 212 40.80 -14.53 1.50
CA VAL C 212 39.99 -14.73 2.69
C VAL C 212 39.73 -16.21 2.96
N GLY C 213 39.97 -16.64 4.20
CA GLY C 213 39.74 -18.02 4.55
C GLY C 213 40.69 -18.51 5.63
N THR C 214 40.49 -19.75 6.09
CA THR C 214 41.34 -20.32 7.12
C THR C 214 42.33 -21.32 6.50
N LYS C 215 43.47 -20.78 6.07
CA LYS C 215 44.56 -21.53 5.45
C LYS C 215 44.30 -23.02 5.20
N ARG C 216 44.51 -23.83 6.23
CA ARG C 216 44.33 -25.27 6.18
C ARG C 216 43.29 -25.77 5.18
N TYR C 217 42.06 -25.27 5.30
CA TYR C 217 40.98 -25.71 4.41
C TYR C 217 40.86 -24.91 3.12
N MET C 218 41.78 -23.99 2.88
CA MET C 218 41.73 -23.18 1.67
C MET C 218 41.88 -24.05 0.43
N ALA C 219 40.99 -23.85 -0.54
CA ALA C 219 41.02 -24.60 -1.81
C ALA C 219 42.23 -24.23 -2.67
N PRO C 220 42.54 -25.05 -3.68
CA PRO C 220 43.69 -24.75 -4.55
C PRO C 220 43.56 -23.38 -5.20
N GLU C 221 42.42 -23.18 -5.86
CA GLU C 221 42.12 -21.93 -6.56
C GLU C 221 42.67 -20.69 -5.88
N VAL C 222 42.54 -20.63 -4.55
CA VAL C 222 43.00 -19.47 -3.79
C VAL C 222 44.35 -19.64 -3.10
N LEU C 223 44.86 -20.87 -3.02
CA LEU C 223 46.15 -21.08 -2.38
C LEU C 223 47.29 -20.46 -3.19
N ASP C 224 47.28 -20.73 -4.50
CA ASP C 224 48.30 -20.21 -5.42
C ASP C 224 47.90 -18.83 -5.95
N ASP C 225 46.58 -18.60 -6.00
CA ASP C 225 45.99 -17.34 -6.48
C ASP C 225 45.72 -17.43 -7.96
N SER C 226 44.56 -17.99 -8.31
CA SER C 226 44.15 -18.15 -9.69
C SER C 226 42.68 -18.52 -9.73
N ILE C 227 41.83 -17.69 -9.14
CA ILE C 227 40.41 -17.98 -9.11
C ILE C 227 39.53 -16.91 -9.73
N ASN C 228 38.58 -17.37 -10.52
CA ASN C 228 37.63 -16.52 -11.23
C ASN C 228 36.68 -15.78 -10.28
N MET C 229 36.47 -14.48 -10.53
CA MET C 229 35.58 -13.67 -9.69
C MET C 229 34.35 -13.24 -10.50
N LYS C 230 34.51 -13.12 -11.81
CA LYS C 230 33.43 -12.73 -12.71
C LYS C 230 32.32 -13.79 -12.68
N HIS C 231 32.65 -14.94 -12.08
CA HIS C 231 31.70 -16.04 -11.94
C HIS C 231 31.58 -16.39 -10.46
N PHE C 232 30.38 -16.16 -9.91
CA PHE C 232 30.09 -16.45 -8.51
C PHE C 232 30.30 -17.95 -8.27
N GLU C 233 30.03 -18.75 -9.31
CA GLU C 233 30.18 -20.21 -9.28
C GLU C 233 31.57 -20.64 -8.84
N SER C 234 32.57 -19.82 -9.13
CA SER C 234 33.95 -20.14 -8.76
C SER C 234 34.08 -20.17 -7.25
N PHE C 235 33.07 -19.62 -6.56
CA PHE C 235 33.07 -19.60 -5.11
C PHE C 235 32.42 -20.86 -4.55
N LYS C 236 31.27 -21.23 -5.11
CA LYS C 236 30.57 -22.43 -4.67
C LYS C 236 31.52 -23.63 -4.70
N ARG C 237 32.55 -23.53 -5.54
CA ARG C 237 33.56 -24.56 -5.65
C ARG C 237 34.39 -24.59 -4.38
N ALA C 238 35.18 -23.53 -4.19
CA ALA C 238 36.06 -23.38 -3.03
C ALA C 238 35.52 -24.07 -1.77
N ASP C 239 34.20 -23.98 -1.58
CA ASP C 239 33.55 -24.58 -0.41
C ASP C 239 33.39 -26.09 -0.55
N ILE C 240 32.89 -26.55 -1.70
CA ILE C 240 32.71 -27.98 -1.92
C ILE C 240 34.00 -28.73 -1.61
N TYR C 241 35.14 -28.11 -1.85
CA TYR C 241 36.45 -28.71 -1.58
C TYR C 241 36.74 -28.78 -0.08
N ALA C 242 36.49 -27.68 0.62
CA ALA C 242 36.72 -27.60 2.05
C ALA C 242 35.73 -28.48 2.79
N MET C 243 34.57 -28.70 2.18
CA MET C 243 33.53 -29.55 2.76
C MET C 243 34.00 -30.99 2.73
N GLY C 244 34.88 -31.30 1.79
CA GLY C 244 35.42 -32.63 1.66
C GLY C 244 36.45 -32.87 2.76
N LEU C 245 37.38 -31.93 2.91
CA LEU C 245 38.41 -32.04 3.95
C LEU C 245 37.76 -32.29 5.30
N VAL C 246 36.48 -31.93 5.40
CA VAL C 246 35.71 -32.10 6.64
C VAL C 246 35.21 -33.53 6.79
N PHE C 247 34.60 -34.08 5.74
CA PHE C 247 34.12 -35.46 5.77
C PHE C 247 35.26 -36.39 6.18
N TRP C 248 36.48 -35.93 5.93
CA TRP C 248 37.71 -36.66 6.24
C TRP C 248 37.98 -36.62 7.74
N GLU C 249 37.41 -35.62 8.41
CA GLU C 249 37.57 -35.45 9.85
C GLU C 249 36.42 -36.25 10.47
N ILE C 250 35.36 -36.42 9.67
CA ILE C 250 34.16 -37.13 10.07
C ILE C 250 34.37 -38.65 10.03
N ALA C 251 34.71 -39.18 8.85
CA ALA C 251 34.92 -40.61 8.68
C ALA C 251 36.07 -41.16 9.53
N ARG C 252 37.11 -40.37 9.73
CA ARG C 252 38.27 -40.76 10.54
C ARG C 252 37.86 -41.04 11.98
N ARG C 253 36.76 -40.43 12.42
CA ARG C 253 36.25 -40.62 13.79
C ARG C 253 35.00 -41.48 13.78
N CYS C 254 34.71 -42.04 12.61
CA CYS C 254 33.57 -42.94 12.41
C CYS C 254 34.11 -44.35 12.62
N SER C 255 33.94 -44.86 13.84
CA SER C 255 34.42 -46.19 14.21
C SER C 255 33.56 -47.32 13.63
N ILE C 256 34.18 -48.49 13.48
CA ILE C 256 33.52 -49.69 12.97
C ILE C 256 34.10 -50.86 13.73
N GLY C 257 33.31 -51.46 14.59
CA GLY C 257 33.80 -52.59 15.35
C GLY C 257 35.11 -52.25 16.06
N GLY C 258 35.23 -51.01 16.52
CA GLY C 258 36.43 -50.60 17.22
C GLY C 258 37.52 -50.06 16.33
N ILE C 259 37.21 -49.82 15.05
CA ILE C 259 38.22 -49.29 14.12
C ILE C 259 37.95 -47.82 13.77
N HIS C 260 38.76 -46.93 14.35
CA HIS C 260 38.63 -45.50 14.13
C HIS C 260 39.96 -44.80 14.43
N GLU C 261 40.46 -44.02 13.48
CA GLU C 261 41.71 -43.30 13.72
C GLU C 261 41.39 -42.16 14.68
N ASP C 262 42.34 -41.24 14.84
CA ASP C 262 42.10 -40.11 15.74
C ASP C 262 42.03 -38.82 14.95
N TYR C 263 41.03 -38.01 15.28
CA TYR C 263 40.79 -36.73 14.62
C TYR C 263 42.05 -35.97 14.24
N GLN C 264 42.08 -35.51 13.00
CA GLN C 264 43.23 -34.75 12.50
C GLN C 264 42.79 -33.67 11.51
N LEU C 265 43.39 -32.49 11.63
CA LEU C 265 43.08 -31.37 10.75
C LEU C 265 43.70 -31.74 9.41
N PRO C 266 42.89 -31.83 8.34
CA PRO C 266 43.42 -32.17 7.02
C PRO C 266 44.86 -31.68 6.83
N TYR C 267 45.72 -32.53 6.26
CA TYR C 267 47.13 -32.18 6.05
C TYR C 267 47.78 -32.00 7.43
N TYR C 268 47.54 -32.94 8.34
CA TYR C 268 48.09 -32.87 9.70
C TYR C 268 49.48 -33.50 9.74
N ASP C 269 49.82 -34.18 8.65
CA ASP C 269 51.10 -34.84 8.48
C ASP C 269 51.94 -34.07 7.46
N LEU C 270 51.26 -33.24 6.68
CA LEU C 270 51.89 -32.42 5.64
C LEU C 270 52.06 -30.94 6.05
N VAL C 271 52.07 -30.67 7.36
CA VAL C 271 52.24 -29.32 7.93
C VAL C 271 51.71 -29.22 9.36
N PRO C 272 52.54 -28.70 10.28
CA PRO C 272 52.20 -28.53 11.71
C PRO C 272 50.97 -27.65 11.95
N SER C 273 51.21 -26.44 12.44
CA SER C 273 50.17 -25.46 12.72
C SER C 273 50.51 -24.21 11.90
N ASP C 274 49.83 -23.10 12.17
CA ASP C 274 50.10 -21.85 11.44
C ASP C 274 50.34 -22.14 9.95
N PRO C 275 49.58 -23.08 9.36
CA PRO C 275 49.72 -23.45 7.95
C PRO C 275 49.78 -22.29 6.96
N SER C 276 50.93 -21.61 6.92
CA SER C 276 51.11 -20.48 6.00
C SER C 276 50.89 -20.94 4.56
N VAL C 277 50.37 -20.05 3.72
CA VAL C 277 50.13 -20.38 2.31
C VAL C 277 51.41 -21.01 1.80
N GLU C 278 52.52 -20.50 2.31
CA GLU C 278 53.86 -20.97 1.98
C GLU C 278 53.92 -22.49 2.03
N GLU C 279 53.82 -23.03 3.24
CA GLU C 279 53.87 -24.47 3.46
C GLU C 279 52.52 -25.18 3.31
N MET C 280 51.66 -24.63 2.46
CA MET C 280 50.35 -25.21 2.20
C MET C 280 50.14 -25.32 0.70
N ARG C 281 50.16 -24.16 0.04
CA ARG C 281 49.99 -24.04 -1.40
C ARG C 281 50.90 -24.96 -2.20
N LYS C 282 52.20 -24.88 -1.90
CA LYS C 282 53.20 -25.71 -2.56
C LYS C 282 52.76 -27.17 -2.50
N VAL C 283 52.21 -27.55 -1.35
CA VAL C 283 51.75 -28.91 -1.11
C VAL C 283 50.44 -29.26 -1.83
N VAL C 284 49.58 -28.26 -2.04
CA VAL C 284 48.29 -28.51 -2.68
C VAL C 284 48.23 -28.25 -4.18
N CYS C 285 49.00 -27.29 -4.67
CA CYS C 285 49.00 -26.95 -6.09
C CYS C 285 50.12 -27.64 -6.86
N GLU C 286 51.31 -27.62 -6.26
CA GLU C 286 52.49 -28.23 -6.88
C GLU C 286 52.67 -29.73 -6.56
N GLN C 287 52.63 -30.10 -5.29
CA GLN C 287 52.78 -31.51 -4.92
C GLN C 287 51.51 -32.34 -5.09
N LYS C 288 50.46 -31.72 -5.62
CA LYS C 288 49.16 -32.37 -5.86
C LYS C 288 48.72 -33.36 -4.76
N LEU C 289 49.06 -33.02 -3.51
CA LEU C 289 48.74 -33.83 -2.34
C LEU C 289 47.38 -33.49 -1.72
N ARG C 290 46.59 -34.52 -1.46
CA ARG C 290 45.27 -34.38 -0.85
C ARG C 290 45.25 -35.20 0.45
N PRO C 291 44.22 -35.03 1.29
CA PRO C 291 44.14 -35.78 2.55
C PRO C 291 44.34 -37.28 2.34
N ASN C 292 45.07 -37.92 3.25
CA ASN C 292 45.35 -39.35 3.15
C ASN C 292 44.17 -40.31 3.35
N ILE C 293 43.37 -40.51 2.30
CA ILE C 293 42.21 -41.41 2.35
C ILE C 293 42.63 -42.85 2.58
N PRO C 294 42.54 -43.33 3.84
CA PRO C 294 42.90 -44.68 4.29
C PRO C 294 42.52 -45.89 3.41
N ASN C 295 43.20 -46.99 3.70
CA ASN C 295 43.02 -48.27 3.00
C ASN C 295 41.77 -48.98 3.54
N ARG C 296 41.71 -49.13 4.86
CA ARG C 296 40.57 -49.79 5.51
C ARG C 296 39.24 -49.13 5.10
N TRP C 297 39.33 -47.89 4.63
CA TRP C 297 38.16 -47.11 4.21
C TRP C 297 37.40 -47.69 3.01
N GLN C 298 37.64 -48.96 2.69
CA GLN C 298 36.94 -49.57 1.57
C GLN C 298 36.10 -50.77 1.97
N SER C 299 36.18 -51.14 3.24
CA SER C 299 35.42 -52.28 3.78
C SER C 299 33.93 -51.96 3.85
N CYS C 300 33.62 -50.68 4.06
CA CYS C 300 32.24 -50.23 4.19
C CYS C 300 31.65 -49.57 2.96
N GLU C 301 30.32 -49.60 2.90
CA GLU C 301 29.55 -49.00 1.80
C GLU C 301 29.56 -47.47 1.93
N ALA C 302 29.52 -47.00 3.17
CA ALA C 302 29.52 -45.58 3.45
C ALA C 302 30.90 -45.02 3.14
N LEU C 303 31.89 -45.45 3.92
CA LEU C 303 33.27 -45.01 3.75
C LEU C 303 33.62 -44.83 2.27
N ARG C 304 33.09 -45.72 1.43
CA ARG C 304 33.36 -45.71 0.00
C ARG C 304 32.60 -44.61 -0.77
N VAL C 305 31.27 -44.61 -0.69
CA VAL C 305 30.48 -43.59 -1.39
C VAL C 305 30.82 -42.20 -0.86
N MET C 306 31.37 -42.13 0.35
CA MET C 306 31.77 -40.88 1.00
C MET C 306 33.14 -40.44 0.50
N ALA C 307 34.03 -41.41 0.28
CA ALA C 307 35.38 -41.15 -0.21
C ALA C 307 35.38 -40.99 -1.73
N LYS C 308 34.25 -41.34 -2.35
CA LYS C 308 34.06 -41.19 -3.81
C LYS C 308 33.66 -39.74 -4.04
N ILE C 309 32.97 -39.18 -3.04
CA ILE C 309 32.52 -37.81 -3.06
C ILE C 309 33.72 -36.95 -2.63
N MET C 310 34.43 -37.40 -1.58
CA MET C 310 35.60 -36.70 -1.06
C MET C 310 36.58 -36.30 -2.16
N ARG C 311 36.78 -37.20 -3.11
CA ARG C 311 37.68 -36.94 -4.22
C ARG C 311 37.05 -36.02 -5.27
N GLU C 312 35.74 -36.13 -5.46
CA GLU C 312 35.04 -35.29 -6.44
C GLU C 312 34.92 -33.85 -5.96
N CYS C 313 35.75 -33.52 -4.98
CA CYS C 313 35.77 -32.19 -4.40
C CYS C 313 37.23 -31.72 -4.33
N TRP C 314 38.15 -32.67 -4.44
CA TRP C 314 39.58 -32.38 -4.40
C TRP C 314 40.20 -32.19 -5.80
N TYR C 315 39.34 -32.07 -6.80
CA TYR C 315 39.77 -31.86 -8.18
C TYR C 315 40.46 -30.50 -8.25
N ALA C 316 41.72 -30.47 -8.68
CA ALA C 316 42.42 -29.20 -8.80
C ALA C 316 41.49 -28.27 -9.59
N ASN C 317 40.67 -28.87 -10.46
CA ASN C 317 39.72 -28.12 -11.25
C ASN C 317 38.31 -28.25 -10.64
N GLY C 318 37.77 -27.12 -10.22
CA GLY C 318 36.46 -27.11 -9.60
C GLY C 318 35.26 -27.32 -10.50
N ALA C 319 35.36 -26.87 -11.75
CA ALA C 319 34.26 -27.00 -12.71
C ALA C 319 33.73 -28.44 -12.77
N ALA C 320 34.63 -29.39 -12.56
CA ALA C 320 34.26 -30.79 -12.62
C ALA C 320 33.75 -31.33 -11.27
N ARG C 321 33.82 -30.50 -10.23
CA ARG C 321 33.37 -30.89 -8.89
C ARG C 321 31.86 -31.09 -8.82
N LEU C 322 31.44 -32.06 -8.02
CA LEU C 322 30.02 -32.34 -7.85
C LEU C 322 29.40 -31.19 -7.05
N THR C 323 28.45 -30.50 -7.66
CA THR C 323 27.80 -29.38 -7.01
C THR C 323 27.31 -29.75 -5.61
N ALA C 324 26.80 -28.76 -4.88
CA ALA C 324 26.29 -29.00 -3.53
C ALA C 324 24.99 -29.79 -3.60
N LEU C 325 23.98 -29.21 -4.26
CA LEU C 325 22.68 -29.85 -4.41
C LEU C 325 22.86 -31.30 -4.82
N ARG C 326 24.00 -31.59 -5.46
CA ARG C 326 24.32 -32.94 -5.90
C ARG C 326 24.55 -33.84 -4.68
N ILE C 327 25.66 -33.63 -3.97
CA ILE C 327 25.96 -34.44 -2.80
C ILE C 327 24.75 -34.58 -1.87
N LYS C 328 23.79 -33.68 -2.00
CA LYS C 328 22.59 -33.71 -1.18
C LYS C 328 21.57 -34.66 -1.80
N LYS C 329 21.94 -35.24 -2.94
CA LYS C 329 21.04 -36.16 -3.64
C LYS C 329 21.59 -37.58 -3.60
N THR C 330 22.91 -37.71 -3.55
CA THR C 330 23.54 -39.04 -3.50
C THR C 330 23.87 -39.43 -2.06
N LEU C 331 24.43 -38.49 -1.31
CA LEU C 331 24.79 -38.74 0.08
C LEU C 331 23.51 -38.80 0.91
N SER C 332 22.39 -38.46 0.27
CA SER C 332 21.08 -38.48 0.91
C SER C 332 20.38 -39.82 0.75
N GLN C 333 20.59 -40.47 -0.40
CA GLN C 333 19.99 -41.78 -0.66
C GLN C 333 20.81 -42.92 -0.06
N LEU C 334 22.05 -42.61 0.33
CA LEU C 334 22.95 -43.58 0.95
C LEU C 334 22.51 -43.80 2.40
N SER C 335 21.29 -43.38 2.70
CA SER C 335 20.74 -43.52 4.05
C SER C 335 19.25 -43.88 3.97
N GLN C 336 18.71 -43.87 2.76
CA GLN C 336 17.29 -44.20 2.52
C GLN C 336 17.09 -45.71 2.41
N GLN C 337 18.16 -46.47 2.65
CA GLN C 337 18.11 -47.92 2.59
C GLN C 337 18.54 -48.51 3.93
N GLU C 338 18.43 -47.70 4.98
CA GLU C 338 18.78 -48.08 6.34
C GLU C 338 17.73 -47.49 7.29
N GLY C 339 17.07 -46.43 6.84
CA GLY C 339 16.05 -45.78 7.63
C GLY C 339 16.41 -44.33 7.96
N ILE D 10 -9.99 24.30 6.65
CA ILE D 10 -10.86 24.67 5.49
C ILE D 10 -10.51 26.08 5.01
N SER D 11 -9.85 26.17 3.85
CA SER D 11 -9.42 27.45 3.35
C SER D 11 -10.49 28.47 3.00
N GLU D 12 -10.07 29.74 3.01
CA GLU D 12 -10.93 30.88 2.70
C GLU D 12 -11.80 30.55 1.49
N GLY D 13 -13.00 31.10 1.46
CA GLY D 13 -13.89 30.89 0.33
C GLY D 13 -14.38 29.48 0.02
N THR D 14 -14.08 28.51 0.88
CA THR D 14 -14.57 27.18 0.61
C THR D 14 -16.04 27.26 0.95
N THR D 15 -16.87 26.59 0.15
CA THR D 15 -18.29 26.57 0.43
C THR D 15 -18.68 25.15 0.74
N LEU D 16 -19.82 24.99 1.41
CA LEU D 16 -20.29 23.66 1.78
C LEU D 16 -20.38 22.84 0.49
N LYS D 17 -20.99 23.44 -0.54
CA LYS D 17 -21.13 22.80 -1.84
C LYS D 17 -19.78 22.25 -2.26
N ASP D 18 -18.78 23.10 -2.26
CA ASP D 18 -17.44 22.66 -2.63
C ASP D 18 -17.06 21.42 -1.87
N LEU D 19 -17.38 21.38 -0.58
CA LEU D 19 -17.02 20.23 0.23
C LEU D 19 -17.78 18.96 -0.16
N ILE D 20 -19.11 19.02 -0.17
CA ILE D 20 -19.94 17.87 -0.56
C ILE D 20 -19.63 17.36 -1.98
N TYR D 21 -19.23 18.26 -2.88
CA TYR D 21 -18.92 17.86 -4.25
C TYR D 21 -17.62 17.05 -4.29
N ASP D 22 -16.67 17.40 -3.44
CA ASP D 22 -15.40 16.65 -3.42
C ASP D 22 -15.56 15.44 -2.50
N MET D 23 -16.71 15.37 -1.85
CA MET D 23 -17.06 14.27 -0.94
C MET D 23 -17.77 13.21 -1.76
N THR D 24 -18.46 13.66 -2.81
CA THR D 24 -19.17 12.79 -3.73
C THR D 24 -18.15 12.24 -4.71
N THR D 25 -17.65 13.11 -5.57
CA THR D 25 -16.66 12.75 -6.55
C THR D 25 -15.31 12.50 -5.86
N SER D 26 -15.36 12.20 -4.57
CA SER D 26 -14.17 11.97 -3.74
C SER D 26 -13.23 10.86 -4.25
N GLY D 27 -13.82 9.76 -4.70
CA GLY D 27 -13.03 8.65 -5.18
C GLY D 27 -13.19 7.43 -4.29
N SER D 28 -13.63 7.64 -3.05
CA SER D 28 -13.85 6.54 -2.11
C SER D 28 -15.34 6.39 -1.78
N GLY D 29 -16.05 7.52 -1.82
CA GLY D 29 -17.47 7.51 -1.52
C GLY D 29 -17.76 7.66 -0.02
N SER D 30 -16.72 7.93 0.76
CA SER D 30 -16.86 8.09 2.20
C SER D 30 -17.12 9.54 2.64
N GLY D 31 -17.34 9.73 3.94
CA GLY D 31 -17.59 11.07 4.46
C GLY D 31 -16.36 11.97 4.44
N LEU D 32 -16.46 13.14 5.05
CA LEU D 32 -15.36 14.09 5.11
C LEU D 32 -14.36 13.65 6.18
N PRO D 33 -13.14 14.19 6.14
CA PRO D 33 -12.13 13.83 7.14
C PRO D 33 -12.63 14.23 8.51
N LEU D 34 -12.17 13.54 9.55
CA LEU D 34 -12.61 13.85 10.90
C LEU D 34 -12.34 15.28 11.34
N LEU D 35 -11.12 15.75 11.09
CA LEU D 35 -10.70 17.11 11.46
C LEU D 35 -11.59 18.15 10.80
N VAL D 36 -12.05 17.84 9.60
CA VAL D 36 -12.92 18.73 8.84
C VAL D 36 -14.31 18.73 9.43
N GLN D 37 -14.80 17.56 9.77
CA GLN D 37 -16.10 17.45 10.39
C GLN D 37 -16.03 18.29 11.65
N ARG D 38 -14.99 18.08 12.44
CA ARG D 38 -14.83 18.83 13.67
C ARG D 38 -14.94 20.33 13.42
N THR D 39 -14.11 20.84 12.52
CA THR D 39 -14.12 22.25 12.17
C THR D 39 -15.53 22.72 11.79
N ILE D 40 -16.05 22.15 10.71
CA ILE D 40 -17.39 22.50 10.28
C ILE D 40 -18.30 22.57 11.50
N ALA D 41 -18.37 21.48 12.26
CA ALA D 41 -19.20 21.46 13.45
C ALA D 41 -18.88 22.64 14.37
N ARG D 42 -17.66 22.69 14.89
CA ARG D 42 -17.25 23.76 15.80
C ARG D 42 -17.35 25.20 15.27
N THR D 43 -17.80 25.39 14.03
CA THR D 43 -17.80 26.74 13.51
C THR D 43 -19.12 27.15 12.86
N ILE D 44 -20.14 26.31 13.03
CA ILE D 44 -21.47 26.54 12.51
C ILE D 44 -22.06 27.65 13.36
N VAL D 45 -23.16 28.24 12.92
CA VAL D 45 -23.80 29.30 13.68
C VAL D 45 -25.24 28.93 13.85
N LEU D 46 -25.65 28.60 15.08
CA LEU D 46 -27.03 28.19 15.29
C LEU D 46 -28.00 29.34 15.11
N GLN D 47 -29.14 29.04 14.48
CA GLN D 47 -30.16 30.03 14.24
C GLN D 47 -31.29 29.80 15.21
N GLU D 48 -32.13 28.82 14.91
CA GLU D 48 -33.27 28.53 15.76
C GLU D 48 -33.69 27.07 15.77
N SER D 49 -34.34 26.66 16.84
CA SER D 49 -34.81 25.29 16.95
C SER D 49 -35.68 24.96 15.76
N ILE D 50 -35.86 23.67 15.53
CA ILE D 50 -36.63 23.17 14.39
C ILE D 50 -37.44 21.96 14.83
N GLY D 51 -37.13 21.44 16.00
CA GLY D 51 -37.85 20.29 16.48
C GLY D 51 -37.25 19.66 17.71
N LYS D 52 -38.12 19.12 18.55
CA LYS D 52 -37.70 18.47 19.75
C LYS D 52 -37.84 16.98 19.51
N GLY D 53 -37.50 16.19 20.52
CA GLY D 53 -37.58 14.74 20.44
C GLY D 53 -36.99 14.24 21.74
N ARG D 54 -37.08 12.95 22.05
CA ARG D 54 -36.48 12.50 23.31
C ARG D 54 -34.97 12.48 23.09
N PHE D 55 -34.57 12.27 21.83
CA PHE D 55 -33.17 12.22 21.44
C PHE D 55 -32.46 13.54 21.82
N GLY D 56 -33.04 14.64 21.39
CA GLY D 56 -32.44 15.93 21.67
C GLY D 56 -33.21 17.05 20.98
N GLU D 57 -32.55 17.73 20.05
CA GLU D 57 -33.18 18.81 19.34
C GLU D 57 -32.52 19.08 18.01
N VAL D 58 -33.33 19.38 17.01
CA VAL D 58 -32.81 19.70 15.69
C VAL D 58 -32.84 21.23 15.59
N TRP D 59 -31.83 21.80 14.96
CA TRP D 59 -31.72 23.24 14.82
C TRP D 59 -31.32 23.64 13.42
N ARG D 60 -31.71 24.83 13.01
CA ARG D 60 -31.33 25.31 11.70
C ARG D 60 -30.02 26.05 11.89
N GLY D 61 -28.98 25.67 11.17
CA GLY D 61 -27.72 26.34 11.36
C GLY D 61 -27.15 26.92 10.09
N LYS D 62 -26.02 27.60 10.21
CA LYS D 62 -25.42 28.20 9.04
C LYS D 62 -23.91 28.15 9.04
N TRP D 63 -23.34 27.33 8.17
CA TRP D 63 -21.90 27.24 8.09
C TRP D 63 -21.44 28.17 7.00
N ARG D 64 -20.81 29.28 7.40
CA ARG D 64 -20.32 30.27 6.44
C ARG D 64 -21.43 30.73 5.50
N GLY D 65 -22.65 30.85 6.01
CA GLY D 65 -23.72 31.30 5.16
C GLY D 65 -24.74 30.27 4.71
N GLU D 66 -24.28 29.12 4.22
CA GLU D 66 -25.20 28.08 3.76
C GLU D 66 -25.94 27.46 4.93
N GLU D 67 -27.20 27.11 4.71
CA GLU D 67 -28.00 26.51 5.77
C GLU D 67 -27.66 25.04 6.00
N VAL D 68 -27.84 24.61 7.23
CA VAL D 68 -27.54 23.25 7.59
C VAL D 68 -28.45 22.82 8.72
N ALA D 69 -28.62 21.52 8.90
CA ALA D 69 -29.45 21.01 9.98
C ALA D 69 -28.53 20.33 11.00
N VAL D 70 -28.61 20.75 12.26
CA VAL D 70 -27.76 20.15 13.28
C VAL D 70 -28.58 19.53 14.41
N LYS D 71 -28.46 18.21 14.54
CA LYS D 71 -29.16 17.44 15.55
C LYS D 71 -28.34 17.47 16.82
N ILE D 72 -28.90 17.99 17.90
CA ILE D 72 -28.15 18.08 19.16
C ILE D 72 -28.69 17.17 20.24
N PHE D 73 -27.95 16.13 20.57
CA PHE D 73 -28.41 15.19 21.57
C PHE D 73 -28.13 15.62 22.99
N SER D 74 -28.92 15.11 23.92
CA SER D 74 -28.73 15.42 25.32
C SER D 74 -27.77 14.39 25.90
N SER D 75 -26.82 14.84 26.70
CA SER D 75 -25.86 13.94 27.30
C SER D 75 -26.43 12.55 27.56
N ARG D 76 -27.62 12.51 28.13
CA ARG D 76 -28.33 11.29 28.46
C ARG D 76 -28.50 10.31 27.29
N GLU D 77 -28.68 10.81 26.08
CA GLU D 77 -28.89 9.96 24.89
C GLU D 77 -27.64 9.70 24.05
N GLU D 78 -26.50 9.53 24.70
CA GLU D 78 -25.26 9.34 24.00
C GLU D 78 -25.25 8.15 23.07
N ARG D 79 -25.96 7.10 23.46
CA ARG D 79 -26.00 5.89 22.65
C ARG D 79 -26.63 6.15 21.28
N SER D 80 -27.75 6.87 21.27
CA SER D 80 -28.45 7.19 20.03
C SER D 80 -27.54 7.95 19.09
N TRP D 81 -26.82 8.92 19.65
CA TRP D 81 -25.87 9.72 18.88
C TRP D 81 -24.87 8.82 18.18
N PHE D 82 -24.06 8.13 18.98
CA PHE D 82 -23.04 7.23 18.46
C PHE D 82 -23.60 6.34 17.35
N ARG D 83 -24.63 5.60 17.72
CA ARG D 83 -25.31 4.67 16.82
C ARG D 83 -25.65 5.33 15.50
N GLU D 84 -26.29 6.49 15.57
CA GLU D 84 -26.68 7.18 14.34
C GLU D 84 -25.46 7.59 13.55
N ALA D 85 -24.52 8.24 14.23
CA ALA D 85 -23.29 8.70 13.61
C ALA D 85 -22.58 7.57 12.90
N GLU D 86 -22.53 6.44 13.59
CA GLU D 86 -21.90 5.24 13.09
C GLU D 86 -22.49 4.80 11.74
N ILE D 87 -23.80 4.52 11.72
CA ILE D 87 -24.42 4.09 10.47
C ILE D 87 -24.27 5.06 9.30
N TYR D 88 -24.42 6.36 9.55
CA TYR D 88 -24.30 7.34 8.46
C TYR D 88 -22.95 7.33 7.79
N GLN D 89 -21.94 6.97 8.57
CA GLN D 89 -20.59 6.92 8.08
C GLN D 89 -20.30 5.49 7.64
N THR D 90 -21.18 4.97 6.79
CA THR D 90 -21.05 3.61 6.28
C THR D 90 -20.70 3.62 4.81
N VAL D 91 -19.69 2.83 4.47
CA VAL D 91 -19.18 2.73 3.11
C VAL D 91 -20.08 3.15 1.94
N MET D 92 -21.08 2.35 1.61
CA MET D 92 -21.89 2.71 0.45
C MET D 92 -23.15 3.50 0.74
N LEU D 93 -23.67 3.42 1.95
CA LEU D 93 -24.88 4.18 2.31
C LEU D 93 -24.62 5.62 1.92
N ARG D 94 -25.35 6.13 0.94
CA ARG D 94 -25.18 7.50 0.48
C ARG D 94 -25.98 7.55 -0.80
N HIS D 95 -27.28 7.70 -0.63
CA HIS D 95 -28.22 7.67 -1.72
C HIS D 95 -28.96 9.00 -1.93
N GLU D 96 -29.44 9.23 -3.14
CA GLU D 96 -30.17 10.45 -3.43
C GLU D 96 -31.38 10.50 -2.50
N ASN D 97 -31.73 9.37 -1.92
CA ASN D 97 -32.89 9.29 -1.07
C ASN D 97 -32.61 9.00 0.41
N ILE D 98 -31.44 9.39 0.88
CA ILE D 98 -31.09 9.21 2.28
C ILE D 98 -30.43 10.48 2.80
N LEU D 99 -31.00 11.05 3.86
CA LEU D 99 -30.49 12.28 4.44
C LEU D 99 -28.98 12.41 4.30
N GLY D 100 -28.54 13.50 3.68
CA GLY D 100 -27.11 13.72 3.47
C GLY D 100 -26.36 14.03 4.75
N PHE D 101 -25.47 13.15 5.16
CA PHE D 101 -24.72 13.35 6.39
C PHE D 101 -23.56 14.30 6.11
N ILE D 102 -23.23 15.17 7.06
CA ILE D 102 -22.13 16.12 6.88
C ILE D 102 -21.05 16.08 7.95
N ALA D 103 -21.43 15.80 9.19
CA ALA D 103 -20.44 15.76 10.25
C ALA D 103 -20.97 15.21 11.55
N ALA D 104 -20.06 14.78 12.42
CA ALA D 104 -20.39 14.27 13.74
C ALA D 104 -19.34 14.89 14.63
N ASP D 105 -19.70 15.32 15.83
CA ASP D 105 -18.73 15.95 16.72
C ASP D 105 -19.17 15.94 18.17
N ASN D 106 -18.20 15.95 19.08
CA ASN D 106 -18.49 15.98 20.51
C ASN D 106 -17.69 17.09 21.19
N LYS D 107 -18.10 17.51 22.39
CA LYS D 107 -17.41 18.58 23.08
C LYS D 107 -17.00 18.43 24.54
N ASP D 108 -17.80 18.93 25.47
CA ASP D 108 -17.43 18.92 26.91
C ASP D 108 -17.13 17.60 27.60
N ASN D 109 -17.34 17.54 28.91
CA ASN D 109 -17.10 16.34 29.68
C ASN D 109 -18.30 15.96 30.51
N GLY D 110 -18.19 14.82 31.16
CA GLY D 110 -19.25 14.32 32.01
C GLY D 110 -20.68 14.69 31.65
N THR D 111 -21.34 15.31 32.63
CA THR D 111 -22.73 15.73 32.55
C THR D 111 -22.99 16.73 31.44
N TRP D 112 -21.98 17.54 31.12
CA TRP D 112 -22.15 18.56 30.12
C TRP D 112 -21.63 18.28 28.72
N THR D 113 -21.51 17.01 28.38
CA THR D 113 -21.03 16.63 27.07
C THR D 113 -21.97 17.16 26.00
N GLN D 114 -21.44 17.51 24.83
CA GLN D 114 -22.28 18.03 23.76
C GLN D 114 -22.10 17.29 22.45
N LEU D 115 -23.00 16.35 22.17
CA LEU D 115 -22.92 15.55 20.96
C LEU D 115 -23.74 16.13 19.84
N TRP D 116 -23.12 16.30 18.68
CA TRP D 116 -23.77 16.88 17.51
C TRP D 116 -23.73 15.99 16.28
N LEU D 117 -24.60 16.29 15.35
CA LEU D 117 -24.71 15.57 14.10
C LEU D 117 -25.16 16.69 13.17
N VAL D 118 -24.55 16.79 11.99
CA VAL D 118 -24.88 17.87 11.04
C VAL D 118 -25.22 17.33 9.65
N SER D 119 -26.38 17.70 9.11
CA SER D 119 -26.78 17.21 7.78
C SER D 119 -27.31 18.30 6.86
N ASP D 120 -27.60 17.93 5.61
CA ASP D 120 -28.14 18.87 4.63
C ASP D 120 -29.38 19.49 5.24
N TYR D 121 -29.68 20.72 4.86
CA TYR D 121 -30.89 21.39 5.36
C TYR D 121 -32.00 21.24 4.34
N HIS D 122 -33.14 20.72 4.77
CA HIS D 122 -34.27 20.53 3.88
C HIS D 122 -35.44 21.39 4.36
N GLU D 123 -35.54 22.57 3.75
CA GLU D 123 -36.55 23.57 4.07
C GLU D 123 -38.01 23.14 4.19
N HIS D 124 -38.46 22.21 3.36
CA HIS D 124 -39.86 21.76 3.43
C HIS D 124 -40.16 20.92 4.68
N GLY D 125 -39.16 20.71 5.52
CA GLY D 125 -39.37 19.93 6.73
C GLY D 125 -39.64 18.46 6.50
N SER D 126 -40.25 17.82 7.49
CA SER D 126 -40.55 16.41 7.42
C SER D 126 -41.83 16.10 6.64
N LEU D 127 -41.95 14.86 6.19
CA LEU D 127 -43.12 14.44 5.43
C LEU D 127 -44.35 14.75 6.26
N PHE D 128 -44.26 14.47 7.56
CA PHE D 128 -45.37 14.75 8.45
C PHE D 128 -45.78 16.22 8.35
N ASP D 129 -44.80 17.11 8.40
CA ASP D 129 -45.13 18.53 8.31
C ASP D 129 -45.62 18.87 6.93
N TYR D 130 -44.86 18.50 5.91
CA TYR D 130 -45.23 18.77 4.52
C TYR D 130 -46.68 18.39 4.23
N LEU D 131 -47.05 17.16 4.58
CA LEU D 131 -48.41 16.63 4.37
C LEU D 131 -49.45 17.36 5.22
N ASN D 132 -49.01 18.09 6.23
CA ASN D 132 -49.94 18.82 7.07
C ASN D 132 -50.16 20.20 6.54
N ARG D 133 -49.23 20.71 5.73
CA ARG D 133 -49.36 22.04 5.18
C ARG D 133 -49.62 22.01 3.68
N TYR D 134 -49.91 20.83 3.14
CA TYR D 134 -50.16 20.71 1.71
C TYR D 134 -50.92 19.45 1.33
N THR D 135 -51.29 19.41 0.05
CA THR D 135 -51.98 18.29 -0.59
C THR D 135 -51.12 18.07 -1.81
N VAL D 136 -51.10 16.87 -2.35
CA VAL D 136 -50.26 16.69 -3.50
C VAL D 136 -50.97 16.06 -4.67
N THR D 137 -50.49 16.39 -5.87
CA THR D 137 -51.04 15.89 -7.12
C THR D 137 -51.02 14.37 -7.12
N VAL D 138 -51.63 13.77 -8.12
CA VAL D 138 -51.61 12.32 -8.20
C VAL D 138 -50.16 11.97 -8.49
N GLU D 139 -49.59 12.73 -9.43
CA GLU D 139 -48.20 12.58 -9.86
C GLU D 139 -47.27 12.70 -8.67
N GLY D 140 -47.33 13.86 -8.01
CA GLY D 140 -46.50 14.09 -6.84
C GLY D 140 -46.56 12.93 -5.88
N MET D 141 -47.76 12.47 -5.58
CA MET D 141 -47.93 11.34 -4.67
C MET D 141 -46.95 10.22 -5.02
N ILE D 142 -46.82 9.96 -6.32
CA ILE D 142 -45.94 8.91 -6.79
C ILE D 142 -44.47 9.25 -6.55
N LYS D 143 -44.04 10.45 -6.93
CA LYS D 143 -42.64 10.82 -6.68
C LYS D 143 -42.30 10.50 -5.24
N LEU D 144 -42.97 11.17 -4.30
CA LEU D 144 -42.71 10.90 -2.90
C LEU D 144 -42.66 9.41 -2.61
N ALA D 145 -43.67 8.67 -3.09
CA ALA D 145 -43.73 7.22 -2.87
C ALA D 145 -42.57 6.42 -3.44
N LEU D 146 -42.21 6.72 -4.69
CA LEU D 146 -41.13 6.03 -5.36
C LEU D 146 -39.78 6.34 -4.74
N SER D 147 -39.55 7.60 -4.41
CA SER D 147 -38.29 7.99 -3.80
C SER D 147 -38.13 7.23 -2.48
N THR D 148 -39.05 7.43 -1.55
CA THR D 148 -39.00 6.74 -0.27
C THR D 148 -38.68 5.26 -0.46
N ALA D 149 -39.35 4.62 -1.41
CA ALA D 149 -39.12 3.22 -1.68
C ALA D 149 -37.70 2.99 -2.16
N SER D 150 -37.25 3.80 -3.12
CA SER D 150 -35.89 3.70 -3.65
C SER D 150 -34.91 3.73 -2.49
N GLY D 151 -35.21 4.61 -1.52
CA GLY D 151 -34.36 4.74 -0.36
C GLY D 151 -34.37 3.51 0.52
N LEU D 152 -35.54 3.07 0.96
CA LEU D 152 -35.57 1.91 1.83
C LEU D 152 -34.99 0.69 1.11
N ALA D 153 -35.11 0.69 -0.21
CA ALA D 153 -34.61 -0.42 -1.00
C ALA D 153 -33.11 -0.39 -1.08
N HIS D 154 -32.53 0.80 -0.88
CA HIS D 154 -31.08 0.96 -0.92
C HIS D 154 -30.47 0.64 0.44
N LEU D 155 -31.25 0.93 1.47
CA LEU D 155 -30.84 0.71 2.84
C LEU D 155 -30.81 -0.78 3.15
N HIS D 156 -31.79 -1.51 2.62
CA HIS D 156 -31.90 -2.95 2.85
C HIS D 156 -30.90 -3.75 2.04
N MET D 157 -30.64 -3.27 0.84
CA MET D 157 -29.74 -3.92 -0.10
C MET D 157 -28.32 -4.05 0.36
N GLU D 158 -27.79 -5.26 0.24
CA GLU D 158 -26.43 -5.57 0.63
C GLU D 158 -25.56 -5.60 -0.63
N ILE D 159 -24.32 -5.13 -0.50
CA ILE D 159 -23.38 -5.10 -1.61
C ILE D 159 -22.08 -5.72 -1.11
N VAL D 160 -21.36 -6.41 -2.00
CA VAL D 160 -20.11 -7.07 -1.62
C VAL D 160 -18.83 -6.46 -2.19
N GLY D 161 -17.71 -6.74 -1.54
CA GLY D 161 -16.42 -6.23 -1.95
C GLY D 161 -15.68 -5.55 -0.80
N THR D 162 -14.68 -4.72 -1.13
CA THR D 162 -13.91 -3.99 -0.12
C THR D 162 -14.92 -3.19 0.69
N GLN D 163 -15.56 -2.24 0.01
CA GLN D 163 -16.58 -1.40 0.62
C GLN D 163 -17.97 -2.00 0.36
N GLY D 164 -18.18 -3.20 0.87
CA GLY D 164 -19.46 -3.85 0.70
C GLY D 164 -20.42 -3.19 1.67
N LYS D 165 -21.52 -2.67 1.17
CA LYS D 165 -22.50 -2.05 2.03
C LYS D 165 -23.24 -3.12 2.78
N PRO D 166 -23.18 -3.12 4.11
CA PRO D 166 -23.92 -4.18 4.80
C PRO D 166 -25.42 -3.86 4.66
N ALA D 167 -26.28 -4.87 4.78
CA ALA D 167 -27.71 -4.62 4.66
C ALA D 167 -28.18 -3.95 5.95
N ILE D 168 -28.94 -2.89 5.82
CA ILE D 168 -29.39 -2.14 6.98
C ILE D 168 -30.90 -2.09 7.15
N ALA D 169 -31.37 -2.43 8.34
CA ALA D 169 -32.80 -2.38 8.65
C ALA D 169 -33.00 -1.11 9.47
N HIS D 170 -33.91 -0.25 9.02
CA HIS D 170 -34.20 1.01 9.67
C HIS D 170 -34.76 0.91 11.09
N ARG D 171 -35.86 0.19 11.26
CA ARG D 171 -36.45 -0.01 12.59
C ARG D 171 -37.29 1.11 13.24
N ASP D 172 -37.47 2.23 12.55
CA ASP D 172 -38.28 3.32 13.09
C ASP D 172 -38.78 4.21 11.96
N LEU D 173 -39.26 3.56 10.91
CA LEU D 173 -39.76 4.28 9.77
C LEU D 173 -41.12 4.87 10.07
N LYS D 174 -41.29 6.13 9.72
CA LYS D 174 -42.56 6.81 9.90
C LYS D 174 -42.51 8.12 9.17
N SER D 175 -43.62 8.83 9.11
CA SER D 175 -43.70 10.09 8.38
C SER D 175 -42.82 11.22 8.93
N LYS D 176 -42.55 11.18 10.23
CA LYS D 176 -41.73 12.21 10.88
C LYS D 176 -40.23 11.97 10.74
N ASN D 177 -39.86 10.89 10.10
CA ASN D 177 -38.46 10.54 9.91
C ASN D 177 -38.11 10.64 8.44
N ILE D 178 -39.06 11.06 7.63
CA ILE D 178 -38.78 11.19 6.21
C ILE D 178 -38.77 12.67 5.93
N LEU D 179 -37.72 13.17 5.29
CA LEU D 179 -37.62 14.59 5.00
C LEU D 179 -37.94 14.76 3.56
N VAL D 180 -38.68 15.81 3.24
CA VAL D 180 -39.06 16.04 1.86
C VAL D 180 -38.29 17.19 1.21
N LYS D 181 -37.56 16.82 0.16
CA LYS D 181 -36.73 17.75 -0.59
C LYS D 181 -37.48 18.88 -1.27
N LYS D 182 -36.71 19.73 -1.94
CA LYS D 182 -37.20 20.89 -2.66
C LYS D 182 -37.95 20.46 -3.90
N ASN D 183 -37.57 19.32 -4.47
CA ASN D 183 -38.20 18.82 -5.69
C ASN D 183 -39.26 17.74 -5.49
N GLY D 184 -39.92 17.78 -4.35
CA GLY D 184 -40.96 16.80 -4.10
C GLY D 184 -40.44 15.39 -4.09
N THR D 185 -39.26 15.20 -3.48
CA THR D 185 -38.61 13.92 -3.37
C THR D 185 -38.29 13.67 -1.90
N CYS D 186 -38.31 12.42 -1.47
CA CYS D 186 -38.03 12.11 -0.08
C CYS D 186 -36.65 11.55 0.13
N CYS D 187 -36.28 11.49 1.40
CA CYS D 187 -35.02 10.91 1.83
C CYS D 187 -35.21 10.48 3.27
N ILE D 188 -34.84 9.23 3.55
CA ILE D 188 -35.00 8.67 4.88
C ILE D 188 -34.04 9.37 5.83
N ALA D 189 -34.37 9.32 7.12
CA ALA D 189 -33.54 9.95 8.13
C ALA D 189 -33.69 9.21 9.47
N ASP D 190 -32.93 9.64 10.47
CA ASP D 190 -33.02 9.03 11.80
C ASP D 190 -32.63 7.55 11.85
N LEU D 191 -31.38 7.26 11.55
CA LEU D 191 -30.93 5.87 11.56
C LEU D 191 -30.38 5.45 12.91
N GLY D 192 -30.85 6.08 13.97
CA GLY D 192 -30.40 5.77 15.31
C GLY D 192 -30.74 4.40 15.85
N LEU D 193 -31.75 3.75 15.27
CA LEU D 193 -32.12 2.42 15.73
C LEU D 193 -31.68 1.37 14.75
N ALA D 194 -31.28 1.82 13.57
CA ALA D 194 -30.84 0.94 12.48
C ALA D 194 -30.00 -0.25 12.90
N VAL D 195 -30.10 -1.33 12.13
CA VAL D 195 -29.36 -2.55 12.40
C VAL D 195 -28.60 -2.97 11.17
N ARG D 196 -27.36 -3.41 11.37
CA ARG D 196 -26.52 -3.85 10.26
C ARG D 196 -26.41 -5.38 10.22
N HIS D 197 -26.34 -5.92 9.01
CA HIS D 197 -26.22 -7.36 8.79
C HIS D 197 -25.06 -7.67 7.86
N ASP D 198 -24.10 -8.45 8.34
CA ASP D 198 -22.96 -8.84 7.53
C ASP D 198 -23.11 -10.31 7.15
N SER D 199 -23.36 -10.56 5.86
CA SER D 199 -23.56 -11.92 5.37
C SER D 199 -22.38 -12.87 5.51
N ALA D 200 -21.17 -12.31 5.56
CA ALA D 200 -19.96 -13.12 5.68
C ALA D 200 -19.83 -13.83 7.03
N THR D 201 -20.67 -13.47 7.99
CA THR D 201 -20.60 -14.07 9.32
C THR D 201 -21.97 -14.13 9.98
N ASP D 202 -23.02 -13.93 9.18
CA ASP D 202 -24.40 -13.93 9.67
C ASP D 202 -24.47 -13.40 11.10
N THR D 203 -24.21 -12.10 11.23
CA THR D 203 -24.21 -11.41 12.51
C THR D 203 -25.08 -10.16 12.46
N ILE D 204 -25.47 -9.70 13.63
CA ILE D 204 -26.28 -8.50 13.76
C ILE D 204 -25.48 -7.46 14.53
N ASP D 205 -25.63 -6.20 14.12
CA ASP D 205 -24.92 -5.07 14.71
C ASP D 205 -25.32 -4.73 16.16
N ILE D 206 -26.54 -5.11 16.53
CA ILE D 206 -27.04 -4.83 17.86
C ILE D 206 -27.09 -6.05 18.76
N ALA D 207 -28.03 -5.97 19.70
CA ALA D 207 -28.33 -7.00 20.68
C ALA D 207 -29.74 -6.69 21.17
N PRO D 208 -30.74 -6.98 20.32
CA PRO D 208 -32.18 -6.77 20.55
C PRO D 208 -32.81 -7.62 21.64
N ASN D 209 -32.72 -7.15 22.87
CA ASN D 209 -33.32 -7.86 23.99
C ASN D 209 -34.51 -7.02 24.43
N HIS D 210 -34.92 -6.10 23.56
CA HIS D 210 -36.06 -5.22 23.82
C HIS D 210 -36.66 -4.61 22.56
N ARG D 211 -37.93 -4.24 22.65
CA ARG D 211 -38.71 -3.64 21.57
C ARG D 211 -38.36 -2.17 21.47
N VAL D 212 -38.40 -1.62 20.25
CA VAL D 212 -38.04 -0.22 20.05
C VAL D 212 -38.96 0.43 19.02
N GLY D 213 -38.79 1.75 18.86
CA GLY D 213 -39.57 2.49 17.88
C GLY D 213 -40.91 3.01 18.33
N THR D 214 -41.54 3.80 17.46
CA THR D 214 -42.84 4.39 17.73
C THR D 214 -43.92 3.30 17.77
N LYS D 215 -44.56 3.12 18.93
CA LYS D 215 -45.60 2.09 19.11
C LYS D 215 -46.68 2.06 18.01
N ARG D 216 -47.05 3.24 17.52
CA ARG D 216 -48.07 3.36 16.49
C ARG D 216 -47.69 2.63 15.19
N TYR D 217 -46.40 2.69 14.83
CA TYR D 217 -45.93 2.03 13.62
C TYR D 217 -45.30 0.68 13.85
N MET D 218 -45.28 0.22 15.10
CA MET D 218 -44.70 -1.09 15.36
C MET D 218 -45.49 -2.11 14.56
N ALA D 219 -44.79 -3.10 14.04
CA ALA D 219 -45.40 -4.12 13.23
C ALA D 219 -45.98 -5.22 14.08
N PRO D 220 -47.02 -5.87 13.56
CA PRO D 220 -47.71 -6.97 14.22
C PRO D 220 -46.71 -7.87 14.96
N GLU D 221 -45.75 -8.41 14.21
CA GLU D 221 -44.75 -9.31 14.79
C GLU D 221 -44.02 -8.76 16.00
N VAL D 222 -43.85 -7.43 16.05
CA VAL D 222 -43.15 -6.80 17.17
C VAL D 222 -44.08 -6.53 18.35
N LEU D 223 -45.33 -6.17 18.07
CA LEU D 223 -46.31 -5.89 19.11
C LEU D 223 -46.51 -7.14 19.96
N ASP D 224 -46.91 -8.23 19.31
CA ASP D 224 -47.14 -9.49 20.00
C ASP D 224 -45.80 -10.14 20.35
N ASP D 225 -44.71 -9.47 20.00
CA ASP D 225 -43.37 -9.95 20.27
C ASP D 225 -43.19 -11.45 20.00
N SER D 226 -43.02 -11.79 18.73
CA SER D 226 -42.81 -13.17 18.27
C SER D 226 -41.63 -13.08 17.31
N ILE D 227 -41.66 -12.03 16.50
CA ILE D 227 -40.65 -11.71 15.51
C ILE D 227 -39.34 -12.42 15.75
N ASN D 228 -38.97 -13.29 14.83
CA ASN D 228 -37.74 -14.05 14.95
C ASN D 228 -36.51 -13.15 14.80
N MET D 229 -35.93 -12.78 15.94
CA MET D 229 -34.74 -11.92 16.00
C MET D 229 -33.51 -12.56 15.34
N LYS D 230 -33.59 -13.82 14.94
CA LYS D 230 -32.45 -14.49 14.35
C LYS D 230 -32.42 -14.39 12.83
N HIS D 231 -33.50 -13.94 12.22
CA HIS D 231 -33.52 -13.85 10.77
C HIS D 231 -33.64 -12.41 10.33
N PHE D 232 -32.51 -11.81 9.97
CA PHE D 232 -32.48 -10.42 9.55
C PHE D 232 -33.73 -10.02 8.78
N GLU D 233 -34.13 -10.85 7.80
CA GLU D 233 -35.31 -10.55 7.00
C GLU D 233 -36.48 -10.08 7.84
N SER D 234 -36.57 -10.57 9.07
CA SER D 234 -37.63 -10.19 10.01
C SER D 234 -37.65 -8.68 10.10
N PHE D 235 -36.47 -8.14 10.38
CA PHE D 235 -36.28 -6.71 10.49
C PHE D 235 -36.69 -5.95 9.24
N LYS D 236 -36.31 -6.46 8.08
CA LYS D 236 -36.68 -5.78 6.85
C LYS D 236 -38.20 -5.76 6.71
N ARG D 237 -38.81 -6.92 6.91
CA ARG D 237 -40.25 -7.05 6.78
C ARG D 237 -41.04 -6.04 7.59
N ALA D 238 -40.70 -5.91 8.86
CA ALA D 238 -41.36 -4.95 9.72
C ALA D 238 -41.24 -3.56 9.13
N ASP D 239 -40.13 -3.29 8.44
CA ASP D 239 -39.92 -1.99 7.82
C ASP D 239 -40.90 -1.77 6.68
N ILE D 240 -41.22 -2.85 5.99
CA ILE D 240 -42.15 -2.77 4.90
C ILE D 240 -43.51 -2.42 5.48
N TYR D 241 -43.91 -3.13 6.52
CA TYR D 241 -45.18 -2.87 7.17
C TYR D 241 -45.31 -1.40 7.54
N ALA D 242 -44.34 -0.89 8.28
CA ALA D 242 -44.37 0.49 8.68
C ALA D 242 -44.38 1.39 7.46
N MET D 243 -43.63 1.01 6.44
CA MET D 243 -43.56 1.83 5.24
C MET D 243 -44.92 1.93 4.54
N GLY D 244 -45.76 0.94 4.76
CA GLY D 244 -47.08 0.93 4.16
C GLY D 244 -47.92 2.02 4.81
N LEU D 245 -47.95 2.02 6.14
CA LEU D 245 -48.69 3.02 6.87
C LEU D 245 -48.28 4.41 6.37
N VAL D 246 -47.02 4.55 5.98
CA VAL D 246 -46.55 5.83 5.49
C VAL D 246 -47.19 6.15 4.16
N PHE D 247 -47.24 5.16 3.28
CA PHE D 247 -47.84 5.34 1.95
C PHE D 247 -49.29 5.77 2.10
N TRP D 248 -49.93 5.19 3.12
CA TRP D 248 -51.31 5.46 3.44
C TRP D 248 -51.52 6.91 3.83
N GLU D 249 -50.49 7.52 4.39
CA GLU D 249 -50.54 8.90 4.81
C GLU D 249 -50.40 9.82 3.62
N ILE D 250 -49.81 9.32 2.55
CA ILE D 250 -49.61 10.13 1.36
C ILE D 250 -50.85 10.00 0.48
N ALA D 251 -51.34 8.77 0.35
CA ALA D 251 -52.53 8.53 -0.45
C ALA D 251 -53.67 9.35 0.15
N ARG D 252 -53.81 9.28 1.46
CA ARG D 252 -54.86 9.99 2.15
C ARG D 252 -54.69 11.51 2.08
N ARG D 253 -54.04 12.01 1.03
CA ARG D 253 -53.85 13.45 0.88
C ARG D 253 -53.66 13.82 -0.57
N CYS D 254 -53.89 12.85 -1.44
CA CYS D 254 -53.77 13.02 -2.88
C CYS D 254 -55.02 13.73 -3.41
N SER D 255 -54.86 15.01 -3.75
CA SER D 255 -55.96 15.82 -4.25
C SER D 255 -56.32 15.48 -5.70
N ILE D 256 -57.35 14.68 -5.88
CA ILE D 256 -57.81 14.28 -7.21
C ILE D 256 -59.03 15.08 -7.68
N GLY D 257 -58.77 16.14 -8.45
CA GLY D 257 -59.85 16.97 -8.97
C GLY D 257 -60.35 17.98 -7.95
N GLY D 258 -59.98 17.79 -6.68
CA GLY D 258 -60.41 18.70 -5.64
C GLY D 258 -60.81 17.96 -4.37
N ILE D 259 -61.13 16.68 -4.52
CA ILE D 259 -61.55 15.83 -3.40
C ILE D 259 -60.35 15.27 -2.61
N HIS D 260 -59.92 16.01 -1.59
CA HIS D 260 -58.79 15.61 -0.76
C HIS D 260 -59.15 15.76 0.72
N GLU D 261 -58.94 14.70 1.49
CA GLU D 261 -59.24 14.74 2.91
C GLU D 261 -58.20 15.57 3.64
N ASP D 262 -58.19 15.51 4.96
CA ASP D 262 -57.23 16.24 5.77
C ASP D 262 -56.14 15.24 6.12
N TYR D 263 -55.08 15.68 6.79
CA TYR D 263 -54.02 14.75 7.16
C TYR D 263 -54.41 13.98 8.41
N GLN D 264 -53.84 12.80 8.56
CA GLN D 264 -54.12 11.98 9.72
C GLN D 264 -53.04 10.92 9.87
N LEU D 265 -52.77 10.54 11.11
CA LEU D 265 -51.79 9.53 11.39
C LEU D 265 -52.52 8.23 11.20
N PRO D 266 -51.79 7.14 11.06
CA PRO D 266 -52.42 5.82 10.90
C PRO D 266 -53.12 5.46 12.21
N TYR D 267 -54.22 4.73 12.13
CA TYR D 267 -54.97 4.34 13.33
C TYR D 267 -55.54 5.51 14.12
N TYR D 268 -55.34 6.73 13.62
CA TYR D 268 -55.83 7.93 14.30
C TYR D 268 -57.15 7.74 15.03
N ASP D 269 -58.04 6.97 14.43
CA ASP D 269 -59.37 6.75 15.00
C ASP D 269 -59.61 5.37 15.60
N LEU D 270 -58.59 4.54 15.68
CA LEU D 270 -58.81 3.22 16.23
C LEU D 270 -57.91 3.01 17.43
N VAL D 271 -57.10 4.03 17.70
CA VAL D 271 -56.15 3.97 18.80
C VAL D 271 -56.01 5.36 19.39
N PRO D 272 -55.81 5.43 20.71
CA PRO D 272 -55.65 6.68 21.46
C PRO D 272 -54.57 7.58 20.87
N SER D 273 -53.99 8.40 21.74
CA SER D 273 -52.90 9.26 21.34
C SER D 273 -51.77 8.60 22.13
N ASP D 274 -50.52 8.80 21.72
CA ASP D 274 -49.39 8.17 22.41
C ASP D 274 -49.83 6.76 22.82
N PRO D 275 -50.20 5.94 21.83
CA PRO D 275 -50.65 4.56 22.06
C PRO D 275 -49.66 3.75 22.87
N SER D 276 -50.20 2.91 23.75
CA SER D 276 -49.37 2.05 24.57
C SER D 276 -49.18 0.80 23.73
N VAL D 277 -48.33 -0.11 24.19
CA VAL D 277 -48.09 -1.33 23.45
C VAL D 277 -49.30 -2.27 23.47
N GLU D 278 -49.85 -2.51 24.66
CA GLU D 278 -51.01 -3.41 24.79
C GLU D 278 -52.18 -2.91 23.93
N GLU D 279 -52.25 -1.60 23.73
CA GLU D 279 -53.31 -1.02 22.92
C GLU D 279 -53.20 -1.43 21.46
N MET D 280 -52.05 -1.18 20.85
CA MET D 280 -51.81 -1.55 19.45
C MET D 280 -51.97 -3.05 19.32
N ARG D 281 -51.32 -3.79 20.21
CA ARG D 281 -51.40 -5.24 20.20
C ARG D 281 -52.87 -5.60 20.06
N LYS D 282 -53.72 -4.79 20.67
CA LYS D 282 -55.16 -5.00 20.63
C LYS D 282 -55.64 -4.76 19.20
N VAL D 283 -55.65 -3.50 18.78
CA VAL D 283 -56.08 -3.10 17.44
C VAL D 283 -55.45 -3.86 16.29
N VAL D 284 -54.14 -4.07 16.34
CA VAL D 284 -53.42 -4.74 15.27
C VAL D 284 -53.28 -6.25 15.31
N CYS D 285 -52.66 -6.80 16.35
CA CYS D 285 -52.45 -8.24 16.42
C CYS D 285 -53.67 -9.11 16.74
N GLU D 286 -54.68 -8.53 17.39
CA GLU D 286 -55.91 -9.27 17.77
C GLU D 286 -57.02 -9.08 16.74
N GLN D 287 -57.57 -7.88 16.73
CA GLN D 287 -58.65 -7.51 15.82
C GLN D 287 -58.13 -7.31 14.39
N LYS D 288 -56.88 -7.71 14.16
CA LYS D 288 -56.22 -7.60 12.86
C LYS D 288 -56.75 -6.48 11.99
N LEU D 289 -56.60 -5.25 12.47
CA LEU D 289 -57.06 -4.06 11.77
C LEU D 289 -55.91 -3.32 11.12
N ARG D 290 -56.18 -2.73 9.97
CA ARG D 290 -55.17 -1.95 9.24
C ARG D 290 -55.85 -0.68 8.84
N PRO D 291 -55.07 0.39 8.60
CA PRO D 291 -55.70 1.65 8.20
C PRO D 291 -56.79 1.37 7.18
N ASN D 292 -57.76 2.27 7.10
CA ASN D 292 -58.86 2.08 6.17
C ASN D 292 -58.52 2.56 4.77
N ILE D 293 -58.76 1.72 3.77
CA ILE D 293 -58.47 2.07 2.38
C ILE D 293 -59.74 2.49 1.65
N PRO D 294 -59.91 3.80 1.43
CA PRO D 294 -61.07 4.40 0.75
C PRO D 294 -61.34 3.73 -0.59
N ASN D 295 -62.58 3.85 -1.08
CA ASN D 295 -62.94 3.25 -2.36
C ASN D 295 -62.67 4.22 -3.51
N ARG D 296 -62.72 5.51 -3.20
CA ARG D 296 -62.46 6.52 -4.21
C ARG D 296 -61.15 6.20 -4.91
N TRP D 297 -60.23 5.59 -4.16
CA TRP D 297 -58.92 5.20 -4.69
C TRP D 297 -59.08 4.04 -5.65
N GLN D 298 -59.68 4.34 -6.81
CA GLN D 298 -59.91 3.36 -7.85
C GLN D 298 -60.10 4.22 -9.09
N SER D 299 -60.36 5.49 -8.85
CA SER D 299 -60.56 6.49 -9.90
C SER D 299 -59.48 6.34 -10.97
N CYS D 300 -58.24 6.20 -10.52
CA CYS D 300 -57.11 6.05 -11.41
C CYS D 300 -56.26 4.88 -10.93
N GLU D 301 -55.39 4.40 -11.82
CA GLU D 301 -54.53 3.26 -11.50
C GLU D 301 -53.63 3.63 -10.33
N ALA D 302 -53.02 4.81 -10.41
CA ALA D 302 -52.14 5.30 -9.37
C ALA D 302 -52.60 4.86 -7.98
N LEU D 303 -53.78 5.32 -7.58
CA LEU D 303 -54.32 4.96 -6.28
C LEU D 303 -54.53 3.46 -6.13
N ARG D 304 -54.95 2.80 -7.21
CA ARG D 304 -55.18 1.36 -7.17
C ARG D 304 -53.88 0.61 -6.96
N VAL D 305 -52.80 1.13 -7.55
CA VAL D 305 -51.47 0.51 -7.42
C VAL D 305 -51.02 0.64 -5.97
N MET D 306 -51.13 1.86 -5.46
CA MET D 306 -50.77 2.16 -4.08
C MET D 306 -51.57 1.29 -3.14
N ALA D 307 -52.90 1.42 -3.22
CA ALA D 307 -53.79 0.63 -2.37
C ALA D 307 -53.38 -0.83 -2.38
N LYS D 308 -52.89 -1.27 -3.53
CA LYS D 308 -52.43 -2.63 -3.71
C LYS D 308 -51.26 -2.89 -2.79
N ILE D 309 -50.19 -2.12 -2.98
CA ILE D 309 -48.98 -2.25 -2.17
C ILE D 309 -49.24 -2.21 -0.67
N MET D 310 -50.10 -1.30 -0.23
CA MET D 310 -50.42 -1.22 1.18
C MET D 310 -50.79 -2.59 1.74
N ARG D 311 -51.86 -3.18 1.23
CA ARG D 311 -52.29 -4.50 1.70
C ARG D 311 -51.10 -5.45 1.59
N GLU D 312 -50.43 -5.38 0.44
CA GLU D 312 -49.25 -6.20 0.15
C GLU D 312 -48.17 -6.01 1.19
N CYS D 313 -48.34 -5.01 2.05
CA CYS D 313 -47.37 -4.71 3.10
C CYS D 313 -47.91 -5.03 4.47
N TRP D 314 -49.22 -4.81 4.63
CA TRP D 314 -49.91 -5.01 5.90
C TRP D 314 -50.21 -6.44 6.31
N TYR D 315 -49.87 -7.40 5.46
CA TYR D 315 -50.11 -8.81 5.78
C TYR D 315 -49.66 -9.13 7.20
N ALA D 316 -50.44 -9.96 7.88
CA ALA D 316 -50.12 -10.36 9.25
C ALA D 316 -48.82 -11.10 9.18
N ASN D 317 -48.74 -12.07 8.28
CA ASN D 317 -47.51 -12.81 8.14
C ASN D 317 -46.54 -11.95 7.36
N GLY D 318 -45.49 -11.49 8.04
CA GLY D 318 -44.51 -10.64 7.42
C GLY D 318 -43.89 -11.25 6.19
N ALA D 319 -43.55 -12.54 6.29
CA ALA D 319 -42.90 -13.26 5.19
C ALA D 319 -43.67 -13.19 3.86
N ALA D 320 -44.92 -12.76 3.93
CA ALA D 320 -45.74 -12.65 2.75
C ALA D 320 -45.80 -11.23 2.20
N ARG D 321 -45.21 -10.28 2.91
CA ARG D 321 -45.23 -8.88 2.48
C ARG D 321 -44.27 -8.69 1.33
N LEU D 322 -44.42 -7.60 0.60
CA LEU D 322 -43.51 -7.34 -0.50
C LEU D 322 -42.13 -7.02 0.07
N THR D 323 -41.21 -6.68 -0.83
CA THR D 323 -39.88 -6.28 -0.41
C THR D 323 -39.72 -4.88 -0.96
N ALA D 324 -38.85 -4.11 -0.32
CA ALA D 324 -38.61 -2.74 -0.73
C ALA D 324 -38.22 -2.66 -2.22
N LEU D 325 -37.32 -3.55 -2.63
CA LEU D 325 -36.88 -3.61 -4.01
C LEU D 325 -38.06 -3.82 -4.95
N ARG D 326 -38.86 -4.84 -4.65
CA ARG D 326 -40.06 -5.21 -5.41
C ARG D 326 -41.01 -4.04 -5.55
N ILE D 327 -41.27 -3.33 -4.45
CA ILE D 327 -42.17 -2.17 -4.49
C ILE D 327 -41.58 -1.08 -5.34
N LYS D 328 -40.29 -0.83 -5.15
CA LYS D 328 -39.62 0.21 -5.90
C LYS D 328 -39.76 -0.05 -7.39
N LYS D 329 -39.69 -1.31 -7.77
CA LYS D 329 -39.77 -1.69 -9.15
C LYS D 329 -41.14 -1.38 -9.73
N THR D 330 -42.20 -1.85 -9.07
CA THR D 330 -43.54 -1.60 -9.57
C THR D 330 -43.87 -0.12 -9.53
N LEU D 331 -43.44 0.54 -8.48
CA LEU D 331 -43.72 1.96 -8.37
C LEU D 331 -42.96 2.70 -9.47
N SER D 332 -41.80 2.15 -9.82
CA SER D 332 -40.94 2.74 -10.85
C SER D 332 -41.60 2.66 -12.23
N GLN D 333 -42.29 1.57 -12.50
CA GLN D 333 -42.99 1.41 -13.77
C GLN D 333 -44.07 2.47 -13.82
N LEU D 334 -44.93 2.47 -12.80
CA LEU D 334 -46.04 3.43 -12.72
C LEU D 334 -45.56 4.83 -13.06
N SER D 335 -44.47 5.23 -12.42
CA SER D 335 -43.87 6.54 -12.63
C SER D 335 -43.42 6.72 -14.09
N GLN D 336 -42.64 5.77 -14.57
CA GLN D 336 -42.13 5.79 -15.94
C GLN D 336 -43.27 5.66 -16.96
N GLN D 337 -44.51 5.72 -16.47
CA GLN D 337 -45.67 5.61 -17.33
C GLN D 337 -46.52 6.87 -17.30
N GLU D 338 -45.86 8.02 -17.15
CA GLU D 338 -46.53 9.31 -17.12
C GLU D 338 -45.51 10.45 -17.20
N GLY D 339 -44.32 10.21 -16.65
CA GLY D 339 -43.29 11.24 -16.66
C GLY D 339 -42.78 11.59 -15.27
N ILE E 10 -12.15 5.71 22.65
CA ILE E 10 -13.52 5.12 22.44
C ILE E 10 -14.56 6.20 22.72
N SER E 11 -15.47 6.42 21.76
CA SER E 11 -16.50 7.45 21.93
C SER E 11 -17.49 7.16 23.01
N GLU E 12 -18.42 8.11 23.18
CA GLU E 12 -19.48 7.98 24.15
C GLU E 12 -20.54 7.15 23.43
N GLY E 13 -21.37 6.43 24.18
CA GLY E 13 -22.41 5.64 23.56
C GLY E 13 -21.93 4.40 22.81
N THR E 14 -20.62 4.27 22.61
CA THR E 14 -20.08 3.11 21.93
C THR E 14 -20.38 1.91 22.81
N THR E 15 -20.63 0.76 22.21
CA THR E 15 -20.91 -0.40 23.03
C THR E 15 -20.10 -1.59 22.63
N LEU E 16 -19.76 -2.40 23.62
CA LEU E 16 -18.96 -3.60 23.45
C LEU E 16 -19.32 -4.29 22.14
N LYS E 17 -20.62 -4.40 21.91
CA LYS E 17 -21.15 -5.04 20.72
C LYS E 17 -20.64 -4.39 19.45
N ASP E 18 -20.64 -3.06 19.40
CA ASP E 18 -20.18 -2.36 18.20
C ASP E 18 -18.72 -2.61 17.95
N LEU E 19 -17.91 -2.41 18.97
CA LEU E 19 -16.48 -2.61 18.83
C LEU E 19 -16.25 -3.92 18.11
N ILE E 20 -16.88 -4.98 18.61
CA ILE E 20 -16.74 -6.29 18.01
C ILE E 20 -17.29 -6.40 16.60
N TYR E 21 -18.56 -6.03 16.39
CA TYR E 21 -19.13 -6.10 15.05
C TYR E 21 -18.20 -5.43 14.05
N ASP E 22 -17.75 -4.21 14.38
CA ASP E 22 -16.87 -3.43 13.49
C ASP E 22 -15.54 -4.11 13.23
N MET E 23 -15.02 -4.79 14.25
CA MET E 23 -13.74 -5.47 14.14
C MET E 23 -13.92 -6.68 13.23
N THR E 24 -14.92 -7.49 13.58
CA THR E 24 -15.30 -8.71 12.86
C THR E 24 -15.60 -8.44 11.38
N THR E 25 -15.92 -7.18 11.06
CA THR E 25 -16.27 -6.76 9.71
C THR E 25 -15.14 -6.09 8.95
N SER E 26 -14.57 -5.05 9.54
CA SER E 26 -13.49 -4.29 8.92
C SER E 26 -12.10 -4.85 9.21
N GLY E 27 -11.51 -4.31 10.28
CA GLY E 27 -10.19 -4.70 10.70
C GLY E 27 -9.92 -6.17 10.51
N SER E 28 -9.14 -6.48 9.47
CA SER E 28 -8.80 -7.85 9.16
C SER E 28 -8.29 -8.57 10.41
N GLY E 29 -7.75 -7.77 11.34
CA GLY E 29 -7.22 -8.29 12.57
C GLY E 29 -8.15 -9.25 13.29
N SER E 30 -7.54 -10.19 14.00
CA SER E 30 -8.25 -11.20 14.76
C SER E 30 -8.89 -10.57 16.00
N GLY E 31 -8.31 -9.47 16.46
CA GLY E 31 -8.84 -8.79 17.63
C GLY E 31 -9.04 -7.30 17.46
N LEU E 32 -9.03 -6.59 18.57
CA LEU E 32 -9.19 -5.15 18.58
C LEU E 32 -7.79 -4.59 18.69
N PRO E 33 -7.63 -3.31 18.37
CA PRO E 33 -6.34 -2.62 18.43
C PRO E 33 -5.90 -2.53 19.88
N LEU E 34 -4.69 -3.02 20.17
CA LEU E 34 -4.17 -3.01 21.54
C LEU E 34 -4.66 -1.85 22.40
N LEU E 35 -4.63 -0.64 21.86
CA LEU E 35 -5.04 0.50 22.65
C LEU E 35 -6.50 0.46 23.11
N VAL E 36 -7.36 -0.18 22.32
CA VAL E 36 -8.77 -0.29 22.72
C VAL E 36 -8.88 -1.30 23.85
N GLN E 37 -8.14 -2.40 23.72
CA GLN E 37 -8.14 -3.46 24.72
C GLN E 37 -7.79 -2.82 26.04
N ARG E 38 -6.64 -2.15 26.06
CA ARG E 38 -6.18 -1.48 27.26
C ARG E 38 -7.28 -0.63 27.87
N THR E 39 -7.96 0.14 27.03
CA THR E 39 -9.02 1.04 27.49
C THR E 39 -10.13 0.21 28.09
N ILE E 40 -10.62 -0.73 27.31
CA ILE E 40 -11.69 -1.58 27.80
C ILE E 40 -11.28 -2.08 29.19
N ALA E 41 -10.16 -2.75 29.27
CA ALA E 41 -9.66 -3.30 30.52
C ALA E 41 -9.60 -2.32 31.70
N ARG E 42 -8.84 -1.25 31.59
CA ARG E 42 -8.73 -0.31 32.70
C ARG E 42 -10.03 0.43 33.01
N THR E 43 -11.05 0.15 32.19
CA THR E 43 -12.32 0.81 32.34
C THR E 43 -13.48 -0.05 32.86
N ILE E 44 -13.32 -1.36 32.83
CA ILE E 44 -14.33 -2.31 33.31
C ILE E 44 -14.57 -2.04 34.79
N VAL E 45 -15.73 -2.46 35.30
CA VAL E 45 -16.03 -2.28 36.73
C VAL E 45 -16.35 -3.67 37.25
N LEU E 46 -15.48 -4.19 38.12
CA LEU E 46 -15.68 -5.53 38.66
C LEU E 46 -16.90 -5.60 39.54
N GLN E 47 -17.50 -6.79 39.59
CA GLN E 47 -18.69 -7.09 40.39
C GLN E 47 -18.31 -8.16 41.40
N GLU E 48 -18.91 -9.34 41.24
CA GLU E 48 -18.62 -10.45 42.15
C GLU E 48 -17.43 -11.26 41.62
N SER E 49 -17.04 -12.28 42.34
CA SER E 49 -15.96 -13.15 41.91
C SER E 49 -16.57 -14.50 41.64
N ILE E 50 -16.67 -14.85 40.36
CA ILE E 50 -17.24 -16.12 39.95
C ILE E 50 -16.55 -17.37 40.48
N GLY E 51 -15.38 -17.70 39.94
CA GLY E 51 -14.68 -18.89 40.39
C GLY E 51 -13.18 -18.70 40.60
N LYS E 52 -12.49 -19.76 40.98
CA LYS E 52 -11.06 -19.68 41.20
C LYS E 52 -10.31 -20.69 40.37
N GLY E 53 -9.01 -20.75 40.61
CA GLY E 53 -8.16 -21.68 39.89
C GLY E 53 -6.69 -21.46 40.21
N ARG E 54 -5.84 -22.31 39.67
CA ARG E 54 -4.41 -22.18 39.89
C ARG E 54 -3.91 -20.97 39.11
N PHE E 55 -4.71 -20.52 38.14
CA PHE E 55 -4.37 -19.37 37.31
C PHE E 55 -4.57 -18.04 38.04
N GLY E 56 -5.64 -17.97 38.82
CA GLY E 56 -5.95 -16.76 39.55
C GLY E 56 -7.42 -16.86 39.89
N GLU E 57 -8.26 -16.14 39.17
CA GLU E 57 -9.67 -16.22 39.43
C GLU E 57 -10.49 -15.44 38.43
N VAL E 58 -11.64 -16.00 38.07
CA VAL E 58 -12.53 -15.35 37.13
C VAL E 58 -13.49 -14.45 37.88
N TRP E 59 -13.81 -13.31 37.26
CA TRP E 59 -14.69 -12.33 37.85
C TRP E 59 -15.70 -11.94 36.83
N ARG E 60 -16.79 -11.38 37.30
CA ARG E 60 -17.85 -10.91 36.44
C ARG E 60 -17.76 -9.41 36.60
N GLY E 61 -17.56 -8.71 35.50
CA GLY E 61 -17.46 -7.27 35.59
C GLY E 61 -18.41 -6.68 34.60
N LYS E 62 -18.54 -5.36 34.63
CA LYS E 62 -19.41 -4.70 33.69
C LYS E 62 -18.65 -3.60 33.01
N TRP E 63 -18.84 -3.49 31.70
CA TRP E 63 -18.20 -2.45 30.91
C TRP E 63 -19.30 -1.56 30.33
N ARG E 64 -19.45 -0.37 30.91
CA ARG E 64 -20.49 0.54 30.46
C ARG E 64 -21.79 -0.23 30.48
N GLY E 65 -22.04 -0.96 31.56
CA GLY E 65 -23.26 -1.74 31.64
C GLY E 65 -23.08 -3.20 31.24
N GLU E 66 -22.93 -3.46 29.94
CA GLU E 66 -22.76 -4.82 29.43
C GLU E 66 -21.89 -5.69 30.33
N GLU E 67 -22.42 -6.84 30.79
CA GLU E 67 -21.67 -7.76 31.67
C GLU E 67 -20.54 -8.41 30.90
N VAL E 68 -19.42 -8.65 31.58
CA VAL E 68 -18.30 -9.27 30.92
C VAL E 68 -17.57 -10.19 31.90
N ALA E 69 -16.70 -11.06 31.39
CA ALA E 69 -15.96 -11.95 32.27
C ALA E 69 -14.48 -11.58 32.31
N VAL E 70 -13.97 -11.36 33.51
CA VAL E 70 -12.57 -11.00 33.67
C VAL E 70 -11.81 -12.15 34.32
N LYS E 71 -10.72 -12.57 33.69
CA LYS E 71 -9.90 -13.63 34.21
C LYS E 71 -8.68 -12.89 34.70
N ILE E 72 -8.51 -12.80 36.02
CA ILE E 72 -7.37 -12.09 36.59
C ILE E 72 -6.30 -13.03 37.09
N PHE E 73 -5.23 -13.19 36.33
CA PHE E 73 -4.12 -14.08 36.69
C PHE E 73 -3.26 -13.64 37.83
N SER E 74 -2.61 -14.62 38.44
CA SER E 74 -1.71 -14.38 39.54
C SER E 74 -0.36 -14.07 38.88
N SER E 75 0.32 -13.01 39.30
CA SER E 75 1.58 -12.65 38.66
C SER E 75 2.48 -13.85 38.37
N ARG E 76 2.55 -14.78 39.31
CA ARG E 76 3.37 -15.98 39.15
C ARG E 76 2.90 -16.79 37.94
N GLU E 77 1.62 -16.70 37.61
CA GLU E 77 1.05 -17.43 36.48
C GLU E 77 1.10 -16.62 35.17
N GLU E 78 2.16 -15.84 34.97
CA GLU E 78 2.26 -15.01 33.79
C GLU E 78 2.40 -15.77 32.50
N ARG E 79 3.04 -16.93 32.55
CA ARG E 79 3.21 -17.69 31.30
C ARG E 79 1.87 -18.25 30.83
N SER E 80 1.02 -18.60 31.77
CA SER E 80 -0.28 -19.14 31.41
C SER E 80 -1.17 -18.01 30.86
N TRP E 81 -0.94 -16.79 31.36
CA TRP E 81 -1.68 -15.61 30.89
C TRP E 81 -1.36 -15.36 29.43
N PHE E 82 -0.09 -15.08 29.15
CA PHE E 82 0.37 -14.82 27.79
C PHE E 82 -0.16 -15.82 26.79
N ARG E 83 0.17 -17.09 26.97
CA ARG E 83 -0.28 -18.13 26.04
C ARG E 83 -1.77 -18.12 25.71
N GLU E 84 -2.62 -17.85 26.70
CA GLU E 84 -4.03 -17.83 26.42
C GLU E 84 -4.26 -16.61 25.53
N ALA E 85 -3.66 -15.49 25.93
CA ALA E 85 -3.78 -14.26 25.17
C ALA E 85 -3.24 -14.47 23.77
N GLU E 86 -2.06 -15.07 23.71
CA GLU E 86 -1.39 -15.34 22.45
C GLU E 86 -2.23 -16.16 21.48
N ILE E 87 -3.01 -17.11 21.99
CA ILE E 87 -3.79 -17.94 21.09
C ILE E 87 -5.16 -17.41 20.73
N TYR E 88 -5.87 -16.80 21.69
CA TYR E 88 -7.21 -16.26 21.43
C TYR E 88 -7.20 -15.23 20.32
N GLN E 89 -6.00 -14.93 19.83
CA GLN E 89 -5.85 -13.96 18.78
C GLN E 89 -5.13 -14.52 17.57
N THR E 90 -5.70 -15.55 16.94
CA THR E 90 -5.07 -16.09 15.76
C THR E 90 -6.05 -16.05 14.59
N VAL E 91 -5.95 -14.95 13.85
CA VAL E 91 -6.73 -14.64 12.66
C VAL E 91 -8.09 -15.28 12.42
N MET E 92 -8.16 -16.60 12.40
CA MET E 92 -9.46 -17.20 12.13
C MET E 92 -9.98 -18.10 13.23
N LEU E 93 -9.47 -17.91 14.43
CA LEU E 93 -9.89 -18.72 15.56
C LEU E 93 -11.30 -18.38 15.99
N ARG E 94 -11.64 -17.09 16.02
CA ARG E 94 -12.97 -16.66 16.45
C ARG E 94 -14.03 -17.48 15.75
N HIS E 95 -14.87 -18.16 16.53
CA HIS E 95 -15.94 -19.02 16.00
C HIS E 95 -17.10 -19.14 16.99
N GLU E 96 -18.29 -19.35 16.47
CA GLU E 96 -19.50 -19.46 17.29
C GLU E 96 -19.44 -20.38 18.52
N ASN E 97 -18.49 -21.31 18.54
CA ASN E 97 -18.34 -22.27 19.64
C ASN E 97 -17.01 -22.19 20.35
N ILE E 98 -16.46 -20.99 20.45
CA ILE E 98 -15.18 -20.83 21.11
C ILE E 98 -15.23 -19.54 21.91
N LEU E 99 -15.22 -19.66 23.23
CA LEU E 99 -15.28 -18.50 24.11
C LEU E 99 -14.84 -17.26 23.37
N GLY E 100 -15.73 -16.27 23.29
CA GLY E 100 -15.41 -15.03 22.59
C GLY E 100 -14.38 -14.15 23.26
N PHE E 101 -13.27 -13.87 22.56
CA PHE E 101 -12.22 -13.04 23.14
C PHE E 101 -12.44 -11.55 22.95
N ILE E 102 -12.08 -10.77 23.97
CA ILE E 102 -12.24 -9.32 23.92
C ILE E 102 -10.91 -8.61 24.11
N ALA E 103 -10.39 -8.61 25.33
CA ALA E 103 -9.13 -7.94 25.59
C ALA E 103 -8.18 -8.65 26.55
N ALA E 104 -6.90 -8.34 26.42
CA ALA E 104 -5.87 -8.88 27.30
C ALA E 104 -5.14 -7.63 27.77
N ASP E 105 -4.73 -7.58 29.03
CA ASP E 105 -4.04 -6.38 29.50
C ASP E 105 -3.19 -6.47 30.76
N ASN E 106 -1.93 -5.99 30.67
CA ASN E 106 -1.00 -5.97 31.80
C ASN E 106 -1.12 -4.62 32.56
N LYS E 107 -0.71 -4.57 33.83
CA LYS E 107 -0.92 -3.32 34.54
C LYS E 107 0.07 -2.73 35.54
N ASP E 108 0.52 -3.47 36.54
CA ASP E 108 1.42 -2.80 37.47
C ASP E 108 2.88 -3.24 37.30
N ASN E 109 3.66 -3.25 38.36
CA ASN E 109 5.05 -3.65 38.25
C ASN E 109 5.43 -4.93 38.94
N GLY E 110 6.68 -5.32 38.73
CA GLY E 110 7.26 -6.51 39.31
C GLY E 110 6.33 -7.50 39.98
N THR E 111 6.47 -7.62 41.29
CA THR E 111 5.69 -8.54 42.10
C THR E 111 4.20 -8.36 41.98
N TRP E 112 3.77 -7.10 41.92
CA TRP E 112 2.37 -6.77 41.86
C TRP E 112 1.77 -6.53 40.49
N THR E 113 2.43 -7.06 39.46
CA THR E 113 1.94 -6.91 38.10
C THR E 113 0.55 -7.50 38.01
N GLN E 114 -0.29 -7.00 37.12
CA GLN E 114 -1.64 -7.51 37.03
C GLN E 114 -2.05 -7.95 35.64
N LEU E 115 -2.12 -9.25 35.40
CA LEU E 115 -2.49 -9.73 34.08
C LEU E 115 -3.97 -10.06 33.98
N TRP E 116 -4.63 -9.52 32.96
CA TRP E 116 -6.07 -9.72 32.75
C TRP E 116 -6.39 -10.25 31.35
N LEU E 117 -7.53 -10.93 31.26
CA LEU E 117 -8.05 -11.49 30.03
C LEU E 117 -9.55 -11.21 30.16
N VAL E 118 -10.17 -10.71 29.11
CA VAL E 118 -11.58 -10.40 29.19
C VAL E 118 -12.24 -11.10 28.06
N SER E 119 -13.40 -11.69 28.32
CA SER E 119 -14.13 -12.44 27.30
C SER E 119 -15.61 -12.20 27.49
N ASP E 120 -16.41 -12.80 26.61
CA ASP E 120 -17.85 -12.66 26.74
C ASP E 120 -18.23 -13.30 28.07
N TYR E 121 -19.43 -12.99 28.55
CA TYR E 121 -19.91 -13.54 29.81
C TYR E 121 -21.06 -14.47 29.55
N HIS E 122 -20.99 -15.66 30.12
CA HIS E 122 -22.05 -16.64 29.95
C HIS E 122 -22.60 -17.00 31.32
N GLU E 123 -23.74 -16.40 31.66
CA GLU E 123 -24.42 -16.58 32.94
C GLU E 123 -24.44 -18.02 33.45
N HIS E 124 -24.82 -18.94 32.57
CA HIS E 124 -24.90 -20.35 32.95
C HIS E 124 -23.62 -20.95 33.51
N GLY E 125 -22.47 -20.51 33.02
CA GLY E 125 -21.20 -21.03 33.51
C GLY E 125 -20.60 -22.20 32.77
N SER E 126 -19.81 -22.99 33.48
CA SER E 126 -19.17 -24.14 32.87
C SER E 126 -20.15 -25.25 32.64
N LEU E 127 -19.85 -26.12 31.68
CA LEU E 127 -20.70 -27.26 31.39
C LEU E 127 -20.78 -28.11 32.65
N PHE E 128 -19.69 -28.08 33.41
CA PHE E 128 -19.58 -28.81 34.65
C PHE E 128 -20.56 -28.26 35.67
N ASP E 129 -20.72 -26.95 35.76
CA ASP E 129 -21.65 -26.42 36.72
C ASP E 129 -23.05 -26.58 36.21
N TYR E 130 -23.18 -26.69 34.90
CA TYR E 130 -24.46 -26.81 34.27
C TYR E 130 -25.02 -28.22 34.43
N LEU E 131 -24.19 -29.23 34.19
CA LEU E 131 -24.62 -30.63 34.30
C LEU E 131 -24.93 -31.06 35.74
N ASN E 132 -24.43 -30.32 36.71
CA ASN E 132 -24.74 -30.65 38.08
C ASN E 132 -26.11 -30.02 38.38
N ARG E 133 -26.22 -28.70 38.20
CA ARG E 133 -27.47 -27.99 38.47
C ARG E 133 -28.71 -28.47 37.70
N TYR E 134 -28.55 -29.03 36.50
CA TYR E 134 -29.71 -29.48 35.71
C TYR E 134 -29.54 -30.83 35.02
N THR E 135 -30.57 -31.25 34.30
CA THR E 135 -30.54 -32.49 33.53
C THR E 135 -30.86 -32.00 32.13
N VAL E 136 -31.02 -32.88 31.16
CA VAL E 136 -31.28 -32.36 29.85
C VAL E 136 -32.08 -33.23 28.89
N THR E 137 -32.78 -32.57 27.97
CA THR E 137 -33.59 -33.18 26.92
C THR E 137 -32.70 -33.97 25.96
N VAL E 138 -33.31 -34.82 25.14
CA VAL E 138 -32.49 -35.54 24.18
C VAL E 138 -31.98 -34.53 23.18
N GLU E 139 -32.79 -33.52 22.91
CA GLU E 139 -32.39 -32.45 21.99
C GLU E 139 -31.24 -31.72 22.66
N GLY E 140 -31.48 -31.29 23.89
CA GLY E 140 -30.47 -30.58 24.65
C GLY E 140 -29.10 -31.22 24.65
N MET E 141 -29.06 -32.53 24.87
CA MET E 141 -27.81 -33.26 24.86
C MET E 141 -27.14 -33.16 23.49
N ILE E 142 -27.88 -33.47 22.44
CA ILE E 142 -27.32 -33.39 21.10
C ILE E 142 -26.83 -32.00 20.80
N LYS E 143 -27.57 -31.00 21.23
CA LYS E 143 -27.18 -29.61 21.00
C LYS E 143 -25.78 -29.35 21.61
N LEU E 144 -25.59 -29.66 22.90
CA LEU E 144 -24.30 -29.49 23.57
C LEU E 144 -23.20 -30.30 22.90
N ALA E 145 -23.50 -31.55 22.54
CA ALA E 145 -22.50 -32.41 21.91
C ALA E 145 -22.05 -31.88 20.55
N LEU E 146 -23.02 -31.44 19.75
CA LEU E 146 -22.71 -30.88 18.44
C LEU E 146 -21.76 -29.70 18.60
N SER E 147 -22.13 -28.77 19.48
CA SER E 147 -21.31 -27.59 19.74
C SER E 147 -19.88 -28.01 19.94
N THR E 148 -19.62 -28.64 21.07
CA THR E 148 -18.28 -29.07 21.39
C THR E 148 -17.58 -29.63 20.18
N ALA E 149 -18.24 -30.52 19.46
CA ALA E 149 -17.63 -31.11 18.27
C ALA E 149 -17.27 -30.05 17.23
N SER E 150 -18.21 -29.15 16.93
CA SER E 150 -18.02 -28.06 15.98
C SER E 150 -16.85 -27.20 16.42
N GLY E 151 -16.84 -26.84 17.70
CA GLY E 151 -15.76 -26.06 18.23
C GLY E 151 -14.45 -26.83 18.16
N LEU E 152 -14.46 -28.09 18.60
CA LEU E 152 -13.20 -28.83 18.57
C LEU E 152 -12.81 -29.08 17.13
N ALA E 153 -13.80 -29.27 16.26
CA ALA E 153 -13.53 -29.53 14.85
C ALA E 153 -12.77 -28.35 14.29
N HIS E 154 -13.31 -27.17 14.54
CA HIS E 154 -12.73 -25.92 14.06
C HIS E 154 -11.34 -25.68 14.63
N LEU E 155 -11.18 -25.89 15.93
CA LEU E 155 -9.89 -25.70 16.58
C LEU E 155 -8.81 -26.59 15.96
N HIS E 156 -9.17 -27.82 15.59
CA HIS E 156 -8.25 -28.77 14.99
C HIS E 156 -8.01 -28.48 13.51
N MET E 157 -9.05 -27.97 12.86
CA MET E 157 -9.00 -27.64 11.44
C MET E 157 -7.90 -26.68 11.07
N GLU E 158 -7.49 -26.74 9.81
CA GLU E 158 -6.44 -25.87 9.32
C GLU E 158 -6.85 -25.21 8.01
N ILE E 159 -6.35 -24.01 7.78
CA ILE E 159 -6.67 -23.29 6.57
C ILE E 159 -5.35 -22.73 6.06
N VAL E 160 -4.83 -23.32 4.99
CA VAL E 160 -3.53 -22.96 4.42
C VAL E 160 -3.38 -21.60 3.72
N GLY E 161 -4.49 -20.96 3.34
CA GLY E 161 -4.38 -19.66 2.69
C GLY E 161 -3.43 -18.72 3.42
N THR E 162 -3.18 -17.53 2.87
CA THR E 162 -2.28 -16.57 3.52
C THR E 162 -2.94 -15.96 4.74
N GLN E 163 -4.26 -15.83 4.70
CA GLN E 163 -5.02 -15.29 5.82
C GLN E 163 -5.57 -16.45 6.63
N GLY E 164 -4.97 -17.63 6.43
CA GLY E 164 -5.41 -18.84 7.13
C GLY E 164 -4.85 -19.09 8.52
N LYS E 165 -5.53 -19.96 9.27
CA LYS E 165 -5.15 -20.31 10.63
C LYS E 165 -4.53 -21.67 10.73
N PRO E 166 -3.71 -21.89 11.76
CA PRO E 166 -3.05 -23.17 11.96
C PRO E 166 -3.93 -24.12 12.76
N ALA E 167 -3.57 -25.39 12.76
CA ALA E 167 -4.32 -26.36 13.52
C ALA E 167 -3.96 -26.06 14.95
N ILE E 168 -4.89 -26.26 15.87
CA ILE E 168 -4.64 -26.03 17.29
C ILE E 168 -5.13 -27.23 18.07
N ALA E 169 -4.31 -27.75 18.96
CA ALA E 169 -4.71 -28.88 19.78
C ALA E 169 -4.94 -28.29 21.16
N HIS E 170 -6.07 -28.61 21.77
CA HIS E 170 -6.40 -28.06 23.06
C HIS E 170 -5.49 -28.52 24.18
N ARG E 171 -5.42 -29.83 24.40
CA ARG E 171 -4.58 -30.39 25.44
C ARG E 171 -5.18 -30.33 26.83
N ASP E 172 -6.46 -30.03 26.93
CA ASP E 172 -7.09 -29.99 28.23
C ASP E 172 -8.59 -29.80 28.18
N LEU E 173 -9.23 -30.73 27.48
CA LEU E 173 -10.68 -30.73 27.36
C LEU E 173 -11.29 -31.31 28.63
N LYS E 174 -12.50 -30.86 28.95
CA LYS E 174 -13.20 -31.32 30.14
C LYS E 174 -14.37 -30.41 30.51
N SER E 175 -15.43 -31.00 31.02
CA SER E 175 -16.60 -30.23 31.39
C SER E 175 -16.32 -28.86 32.05
N LYS E 176 -15.21 -28.70 32.74
CA LYS E 176 -14.97 -27.42 33.38
C LYS E 176 -14.32 -26.38 32.47
N ASN E 177 -13.97 -26.80 31.28
CA ASN E 177 -13.33 -25.94 30.31
C ASN E 177 -14.29 -25.69 29.18
N ILE E 178 -15.58 -25.78 29.43
CA ILE E 178 -16.54 -25.52 28.37
C ILE E 178 -17.62 -24.70 29.02
N LEU E 179 -18.09 -23.67 28.33
CA LEU E 179 -19.14 -22.82 28.89
C LEU E 179 -20.44 -23.07 28.17
N VAL E 180 -21.55 -22.69 28.79
CA VAL E 180 -22.81 -22.90 28.10
C VAL E 180 -23.59 -21.62 27.92
N LYS E 181 -23.84 -21.31 26.66
CA LYS E 181 -24.56 -20.12 26.28
C LYS E 181 -26.02 -20.35 26.64
N LYS E 182 -26.78 -19.26 26.77
CA LYS E 182 -28.20 -19.36 27.10
C LYS E 182 -28.94 -20.32 26.16
N ASN E 183 -28.67 -20.24 24.86
CA ASN E 183 -29.32 -21.08 23.87
C ASN E 183 -28.89 -22.55 23.92
N GLY E 184 -28.45 -22.99 25.10
CA GLY E 184 -28.03 -24.38 25.31
C GLY E 184 -26.89 -24.89 24.44
N THR E 185 -26.03 -24.00 24.00
CA THR E 185 -24.91 -24.37 23.17
C THR E 185 -23.65 -24.19 23.99
N CYS E 186 -22.53 -24.72 23.51
CA CYS E 186 -21.29 -24.60 24.26
C CYS E 186 -20.25 -23.81 23.51
N CYS E 187 -19.09 -23.66 24.15
CA CYS E 187 -17.95 -22.98 23.57
C CYS E 187 -16.69 -23.31 24.38
N ILE E 188 -15.73 -23.93 23.71
CA ILE E 188 -14.48 -24.32 24.35
C ILE E 188 -13.83 -23.12 25.00
N ALA E 189 -13.24 -23.35 26.16
CA ALA E 189 -12.59 -22.25 26.85
C ALA E 189 -11.21 -22.68 27.28
N ASP E 190 -10.59 -21.88 28.14
CA ASP E 190 -9.25 -22.15 28.65
C ASP E 190 -8.30 -22.77 27.63
N LEU E 191 -7.65 -21.93 26.85
CA LEU E 191 -6.72 -22.40 25.83
C LEU E 191 -5.29 -22.13 26.22
N GLY E 192 -5.03 -22.03 27.52
CA GLY E 192 -3.68 -21.78 27.98
C GLY E 192 -2.67 -22.88 27.69
N LEU E 193 -3.16 -24.09 27.44
CA LEU E 193 -2.26 -25.20 27.17
C LEU E 193 -2.16 -25.53 25.70
N ALA E 194 -3.19 -25.15 24.95
CA ALA E 194 -3.26 -25.38 23.52
C ALA E 194 -1.95 -25.18 22.78
N VAL E 195 -1.78 -25.89 21.67
CA VAL E 195 -0.58 -25.76 20.86
C VAL E 195 -0.98 -25.55 19.41
N ARG E 196 -0.14 -24.79 18.69
CA ARG E 196 -0.36 -24.49 17.28
C ARG E 196 0.61 -25.26 16.40
N HIS E 197 0.12 -25.66 15.24
CA HIS E 197 0.91 -26.41 14.29
C HIS E 197 0.88 -25.74 12.95
N ASP E 198 2.01 -25.19 12.53
CA ASP E 198 2.08 -24.54 11.22
C ASP E 198 2.34 -25.58 10.14
N SER E 199 1.37 -25.75 9.24
CA SER E 199 1.50 -26.71 8.16
C SER E 199 2.77 -26.44 7.36
N ALA E 200 2.86 -25.23 6.81
CA ALA E 200 3.99 -24.78 6.00
C ALA E 200 5.37 -25.23 6.50
N THR E 201 5.79 -24.72 7.65
CA THR E 201 7.11 -25.07 8.18
C THR E 201 7.14 -26.33 9.04
N ASP E 202 6.01 -27.04 9.08
CA ASP E 202 5.85 -28.26 9.88
C ASP E 202 6.57 -28.20 11.23
N THR E 203 6.07 -27.32 12.11
CA THR E 203 6.62 -27.14 13.44
C THR E 203 5.49 -26.90 14.41
N ILE E 204 5.79 -27.03 15.69
CA ILE E 204 4.80 -26.84 16.74
C ILE E 204 5.33 -25.91 17.81
N ASP E 205 4.64 -24.79 18.05
CA ASP E 205 5.08 -23.86 19.09
C ASP E 205 4.72 -24.49 20.43
N ILE E 206 5.63 -24.45 21.38
CA ILE E 206 5.33 -25.06 22.68
C ILE E 206 6.25 -24.69 23.82
N ALA E 207 5.64 -24.32 24.95
CA ALA E 207 6.38 -23.98 26.16
C ALA E 207 6.45 -25.25 27.04
N PRO E 208 5.29 -25.91 27.29
CA PRO E 208 5.31 -27.13 28.12
C PRO E 208 5.23 -28.45 27.29
N ASN E 209 6.37 -28.92 26.79
CA ASN E 209 6.43 -30.15 25.96
C ASN E 209 6.58 -31.50 26.67
N HIS E 210 5.46 -31.93 27.29
CA HIS E 210 5.39 -33.20 27.99
C HIS E 210 3.98 -33.36 28.56
N ARG E 211 3.86 -34.07 29.68
CA ARG E 211 2.56 -34.29 30.29
C ARG E 211 1.98 -33.03 30.90
N VAL E 212 0.71 -32.76 30.61
CA VAL E 212 0.02 -31.59 31.14
C VAL E 212 -1.47 -31.81 31.07
N GLY E 213 -2.21 -30.91 31.70
CA GLY E 213 -3.66 -31.01 31.68
C GLY E 213 -4.14 -31.83 32.85
N THR E 214 -5.46 -31.88 33.05
CA THR E 214 -6.05 -32.64 34.14
C THR E 214 -5.78 -34.12 33.94
N LYS E 215 -5.26 -34.76 35.01
CA LYS E 215 -4.92 -36.18 34.97
C LYS E 215 -6.09 -37.11 34.66
N ARG E 216 -7.25 -36.85 35.25
CA ARG E 216 -8.38 -37.74 35.01
C ARG E 216 -8.73 -37.89 33.52
N TYR E 217 -8.70 -36.79 32.76
CA TYR E 217 -9.03 -36.90 31.34
C TYR E 217 -7.80 -37.22 30.50
N MET E 218 -6.64 -37.28 31.15
CA MET E 218 -5.39 -37.61 30.46
C MET E 218 -5.66 -38.87 29.64
N ALA E 219 -5.33 -38.86 28.36
CA ALA E 219 -5.56 -40.01 27.51
C ALA E 219 -4.50 -41.10 27.71
N PRO E 220 -4.81 -42.35 27.34
CA PRO E 220 -3.88 -43.47 27.47
C PRO E 220 -2.46 -43.09 27.06
N GLU E 221 -2.25 -42.96 25.74
CA GLU E 221 -0.95 -42.60 25.18
C GLU E 221 -0.19 -41.65 26.09
N VAL E 222 -0.86 -40.59 26.52
CA VAL E 222 -0.25 -39.60 27.38
C VAL E 222 0.04 -40.12 28.79
N LEU E 223 -0.77 -41.05 29.28
CA LEU E 223 -0.57 -41.57 30.62
C LEU E 223 0.60 -42.51 30.77
N ASP E 224 1.04 -43.13 29.69
CA ASP E 224 2.19 -44.05 29.77
C ASP E 224 3.33 -43.50 28.90
N ASP E 225 3.21 -42.23 28.55
CA ASP E 225 4.19 -41.54 27.73
C ASP E 225 4.45 -42.16 26.35
N SER E 226 3.66 -43.15 25.97
CA SER E 226 3.83 -43.80 24.68
C SER E 226 3.46 -42.86 23.54
N ILE E 227 3.02 -41.65 23.87
CA ILE E 227 2.62 -40.67 22.87
C ILE E 227 3.82 -40.12 22.14
N ASN E 228 3.62 -39.82 20.85
CA ASN E 228 4.69 -39.28 20.03
C ASN E 228 4.51 -37.78 19.81
N MET E 229 5.01 -36.98 20.74
CA MET E 229 4.86 -35.53 20.66
C MET E 229 5.61 -34.95 19.46
N LYS E 230 6.18 -35.85 18.66
CA LYS E 230 6.92 -35.50 17.45
C LYS E 230 5.88 -35.17 16.37
N HIS E 231 4.83 -35.97 16.31
CA HIS E 231 3.74 -35.77 15.34
C HIS E 231 2.60 -35.01 16.02
N PHE E 232 1.97 -34.10 15.28
CA PHE E 232 0.90 -33.28 15.83
C PHE E 232 -0.42 -34.03 16.00
N GLU E 233 -0.73 -34.95 15.09
CA GLU E 233 -1.98 -35.69 15.18
C GLU E 233 -2.04 -36.45 16.49
N SER E 234 -0.90 -36.61 17.15
CA SER E 234 -0.87 -37.29 18.42
C SER E 234 -1.65 -36.47 19.44
N PHE E 235 -1.63 -35.15 19.26
CA PHE E 235 -2.32 -34.24 20.14
C PHE E 235 -3.80 -34.15 19.81
N LYS E 236 -4.14 -34.16 18.53
CA LYS E 236 -5.53 -34.09 18.15
C LYS E 236 -6.24 -35.35 18.63
N ARG E 237 -5.56 -36.47 18.50
CA ARG E 237 -6.12 -37.74 18.93
C ARG E 237 -6.39 -37.75 20.42
N ALA E 238 -5.48 -37.18 21.19
CA ALA E 238 -5.64 -37.11 22.62
C ALA E 238 -6.90 -36.29 22.92
N ASP E 239 -7.06 -35.15 22.25
CA ASP E 239 -8.21 -34.28 22.46
C ASP E 239 -9.52 -35.04 22.23
N ILE E 240 -9.48 -36.00 21.31
CA ILE E 240 -10.68 -36.77 20.97
C ILE E 240 -11.06 -37.73 22.08
N TYR E 241 -10.07 -38.44 22.63
CA TYR E 241 -10.38 -39.35 23.70
C TYR E 241 -11.02 -38.53 24.84
N ALA E 242 -10.43 -37.41 25.21
CA ALA E 242 -11.01 -36.60 26.28
C ALA E 242 -12.37 -36.04 25.90
N MET E 243 -12.55 -35.69 24.63
CA MET E 243 -13.85 -35.16 24.25
C MET E 243 -14.91 -36.22 24.45
N GLY E 244 -14.53 -37.48 24.25
CA GLY E 244 -15.47 -38.57 24.43
C GLY E 244 -15.89 -38.63 25.88
N LEU E 245 -14.93 -38.53 26.80
CA LEU E 245 -15.24 -38.55 28.21
C LEU E 245 -16.24 -37.46 28.55
N VAL E 246 -16.23 -36.39 27.77
CA VAL E 246 -17.15 -35.29 28.03
C VAL E 246 -18.52 -35.65 27.53
N PHE E 247 -18.59 -36.44 26.47
CA PHE E 247 -19.90 -36.85 25.99
C PHE E 247 -20.49 -37.76 27.06
N TRP E 248 -19.66 -38.64 27.61
CA TRP E 248 -20.09 -39.55 28.68
C TRP E 248 -20.79 -38.73 29.76
N GLU E 249 -20.17 -37.61 30.17
CA GLU E 249 -20.73 -36.74 31.19
C GLU E 249 -22.07 -36.11 30.79
N ILE E 250 -22.17 -35.66 29.55
CA ILE E 250 -23.39 -35.04 29.08
C ILE E 250 -24.53 -36.04 29.00
N ALA E 251 -24.22 -37.26 28.56
CA ALA E 251 -25.24 -38.29 28.42
C ALA E 251 -25.86 -38.70 29.74
N ARG E 252 -25.05 -38.95 30.77
CA ARG E 252 -25.58 -39.33 32.06
C ARG E 252 -26.72 -38.42 32.45
N ARG E 253 -26.55 -37.14 32.19
CA ARG E 253 -27.56 -36.17 32.56
C ARG E 253 -28.68 -36.01 31.56
N CYS E 254 -28.74 -36.90 30.57
CA CYS E 254 -29.80 -36.85 29.57
C CYS E 254 -31.00 -37.57 30.16
N SER E 255 -32.01 -36.81 30.55
CA SER E 255 -33.18 -37.42 31.17
C SER E 255 -34.29 -37.75 30.22
N ILE E 256 -34.53 -39.04 30.02
CA ILE E 256 -35.60 -39.46 29.14
C ILE E 256 -36.67 -40.06 30.05
N GLY E 257 -37.81 -39.36 30.16
CA GLY E 257 -38.89 -39.86 30.99
C GLY E 257 -38.66 -39.74 32.48
N GLY E 258 -37.90 -38.74 32.91
CA GLY E 258 -37.65 -38.57 34.33
C GLY E 258 -36.53 -39.41 34.90
N ILE E 259 -36.09 -40.41 34.13
CA ILE E 259 -35.02 -41.27 34.58
C ILE E 259 -33.69 -40.78 34.00
N HIS E 260 -32.65 -40.80 34.83
CA HIS E 260 -31.32 -40.35 34.43
C HIS E 260 -30.32 -40.67 35.54
N GLU E 261 -29.03 -40.65 35.21
CA GLU E 261 -28.01 -40.91 36.21
C GLU E 261 -27.67 -39.57 36.87
N ASP E 262 -26.93 -39.64 37.97
CA ASP E 262 -26.53 -38.44 38.72
C ASP E 262 -25.22 -37.93 38.12
N TYR E 263 -24.95 -36.65 38.24
CA TYR E 263 -23.72 -36.14 37.67
C TYR E 263 -22.50 -36.75 38.34
N GLN E 264 -21.55 -37.18 37.51
CA GLN E 264 -20.33 -37.79 37.99
C GLN E 264 -19.19 -37.46 37.02
N LEU E 265 -17.98 -37.33 37.55
CA LEU E 265 -16.83 -37.08 36.71
C LEU E 265 -16.48 -38.43 36.14
N PRO E 266 -15.67 -38.48 35.09
CA PRO E 266 -15.33 -39.79 34.54
C PRO E 266 -14.53 -40.55 35.58
N TYR E 267 -14.56 -41.88 35.49
CA TYR E 267 -13.81 -42.74 36.40
C TYR E 267 -14.11 -42.47 37.87
N TYR E 268 -15.24 -41.81 38.16
CA TYR E 268 -15.63 -41.46 39.52
C TYR E 268 -15.56 -42.64 40.47
N ASP E 269 -16.00 -43.79 40.00
CA ASP E 269 -16.01 -44.99 40.82
C ASP E 269 -14.78 -45.86 40.61
N LEU E 270 -14.00 -45.56 39.58
CA LEU E 270 -12.82 -46.35 39.27
C LEU E 270 -11.49 -45.87 39.81
N VAL E 271 -11.46 -44.70 40.45
CA VAL E 271 -10.18 -44.19 40.96
C VAL E 271 -10.37 -43.14 42.05
N PRO E 272 -9.41 -43.04 42.98
CA PRO E 272 -9.51 -42.05 44.06
C PRO E 272 -9.89 -40.68 43.56
N SER E 273 -9.90 -39.70 44.45
CA SER E 273 -10.23 -38.34 44.05
C SER E 273 -8.91 -37.64 43.79
N ASP E 274 -8.82 -36.94 42.66
CA ASP E 274 -7.59 -36.25 42.30
C ASP E 274 -6.51 -37.30 42.08
N PRO E 275 -6.70 -38.16 41.08
CA PRO E 275 -5.81 -39.25 40.71
C PRO E 275 -4.38 -38.83 40.52
N SER E 276 -3.50 -39.82 40.51
CA SER E 276 -2.09 -39.62 40.30
C SER E 276 -1.91 -40.27 38.94
N VAL E 277 -0.94 -39.81 38.18
CA VAL E 277 -0.72 -40.42 36.89
C VAL E 277 -0.54 -41.93 37.07
N GLU E 278 -0.15 -42.34 38.27
CA GLU E 278 0.03 -43.77 38.55
C GLU E 278 -1.33 -44.45 38.62
N GLU E 279 -2.19 -43.96 39.51
CA GLU E 279 -3.52 -44.52 39.67
C GLU E 279 -4.23 -44.58 38.32
N MET E 280 -4.19 -43.48 37.58
CA MET E 280 -4.83 -43.41 36.28
C MET E 280 -4.24 -44.37 35.26
N ARG E 281 -2.91 -44.42 35.18
CA ARG E 281 -2.24 -45.28 34.21
C ARG E 281 -2.69 -46.71 34.40
N LYS E 282 -2.85 -47.12 35.65
CA LYS E 282 -3.28 -48.48 35.93
C LYS E 282 -4.63 -48.76 35.29
N VAL E 283 -5.67 -48.14 35.84
CA VAL E 283 -7.04 -48.31 35.36
C VAL E 283 -7.27 -48.12 33.86
N VAL E 284 -6.59 -47.13 33.27
CA VAL E 284 -6.77 -46.85 31.86
C VAL E 284 -5.82 -47.55 30.90
N CYS E 285 -4.57 -47.74 31.31
CA CYS E 285 -3.59 -48.38 30.45
C CYS E 285 -3.42 -49.86 30.77
N GLU E 286 -3.37 -50.17 32.07
CA GLU E 286 -3.19 -51.52 32.55
C GLU E 286 -4.50 -52.31 32.47
N GLN E 287 -5.38 -52.11 33.46
CA GLN E 287 -6.66 -52.79 33.51
C GLN E 287 -7.52 -52.55 32.26
N LYS E 288 -7.18 -51.50 31.51
CA LYS E 288 -7.88 -51.14 30.27
C LYS E 288 -9.36 -50.78 30.44
N LEU E 289 -9.69 -50.18 31.58
CA LEU E 289 -11.06 -49.81 31.89
C LEU E 289 -11.51 -48.47 31.30
N ARG E 290 -12.81 -48.37 31.01
CA ARG E 290 -13.42 -47.16 30.46
C ARG E 290 -14.71 -46.87 31.20
N PRO E 291 -15.21 -45.62 31.13
CA PRO E 291 -16.45 -45.31 31.83
C PRO E 291 -17.54 -46.30 31.42
N ASN E 292 -18.34 -46.71 32.39
CA ASN E 292 -19.40 -47.68 32.13
C ASN E 292 -20.50 -47.02 31.34
N ILE E 293 -20.90 -47.66 30.23
CA ILE E 293 -21.95 -47.15 29.38
C ILE E 293 -23.29 -47.75 29.75
N PRO E 294 -24.14 -47.00 30.45
CA PRO E 294 -25.47 -47.40 30.90
C PRO E 294 -26.27 -48.25 29.91
N ASN E 295 -27.16 -49.05 30.46
CA ASN E 295 -27.98 -49.91 29.64
C ASN E 295 -29.11 -49.14 29.04
N ARG E 296 -29.71 -48.26 29.82
CA ARG E 296 -30.82 -47.48 29.31
C ARG E 296 -30.41 -46.75 28.04
N TRP E 297 -29.10 -46.56 27.83
CA TRP E 297 -28.62 -45.90 26.63
C TRP E 297 -28.64 -46.86 25.46
N GLN E 298 -29.71 -47.64 25.33
CA GLN E 298 -29.78 -48.55 24.20
C GLN E 298 -31.14 -48.35 23.60
N SER E 299 -31.99 -47.76 24.44
CA SER E 299 -33.36 -47.46 24.10
C SER E 299 -33.51 -46.58 22.86
N CYS E 300 -33.26 -45.27 23.00
CA CYS E 300 -33.39 -44.37 21.85
C CYS E 300 -32.13 -44.24 20.98
N GLU E 301 -32.33 -43.88 19.71
CA GLU E 301 -31.23 -43.75 18.77
C GLU E 301 -30.21 -42.74 19.26
N ALA E 302 -30.68 -41.64 19.83
CA ALA E 302 -29.78 -40.62 20.34
C ALA E 302 -28.70 -41.27 21.23
N LEU E 303 -29.08 -41.70 22.43
CA LEU E 303 -28.12 -42.32 23.33
C LEU E 303 -27.36 -43.48 22.70
N ARG E 304 -27.97 -44.15 21.73
CA ARG E 304 -27.32 -45.27 21.08
C ARG E 304 -26.19 -44.75 20.19
N VAL E 305 -26.46 -43.64 19.50
CA VAL E 305 -25.49 -43.00 18.62
C VAL E 305 -24.36 -42.44 19.48
N MET E 306 -24.76 -41.73 20.53
CA MET E 306 -23.84 -41.11 21.46
C MET E 306 -22.88 -42.13 22.05
N ALA E 307 -23.40 -43.32 22.36
CA ALA E 307 -22.59 -44.36 22.94
C ALA E 307 -21.56 -44.87 21.95
N LYS E 308 -21.98 -45.01 20.70
CA LYS E 308 -21.10 -45.48 19.62
C LYS E 308 -19.85 -44.61 19.53
N ILE E 309 -20.08 -43.30 19.48
CA ILE E 309 -18.98 -42.34 19.39
C ILE E 309 -18.04 -42.50 20.56
N MET E 310 -18.58 -42.51 21.77
CA MET E 310 -17.75 -42.65 22.96
C MET E 310 -16.81 -43.84 22.84
N ARG E 311 -17.32 -44.96 22.35
CA ARG E 311 -16.51 -46.17 22.19
C ARG E 311 -15.41 -45.94 21.20
N GLU E 312 -15.73 -45.17 20.15
CA GLU E 312 -14.79 -44.86 19.08
C GLU E 312 -13.82 -43.69 19.40
N CYS E 313 -13.82 -43.22 20.63
CA CYS E 313 -12.92 -42.14 21.07
C CYS E 313 -12.07 -42.73 22.17
N TRP E 314 -12.50 -43.87 22.69
CA TRP E 314 -11.79 -44.50 23.78
C TRP E 314 -10.85 -45.62 23.37
N TYR E 315 -10.67 -45.80 22.07
CA TYR E 315 -9.78 -46.82 21.55
C TYR E 315 -8.40 -46.62 22.14
N ALA E 316 -7.82 -47.68 22.69
CA ALA E 316 -6.49 -47.56 23.27
C ALA E 316 -5.56 -46.97 22.21
N ASN E 317 -5.67 -47.49 20.99
CA ASN E 317 -4.85 -47.01 19.89
C ASN E 317 -5.40 -45.68 19.34
N GLY E 318 -4.52 -44.69 19.24
CA GLY E 318 -4.92 -43.39 18.75
C GLY E 318 -5.43 -43.30 17.33
N ALA E 319 -4.67 -43.80 16.37
CA ALA E 319 -5.08 -43.73 14.96
C ALA E 319 -6.46 -44.31 14.74
N ALA E 320 -6.86 -45.16 15.67
CA ALA E 320 -8.15 -45.81 15.62
C ALA E 320 -9.31 -44.83 15.73
N ARG E 321 -9.22 -43.95 16.72
CA ARG E 321 -10.24 -42.96 17.04
C ARG E 321 -10.70 -42.08 15.89
N LEU E 322 -11.97 -41.69 15.97
CA LEU E 322 -12.60 -40.81 14.98
C LEU E 322 -11.98 -39.42 15.06
N THR E 323 -12.34 -38.58 14.11
CA THR E 323 -11.84 -37.23 14.08
C THR E 323 -12.94 -36.32 14.60
N ALA E 324 -12.57 -35.13 15.02
CA ALA E 324 -13.57 -34.20 15.53
C ALA E 324 -14.53 -33.88 14.40
N LEU E 325 -14.04 -33.98 13.17
CA LEU E 325 -14.84 -33.66 12.00
C LEU E 325 -15.93 -34.71 11.74
N ARG E 326 -15.57 -35.99 11.81
CA ARG E 326 -16.53 -37.06 11.59
C ARG E 326 -17.59 -37.02 12.71
N ILE E 327 -17.15 -36.69 13.92
CA ILE E 327 -18.07 -36.63 15.03
C ILE E 327 -19.09 -35.52 14.84
N LYS E 328 -18.62 -34.36 14.39
CA LYS E 328 -19.48 -33.21 14.16
C LYS E 328 -20.49 -33.55 13.08
N LYS E 329 -20.08 -34.41 12.16
CA LYS E 329 -20.96 -34.80 11.08
C LYS E 329 -22.07 -35.73 11.52
N THR E 330 -21.70 -36.85 12.16
CA THR E 330 -22.70 -37.83 12.59
C THR E 330 -23.64 -37.24 13.65
N LEU E 331 -23.14 -36.31 14.45
CA LEU E 331 -23.96 -35.68 15.45
C LEU E 331 -24.91 -34.76 14.69
N SER E 332 -24.62 -34.54 13.42
CA SER E 332 -25.46 -33.69 12.59
C SER E 332 -26.61 -34.44 11.94
N GLN E 333 -26.32 -35.61 11.36
CA GLN E 333 -27.39 -36.40 10.73
C GLN E 333 -28.41 -36.55 11.83
N LEU E 334 -27.91 -36.98 13.00
CA LEU E 334 -28.71 -37.19 14.20
C LEU E 334 -29.50 -35.93 14.55
N SER E 335 -28.80 -34.81 14.58
CA SER E 335 -29.41 -33.53 14.89
C SER E 335 -30.63 -33.26 14.00
N GLN E 336 -30.53 -33.60 12.73
CA GLN E 336 -31.62 -33.40 11.76
C GLN E 336 -32.62 -34.54 11.74
N GLN E 337 -32.11 -35.76 11.92
CA GLN E 337 -32.95 -36.95 11.95
C GLN E 337 -34.03 -36.80 13.02
N GLU E 338 -34.04 -35.66 13.72
CA GLU E 338 -35.01 -35.38 14.78
C GLU E 338 -35.60 -33.94 14.81
N GLY E 339 -34.74 -32.92 14.94
CA GLY E 339 -35.23 -31.55 14.98
C GLY E 339 -34.24 -30.58 15.62
C1 55F F . 0.38 39.87 -18.50
C2 55F F . 1.20 38.75 -18.72
N3 55F F . 0.82 37.49 -18.34
C4 55F F . -0.39 37.36 -17.74
C5 55F F . -1.25 38.51 -17.51
N6 55F F . -0.85 39.75 -17.89
C7 55F F . -0.83 36.08 -17.34
C8 55F F . -2.10 35.92 -16.72
C9 55F F . -2.95 37.05 -16.49
C10 55F F . -2.50 38.34 -16.90
C11 55F F . -4.26 36.91 -15.86
C12 55F F . -4.79 36.16 -14.81
N13 55F F . -6.12 36.44 -14.67
C14 55F F . -6.44 37.32 -15.57
N15 55F F . -5.33 37.63 -16.32
C16 55F F . -4.15 35.19 -13.91
C17 55F F . -2.83 35.40 -13.42
C18 55F F . -2.26 34.47 -12.57
C19 55F F . -2.98 33.33 -12.20
C20 55F F . -4.28 33.16 -12.69
N21 55F F . -4.87 34.08 -13.55
N22 55F F . -7.66 37.91 -15.82
C23 55F F . -5.08 31.95 -12.31
F24 55F F . -2.42 32.44 -11.38
C25 55F F . -7.80 39.22 -16.28
O26 55F F . -6.91 40.02 -16.56
C27 55F F . -9.25 39.59 -16.45
P PO4 G . 5.23 32.94 -23.72
O1 PO4 G . 4.98 32.25 -22.43
O2 PO4 G . 6.60 32.62 -24.21
O3 PO4 G . 4.22 32.50 -24.71
O4 PO4 G . 5.10 34.42 -23.53
P PO4 H . -17.53 46.97 -21.43
O1 PO4 H . -18.27 48.24 -21.66
O2 PO4 H . -16.08 47.25 -21.34
O3 PO4 H . -18.00 46.35 -20.16
O4 PO4 H . -17.78 46.04 -22.56
P PO4 I . -15.55 44.02 -21.63
O1 PO4 I . -15.31 45.10 -22.63
O2 PO4 I . -15.05 44.46 -20.29
O3 PO4 I . -17.00 43.74 -21.55
O4 PO4 I . -14.83 42.79 -22.06
C1 55F J . 39.72 10.53 -10.43
C2 55F J . 39.16 9.36 -9.96
N3 55F J . 37.80 9.16 -9.95
C4 55F J . 37.01 10.17 -10.40
C5 55F J . 37.59 11.40 -10.89
N6 55F J . 38.95 11.57 -10.90
C7 55F J . 35.62 10.02 -10.40
C8 55F J . 34.78 11.07 -10.88
C9 55F J . 35.35 12.29 -11.35
C10 55F J . 36.76 12.42 -11.35
C11 55F J . 34.53 13.40 -11.83
C12 55F J . 33.30 13.98 -11.48
N13 55F J . 33.05 15.06 -12.32
C14 55F J . 34.04 15.15 -13.15
N15 55F J . 34.96 14.17 -12.88
C16 55F J . 32.35 13.63 -10.41
C17 55F J . 32.78 13.20 -9.15
C18 55F J . 31.82 12.89 -8.17
C19 55F J . 30.46 13.02 -8.45
C20 55F J . 30.08 13.46 -9.72
N21 55F J . 30.99 13.77 -10.70
N22 55F J . 34.23 16.08 -14.15
C23 55F J . 28.62 13.63 -10.05
F24 55F J . 29.56 12.73 -7.53
C25 55F J . 35.43 16.28 -14.82
O26 55F J . 36.52 15.70 -14.67
C27 55F J . 35.31 17.36 -15.86
P PO4 K . 37.71 0.87 -10.07
O1 PO4 K . 36.29 1.31 -9.93
O2 PO4 K . 38.48 1.92 -10.79
O3 PO4 K . 38.29 0.66 -8.73
O4 PO4 K . 37.74 -0.42 -10.83
P PO4 L . 40.72 22.61 -25.38
O1 PO4 L . 39.78 23.75 -25.27
O2 PO4 L . 41.03 22.09 -24.03
O3 PO4 L . 40.09 21.54 -26.18
O4 PO4 L . 41.98 23.06 -26.04
P PO4 M . 39.25 19.48 -23.99
O1 PO4 M . 38.95 20.31 -22.80
O2 PO4 M . 38.99 18.05 -23.68
O3 PO4 M . 38.38 19.90 -25.11
O4 PO4 M . 40.67 19.66 -24.37
C1 55F N . 28.26 -23.40 22.32
C2 55F N . 26.92 -23.72 22.08
N3 55F N . 26.23 -23.21 20.99
C4 55F N . 26.91 -22.38 20.15
C5 55F N . 28.31 -22.05 20.39
N6 55F N . 28.97 -22.58 21.48
C7 55F N . 26.27 -21.83 19.02
C8 55F N . 26.96 -20.97 18.12
C9 55F N . 28.34 -20.66 18.36
C10 55F N . 28.99 -21.21 19.50
C11 55F N . 29.08 -19.78 17.46
C12 55F N . 28.85 -18.53 16.88
N13 55F N . 29.93 -18.19 16.08
C14 55F N . 30.78 -19.17 16.14
N15 55F N . 30.30 -20.15 16.96
C16 55F N . 27.71 -17.62 17.03
C17 55F N . 27.21 -17.28 18.31
C18 55F N . 26.11 -16.40 18.40
C19 55F N . 25.55 -15.88 17.23
C20 55F N . 26.09 -16.24 15.98
N21 55F N . 27.15 -17.11 15.87
N22 55F N . 32.01 -19.30 15.51
C23 55F N . 25.51 -15.71 14.71
F24 55F N . 24.51 -15.05 17.32
C25 55F N . 33.22 -19.28 16.18
O26 55F N . 33.42 -19.14 17.38
C27 55F N . 34.37 -19.44 15.23
P PO4 O . 19.39 -28.41 20.32
O1 PO4 O . 18.79 -28.90 21.59
O2 PO4 O . 18.99 -29.31 19.20
O3 PO4 O . 18.91 -27.04 20.05
O4 PO4 O . 20.88 -28.41 20.44
C1 55F P . -36.07 20.81 8.99
C2 55F P . -35.22 20.93 7.91
N3 55F P . -34.22 20.01 7.67
C4 55F P . -34.10 18.97 8.53
C5 55F P . -34.99 18.83 9.68
N6 55F P . -35.97 19.76 9.88
C7 55F P . -33.10 18.00 8.34
C8 55F P . -32.96 16.91 9.23
C9 55F P . -33.83 16.77 10.36
C10 55F P . -34.84 17.74 10.56
C11 55F P . -33.66 15.63 11.28
C12 55F P . -32.56 14.93 11.83
N13 55F P . -33.00 13.92 12.64
C14 55F P . -34.28 13.95 12.63
N15 55F P . -34.74 14.97 11.83
C16 55F P . -31.11 15.14 11.63
C17 55F P . -30.54 16.43 11.68
C18 55F P . -29.17 16.58 11.48
C19 55F P . -28.36 15.45 11.26
C20 55F P . -28.97 14.18 11.23
N21 55F P . -30.33 14.02 11.41
N22 55F P . -35.14 13.12 13.30
C23 55F P . -28.16 12.94 10.98
F24 55F P . -27.04 15.61 11.07
C25 55F P . -36.28 13.56 13.90
O26 55F P . -36.72 14.71 13.96
C27 55F P . -37.03 12.43 14.55
P PO4 Q . -33.51 20.67 -0.77
O1 PO4 Q . -32.31 20.02 -0.21
O2 PO4 Q . -34.70 20.29 0.06
O3 PO4 Q . -33.34 22.14 -0.74
O4 PO4 Q . -33.72 20.22 -2.17
P PO4 R . -48.04 9.51 18.62
O1 PO4 R . -47.62 8.27 17.91
O2 PO4 R . -46.85 10.27 19.06
O3 PO4 R . -48.84 10.36 17.70
O4 PO4 R . -48.88 9.14 19.78
P PO4 S . -45.99 9.96 15.79
O1 PO4 S . -46.80 8.72 15.64
O2 PO4 S . -44.90 9.74 16.79
O3 PO4 S . -45.41 10.33 14.48
O4 PO4 S . -46.87 11.06 16.27
C1 55F T . -18.98 -17.60 34.72
C2 55F T . -19.53 -16.92 33.64
N3 55F T . -18.85 -16.75 32.46
C4 55F T . -17.59 -17.25 32.38
C5 55F T . -17.01 -17.95 33.51
N6 55F T . -17.72 -18.12 34.66
C7 55F T . -16.85 -17.09 31.21
C8 55F T . -15.53 -17.62 31.11
C9 55F T . -14.95 -18.30 32.22
C10 55F T . -15.71 -18.46 33.40
C11 55F T . -13.60 -18.83 32.16
C12 55F T . -12.37 -18.37 31.65
N13 55F T . -11.38 -19.30 31.87
C14 55F T . -11.94 -20.30 32.49
N15 55F T . -13.28 -20.06 32.68
C16 55F T . -12.04 -17.10 30.96
C17 55F T . -12.59 -15.88 31.39
C18 55F T . -12.25 -14.71 30.73
C19 55F T . -11.35 -14.75 29.67
C20 55F T . -10.83 -15.98 29.26
N21 55F T . -11.16 -17.15 29.90
N22 55F T . -11.33 -21.47 32.92
C23 55F T . -9.87 -16.06 28.12
F24 55F T . -11.03 -13.63 29.05
C25 55F T . -11.85 -22.27 33.94
O26 55F T . -12.88 -22.12 34.61
C27 55F T . -10.96 -23.47 34.19
P PO4 U . -25.11 -15.93 26.32
O1 PO4 U . -25.94 -14.87 26.95
O2 PO4 U . -25.88 -16.59 25.24
O3 PO4 U . -23.88 -15.33 25.77
O4 PO4 U . -24.75 -16.94 27.36
P PO4 V . -10.32 -34.29 40.39
O1 PO4 V . -11.32 -35.31 40.77
O2 PO4 V . -11.01 -33.05 39.97
O3 PO4 V . -9.45 -33.98 41.55
O4 PO4 V . -9.49 -34.81 39.26
P PO4 W . -11.67 -32.09 37.21
O1 PO4 W . -12.61 -32.07 38.34
O2 PO4 W . -12.42 -31.92 35.94
O3 PO4 W . -10.68 -30.98 37.35
O4 PO4 W . -10.94 -33.39 37.19
#